data_6MHN
# 
_entry.id   6MHN 
# 
_audit_conform.dict_name       mmcif_pdbx.dic 
_audit_conform.dict_version    5.399 
_audit_conform.dict_location   http://mmcif.pdb.org/dictionaries/ascii/mmcif_pdbx.dic 
# 
loop_
_database_2.database_id 
_database_2.database_code 
_database_2.pdbx_database_accession 
_database_2.pdbx_DOI 
PDB   6MHN         pdb_00006mhn 10.2210/pdb6mhn/pdb 
WWPDB D_1000236975 ?            ?                   
# 
loop_
_pdbx_audit_revision_history.ordinal 
_pdbx_audit_revision_history.data_content_type 
_pdbx_audit_revision_history.major_revision 
_pdbx_audit_revision_history.minor_revision 
_pdbx_audit_revision_history.revision_date 
1 'Structure model' 1 0 2019-05-29 
2 'Structure model' 1 1 2019-06-05 
3 'Structure model' 1 2 2019-06-26 
4 'Structure model' 1 3 2019-11-27 
5 'Structure model' 1 4 2023-10-11 
6 'Structure model' 1 5 2024-11-20 
# 
_pdbx_audit_revision_details.ordinal             1 
_pdbx_audit_revision_details.revision_ordinal    1 
_pdbx_audit_revision_details.data_content_type   'Structure model' 
_pdbx_audit_revision_details.provider            repository 
_pdbx_audit_revision_details.type                'Initial release' 
_pdbx_audit_revision_details.description         ? 
_pdbx_audit_revision_details.details             ? 
# 
loop_
_pdbx_audit_revision_group.ordinal 
_pdbx_audit_revision_group.revision_ordinal 
_pdbx_audit_revision_group.data_content_type 
_pdbx_audit_revision_group.group 
1 2 'Structure model' 'Data collection'            
2 2 'Structure model' 'Database references'        
3 3 'Structure model' 'Data collection'            
4 3 'Structure model' 'Database references'        
5 4 'Structure model' 'Author supporting evidence' 
6 5 'Structure model' 'Data collection'            
7 5 'Structure model' 'Database references'        
8 5 'Structure model' 'Refinement description'     
9 6 'Structure model' 'Structure summary'          
# 
loop_
_pdbx_audit_revision_category.ordinal 
_pdbx_audit_revision_category.revision_ordinal 
_pdbx_audit_revision_category.data_content_type 
_pdbx_audit_revision_category.category 
1  2 'Structure model' citation                      
2  2 'Structure model' citation_author               
3  3 'Structure model' citation                      
4  4 'Structure model' pdbx_audit_support            
5  5 'Structure model' chem_comp_atom                
6  5 'Structure model' chem_comp_bond                
7  5 'Structure model' database_2                    
8  5 'Structure model' pdbx_initial_refinement_model 
9  6 'Structure model' pdbx_entry_details            
10 6 'Structure model' pdbx_modification_feature     
# 
loop_
_pdbx_audit_revision_item.ordinal 
_pdbx_audit_revision_item.revision_ordinal 
_pdbx_audit_revision_item.data_content_type 
_pdbx_audit_revision_item.item 
1  2 'Structure model' '_citation.country'                        
2  2 'Structure model' '_citation.journal_abbrev'                 
3  2 'Structure model' '_citation.journal_id_ASTM'                
4  2 'Structure model' '_citation.journal_id_CSD'                 
5  2 'Structure model' '_citation.journal_id_ISSN'                
6  2 'Structure model' '_citation.pdbx_database_id_DOI'           
7  2 'Structure model' '_citation.pdbx_database_id_PubMed'        
8  2 'Structure model' '_citation.title'                          
9  2 'Structure model' '_citation.year'                           
10 2 'Structure model' '_citation_author.identifier_ORCID'        
11 2 'Structure model' '_citation_author.name'                    
12 3 'Structure model' '_citation.journal_volume'                 
13 3 'Structure model' '_citation.page_first'                     
14 3 'Structure model' '_citation.page_last'                      
15 4 'Structure model' '_pdbx_audit_support.funding_organization' 
16 5 'Structure model' '_database_2.pdbx_DOI'                     
17 5 'Structure model' '_database_2.pdbx_database_accession'      
# 
_pdbx_database_status.status_code                     REL 
_pdbx_database_status.status_code_sf                  REL 
_pdbx_database_status.status_code_mr                  ? 
_pdbx_database_status.entry_id                        6MHN 
_pdbx_database_status.recvd_initial_deposition_date   2018-09-18 
_pdbx_database_status.SG_entry                        N 
_pdbx_database_status.deposit_site                    RCSB 
_pdbx_database_status.process_site                    RCSB 
_pdbx_database_status.status_code_cs                  ? 
_pdbx_database_status.methods_development_category    ? 
_pdbx_database_status.pdb_format_compatible           Y 
_pdbx_database_status.status_code_nmr_data            ? 
# 
loop_
_audit_author.name 
_audit_author.pdbx_ordinal 
_audit_author.identifier_ORCID 
'Thomson, B.D.' 1 0000-0003-1603-9607 
'Both, J.'      2 0000-0002-1387-5864 
'Wu, Y.'        3 0000-0002-4050-9413 
'Parrish, R.M.' 4 0000-0002-2406-4741 
'Martinez, T.'  5 0000-0002-4798-8947 
'Boxer, S.G.'   6 0000-0001-9167-4286 
# 
_citation.abstract                  ? 
_citation.abstract_id_CAS           ? 
_citation.book_id_ISBN              ? 
_citation.book_publisher            ? 
_citation.book_publisher_city       ? 
_citation.book_title                ? 
_citation.coordinate_linkage        ? 
_citation.country                   US 
_citation.database_id_Medline       ? 
_citation.details                   ? 
_citation.id                        primary 
_citation.journal_abbrev            J.Phys.Chem.B 
_citation.journal_id_ASTM           JPCBFK 
_citation.journal_id_CSD            1278 
_citation.journal_id_ISSN           1089-5647 
_citation.journal_full              ? 
_citation.journal_issue             ? 
_citation.journal_volume            123 
_citation.language                  ? 
_citation.page_first                4844 
_citation.page_last                 4849 
_citation.title                     
'Perturbation of Short Hydrogen Bonds in Photoactive Yellow Protein via Noncanonical Amino Acid Incorporation.' 
_citation.year                      2019 
_citation.database_id_CSD           ? 
_citation.pdbx_database_id_DOI      10.1021/acs.jpcb.9b01571 
_citation.pdbx_database_id_PubMed   31117606 
_citation.unpublished_flag          ? 
# 
loop_
_citation_author.citation_id 
_citation_author.name 
_citation_author.ordinal 
_citation_author.identifier_ORCID 
primary 'Thomson, B.'    1 ? 
primary 'Both, J.'       2 ? 
primary 'Wu, Y.'         3 ? 
primary 'Parrish, R.M.'  4 ? 
primary 'Martinez, T.J.' 5 ? 
primary 'Boxer, S.G.'    6 ? 
# 
loop_
_entity.id 
_entity.type 
_entity.src_method 
_entity.pdbx_description 
_entity.formula_weight 
_entity.pdbx_number_of_molecules 
_entity.pdbx_ec 
_entity.pdbx_mutation 
_entity.pdbx_fragment 
_entity.details 
1 polymer     man 'Photoactive yellow protein'                         13888.575 1  ? ? ? ? 
2 non-polymer syn '(2E)-3-(3-chloro-4-hydroxyphenyl)prop-2-enoic acid' 198.603   1  ? ? ? ? 
3 water       nat water                                                18.015    91 ? ? ? ? 
# 
_entity_name_com.entity_id   1 
_entity_name_com.name        PYP 
# 
_entity_poly.entity_id                      1 
_entity_poly.type                           'polypeptide(L)' 
_entity_poly.nstd_linkage                   no 
_entity_poly.nstd_monomer                   no 
_entity_poly.pdbx_seq_one_letter_code       
;MEHVAFGSEDIENTLAKMDDGQLDGLAFGAIQLDGDGNILQYNAAEGDITGRDPKQVIGKNFFKDVAPCTDSPEFYGKFK
EGVASGNLNTMFEYTFDYQMTPTKVKVHMKKALSGDSYWVFVKRV
;
_entity_poly.pdbx_seq_one_letter_code_can   
;MEHVAFGSEDIENTLAKMDDGQLDGLAFGAIQLDGDGNILQYNAAEGDITGRDPKQVIGKNFFKDVAPCTDSPEFYGKFK
EGVASGNLNTMFEYTFDYQMTPTKVKVHMKKALSGDSYWVFVKRV
;
_entity_poly.pdbx_strand_id                 A 
_entity_poly.pdbx_target_identifier         ? 
# 
loop_
_pdbx_entity_nonpoly.entity_id 
_pdbx_entity_nonpoly.name 
_pdbx_entity_nonpoly.comp_id 
2 '(2E)-3-(3-chloro-4-hydroxyphenyl)prop-2-enoic acid' YAZ 
3 water                                                HOH 
# 
loop_
_entity_poly_seq.entity_id 
_entity_poly_seq.num 
_entity_poly_seq.mon_id 
_entity_poly_seq.hetero 
1 1   MET n 
1 2   GLU n 
1 3   HIS n 
1 4   VAL n 
1 5   ALA n 
1 6   PHE n 
1 7   GLY n 
1 8   SER n 
1 9   GLU n 
1 10  ASP n 
1 11  ILE n 
1 12  GLU n 
1 13  ASN n 
1 14  THR n 
1 15  LEU n 
1 16  ALA n 
1 17  LYS n 
1 18  MET n 
1 19  ASP n 
1 20  ASP n 
1 21  GLY n 
1 22  GLN n 
1 23  LEU n 
1 24  ASP n 
1 25  GLY n 
1 26  LEU n 
1 27  ALA n 
1 28  PHE n 
1 29  GLY n 
1 30  ALA n 
1 31  ILE n 
1 32  GLN n 
1 33  LEU n 
1 34  ASP n 
1 35  GLY n 
1 36  ASP n 
1 37  GLY n 
1 38  ASN n 
1 39  ILE n 
1 40  LEU n 
1 41  GLN n 
1 42  TYR n 
1 43  ASN n 
1 44  ALA n 
1 45  ALA n 
1 46  GLU n 
1 47  GLY n 
1 48  ASP n 
1 49  ILE n 
1 50  THR n 
1 51  GLY n 
1 52  ARG n 
1 53  ASP n 
1 54  PRO n 
1 55  LYS n 
1 56  GLN n 
1 57  VAL n 
1 58  ILE n 
1 59  GLY n 
1 60  LYS n 
1 61  ASN n 
1 62  PHE n 
1 63  PHE n 
1 64  LYS n 
1 65  ASP n 
1 66  VAL n 
1 67  ALA n 
1 68  PRO n 
1 69  CYS n 
1 70  THR n 
1 71  ASP n 
1 72  SER n 
1 73  PRO n 
1 74  GLU n 
1 75  PHE n 
1 76  TYR n 
1 77  GLY n 
1 78  LYS n 
1 79  PHE n 
1 80  LYS n 
1 81  GLU n 
1 82  GLY n 
1 83  VAL n 
1 84  ALA n 
1 85  SER n 
1 86  GLY n 
1 87  ASN n 
1 88  LEU n 
1 89  ASN n 
1 90  THR n 
1 91  MET n 
1 92  PHE n 
1 93  GLU n 
1 94  TYR n 
1 95  THR n 
1 96  PHE n 
1 97  ASP n 
1 98  TYR n 
1 99  GLN n 
1 100 MET n 
1 101 THR n 
1 102 PRO n 
1 103 THR n 
1 104 LYS n 
1 105 VAL n 
1 106 LYS n 
1 107 VAL n 
1 108 HIS n 
1 109 MET n 
1 110 LYS n 
1 111 LYS n 
1 112 ALA n 
1 113 LEU n 
1 114 SER n 
1 115 GLY n 
1 116 ASP n 
1 117 SER n 
1 118 TYR n 
1 119 TRP n 
1 120 VAL n 
1 121 PHE n 
1 122 VAL n 
1 123 LYS n 
1 124 ARG n 
1 125 VAL n 
# 
_entity_src_gen.entity_id                          1 
_entity_src_gen.pdbx_src_id                        1 
_entity_src_gen.pdbx_alt_source_flag               sample 
_entity_src_gen.pdbx_seq_type                      'Biological sequence' 
_entity_src_gen.pdbx_beg_seq_num                   1 
_entity_src_gen.pdbx_end_seq_num                   125 
_entity_src_gen.gene_src_common_name               ? 
_entity_src_gen.gene_src_genus                     ? 
_entity_src_gen.pdbx_gene_src_gene                 pyp 
_entity_src_gen.gene_src_species                   ? 
_entity_src_gen.gene_src_strain                    ? 
_entity_src_gen.gene_src_tissue                    ? 
_entity_src_gen.gene_src_tissue_fraction           ? 
_entity_src_gen.gene_src_details                   ? 
_entity_src_gen.pdbx_gene_src_fragment             ? 
_entity_src_gen.pdbx_gene_src_scientific_name      'Halorhodospira halophila' 
_entity_src_gen.pdbx_gene_src_ncbi_taxonomy_id     1053 
_entity_src_gen.pdbx_gene_src_variant              ? 
_entity_src_gen.pdbx_gene_src_cell_line            ? 
_entity_src_gen.pdbx_gene_src_atcc                 ? 
_entity_src_gen.pdbx_gene_src_organ                ? 
_entity_src_gen.pdbx_gene_src_organelle            ? 
_entity_src_gen.pdbx_gene_src_cell                 ? 
_entity_src_gen.pdbx_gene_src_cellular_location    ? 
_entity_src_gen.host_org_common_name               ? 
_entity_src_gen.pdbx_host_org_scientific_name      'Escherichia coli' 
_entity_src_gen.pdbx_host_org_ncbi_taxonomy_id     562 
_entity_src_gen.host_org_genus                     ? 
_entity_src_gen.pdbx_host_org_gene                 ? 
_entity_src_gen.pdbx_host_org_organ                ? 
_entity_src_gen.host_org_species                   ? 
_entity_src_gen.pdbx_host_org_tissue               ? 
_entity_src_gen.pdbx_host_org_tissue_fraction      ? 
_entity_src_gen.pdbx_host_org_strain               ? 
_entity_src_gen.pdbx_host_org_variant              ? 
_entity_src_gen.pdbx_host_org_cell_line            ? 
_entity_src_gen.pdbx_host_org_atcc                 ? 
_entity_src_gen.pdbx_host_org_culture_collection   ? 
_entity_src_gen.pdbx_host_org_cell                 ? 
_entity_src_gen.pdbx_host_org_organelle            ? 
_entity_src_gen.pdbx_host_org_cellular_location    ? 
_entity_src_gen.pdbx_host_org_vector_type          ? 
_entity_src_gen.pdbx_host_org_vector               ? 
_entity_src_gen.host_org_details                   ? 
_entity_src_gen.expression_system_id               ? 
_entity_src_gen.plasmid_name                       ? 
_entity_src_gen.plasmid_details                    ? 
_entity_src_gen.pdbx_description                   ? 
# 
loop_
_chem_comp.id 
_chem_comp.type 
_chem_comp.mon_nstd_flag 
_chem_comp.name 
_chem_comp.pdbx_synonyms 
_chem_comp.formula 
_chem_comp.formula_weight 
ALA 'L-peptide linking' y ALANINE                                              ? 'C3 H7 N O2'     89.093  
ARG 'L-peptide linking' y ARGININE                                             ? 'C6 H15 N4 O2 1' 175.209 
ASN 'L-peptide linking' y ASPARAGINE                                           ? 'C4 H8 N2 O3'    132.118 
ASP 'L-peptide linking' y 'ASPARTIC ACID'                                      ? 'C4 H7 N O4'     133.103 
CYS 'L-peptide linking' y CYSTEINE                                             ? 'C3 H7 N O2 S'   121.158 
GLN 'L-peptide linking' y GLUTAMINE                                            ? 'C5 H10 N2 O3'   146.144 
GLU 'L-peptide linking' y 'GLUTAMIC ACID'                                      ? 'C5 H9 N O4'     147.129 
GLY 'peptide linking'   y GLYCINE                                              ? 'C2 H5 N O2'     75.067  
HIS 'L-peptide linking' y HISTIDINE                                            ? 'C6 H10 N3 O2 1' 156.162 
HOH non-polymer         . WATER                                                ? 'H2 O'           18.015  
ILE 'L-peptide linking' y ISOLEUCINE                                           ? 'C6 H13 N O2'    131.173 
LEU 'L-peptide linking' y LEUCINE                                              ? 'C6 H13 N O2'    131.173 
LYS 'L-peptide linking' y LYSINE                                               ? 'C6 H15 N2 O2 1' 147.195 
MET 'L-peptide linking' y METHIONINE                                           ? 'C5 H11 N O2 S'  149.211 
PHE 'L-peptide linking' y PHENYLALANINE                                        ? 'C9 H11 N O2'    165.189 
PRO 'L-peptide linking' y PROLINE                                              ? 'C5 H9 N O2'     115.130 
SER 'L-peptide linking' y SERINE                                               ? 'C3 H7 N O3'     105.093 
THR 'L-peptide linking' y THREONINE                                            ? 'C4 H9 N O3'     119.119 
TRP 'L-peptide linking' y TRYPTOPHAN                                           ? 'C11 H12 N2 O2'  204.225 
TYR 'L-peptide linking' y TYROSINE                                             ? 'C9 H11 N O3'    181.189 
VAL 'L-peptide linking' y VALINE                                               ? 'C5 H11 N O2'    117.146 
YAZ non-polymer         . '(2E)-3-(3-chloro-4-hydroxyphenyl)prop-2-enoic acid' ? 'C9 H7 Cl O3'    198.603 
# 
loop_
_pdbx_poly_seq_scheme.asym_id 
_pdbx_poly_seq_scheme.entity_id 
_pdbx_poly_seq_scheme.seq_id 
_pdbx_poly_seq_scheme.mon_id 
_pdbx_poly_seq_scheme.ndb_seq_num 
_pdbx_poly_seq_scheme.pdb_seq_num 
_pdbx_poly_seq_scheme.auth_seq_num 
_pdbx_poly_seq_scheme.pdb_mon_id 
_pdbx_poly_seq_scheme.auth_mon_id 
_pdbx_poly_seq_scheme.pdb_strand_id 
_pdbx_poly_seq_scheme.pdb_ins_code 
_pdbx_poly_seq_scheme.hetero 
A 1 1   MET 1   1   1   MET MET A . n 
A 1 2   GLU 2   2   2   GLU GLU A . n 
A 1 3   HIS 3   3   3   HIS HIS A . n 
A 1 4   VAL 4   4   4   VAL VAL A . n 
A 1 5   ALA 5   5   5   ALA ALA A . n 
A 1 6   PHE 6   6   6   PHE PHE A . n 
A 1 7   GLY 7   7   7   GLY GLY A . n 
A 1 8   SER 8   8   8   SER SER A . n 
A 1 9   GLU 9   9   9   GLU GLU A . n 
A 1 10  ASP 10  10  10  ASP ASP A . n 
A 1 11  ILE 11  11  11  ILE ILE A . n 
A 1 12  GLU 12  12  12  GLU GLU A . n 
A 1 13  ASN 13  13  13  ASN ASN A . n 
A 1 14  THR 14  14  14  THR THR A . n 
A 1 15  LEU 15  15  15  LEU LEU A . n 
A 1 16  ALA 16  16  16  ALA ALA A . n 
A 1 17  LYS 17  17  17  LYS LYS A . n 
A 1 18  MET 18  18  18  MET MET A . n 
A 1 19  ASP 19  19  19  ASP ASP A . n 
A 1 20  ASP 20  20  20  ASP ASP A . n 
A 1 21  GLY 21  21  21  GLY GLY A . n 
A 1 22  GLN 22  22  22  GLN GLN A . n 
A 1 23  LEU 23  23  23  LEU LEU A . n 
A 1 24  ASP 24  24  24  ASP ASP A . n 
A 1 25  GLY 25  25  25  GLY GLY A . n 
A 1 26  LEU 26  26  26  LEU LEU A . n 
A 1 27  ALA 27  27  27  ALA ALA A . n 
A 1 28  PHE 28  28  28  PHE PHE A . n 
A 1 29  GLY 29  29  29  GLY GLY A . n 
A 1 30  ALA 30  30  30  ALA ALA A . n 
A 1 31  ILE 31  31  31  ILE ILE A . n 
A 1 32  GLN 32  32  32  GLN GLN A . n 
A 1 33  LEU 33  33  33  LEU LEU A . n 
A 1 34  ASP 34  34  34  ASP ASP A . n 
A 1 35  GLY 35  35  35  GLY GLY A . n 
A 1 36  ASP 36  36  36  ASP ASP A . n 
A 1 37  GLY 37  37  37  GLY GLY A . n 
A 1 38  ASN 38  38  38  ASN ASN A . n 
A 1 39  ILE 39  39  39  ILE ILE A . n 
A 1 40  LEU 40  40  40  LEU LEU A . n 
A 1 41  GLN 41  41  41  GLN GLN A . n 
A 1 42  TYR 42  42  42  TYR TYR A . n 
A 1 43  ASN 43  43  43  ASN ASN A . n 
A 1 44  ALA 44  44  44  ALA ALA A . n 
A 1 45  ALA 45  45  45  ALA ALA A . n 
A 1 46  GLU 46  46  46  GLU GLU A . n 
A 1 47  GLY 47  47  47  GLY GLY A . n 
A 1 48  ASP 48  48  48  ASP ASP A . n 
A 1 49  ILE 49  49  49  ILE ILE A . n 
A 1 50  THR 50  50  50  THR THR A . n 
A 1 51  GLY 51  51  51  GLY GLY A . n 
A 1 52  ARG 52  52  52  ARG ARG A . n 
A 1 53  ASP 53  53  53  ASP ASP A . n 
A 1 54  PRO 54  54  54  PRO PRO A . n 
A 1 55  LYS 55  55  55  LYS LYS A . n 
A 1 56  GLN 56  56  56  GLN GLN A . n 
A 1 57  VAL 57  57  57  VAL VAL A . n 
A 1 58  ILE 58  58  58  ILE ILE A . n 
A 1 59  GLY 59  59  59  GLY GLY A . n 
A 1 60  LYS 60  60  60  LYS LYS A . n 
A 1 61  ASN 61  61  61  ASN ASN A . n 
A 1 62  PHE 62  62  62  PHE PHE A . n 
A 1 63  PHE 63  63  63  PHE PHE A . n 
A 1 64  LYS 64  64  64  LYS LYS A . n 
A 1 65  ASP 65  65  65  ASP ASP A . n 
A 1 66  VAL 66  66  66  VAL VAL A . n 
A 1 67  ALA 67  67  67  ALA ALA A . n 
A 1 68  PRO 68  68  68  PRO PRO A . n 
A 1 69  CYS 69  69  69  CYS CYS A . n 
A 1 70  THR 70  70  70  THR THR A . n 
A 1 71  ASP 71  71  71  ASP ASP A . n 
A 1 72  SER 72  72  72  SER SER A . n 
A 1 73  PRO 73  73  73  PRO PRO A . n 
A 1 74  GLU 74  74  74  GLU GLU A . n 
A 1 75  PHE 75  75  75  PHE PHE A . n 
A 1 76  TYR 76  76  76  TYR TYR A . n 
A 1 77  GLY 77  77  77  GLY GLY A . n 
A 1 78  LYS 78  78  78  LYS LYS A . n 
A 1 79  PHE 79  79  79  PHE PHE A . n 
A 1 80  LYS 80  80  80  LYS LYS A . n 
A 1 81  GLU 81  81  81  GLU GLU A . n 
A 1 82  GLY 82  82  82  GLY GLY A . n 
A 1 83  VAL 83  83  83  VAL VAL A . n 
A 1 84  ALA 84  84  84  ALA ALA A . n 
A 1 85  SER 85  85  85  SER SER A . n 
A 1 86  GLY 86  86  86  GLY GLY A . n 
A 1 87  ASN 87  87  87  ASN ASN A . n 
A 1 88  LEU 88  88  88  LEU LEU A . n 
A 1 89  ASN 89  89  89  ASN ASN A . n 
A 1 90  THR 90  90  90  THR THR A . n 
A 1 91  MET 91  91  91  MET MET A . n 
A 1 92  PHE 92  92  92  PHE PHE A . n 
A 1 93  GLU 93  93  93  GLU GLU A . n 
A 1 94  TYR 94  94  94  TYR TYR A . n 
A 1 95  THR 95  95  95  THR THR A . n 
A 1 96  PHE 96  96  96  PHE PHE A . n 
A 1 97  ASP 97  97  97  ASP ASP A . n 
A 1 98  TYR 98  98  98  TYR TYR A . n 
A 1 99  GLN 99  99  99  GLN GLN A . n 
A 1 100 MET 100 100 100 MET MET A . n 
A 1 101 THR 101 101 101 THR THR A . n 
A 1 102 PRO 102 102 102 PRO PRO A . n 
A 1 103 THR 103 103 103 THR THR A . n 
A 1 104 LYS 104 104 104 LYS LYS A . n 
A 1 105 VAL 105 105 105 VAL VAL A . n 
A 1 106 LYS 106 106 106 LYS LYS A . n 
A 1 107 VAL 107 107 107 VAL VAL A . n 
A 1 108 HIS 108 108 108 HIS HIS A . n 
A 1 109 MET 109 109 109 MET MET A . n 
A 1 110 LYS 110 110 110 LYS LYS A . n 
A 1 111 LYS 111 111 111 LYS LYS A . n 
A 1 112 ALA 112 112 112 ALA ALA A . n 
A 1 113 LEU 113 113 113 LEU LEU A . n 
A 1 114 SER 114 114 114 SER SER A . n 
A 1 115 GLY 115 115 115 GLY GLY A . n 
A 1 116 ASP 116 116 116 ASP ASP A . n 
A 1 117 SER 117 117 117 SER SER A . n 
A 1 118 TYR 118 118 118 TYR TYR A . n 
A 1 119 TRP 119 119 119 TRP TRP A . n 
A 1 120 VAL 120 120 120 VAL VAL A . n 
A 1 121 PHE 121 121 121 PHE PHE A . n 
A 1 122 VAL 122 122 122 VAL VAL A . n 
A 1 123 LYS 123 123 123 LYS LYS A . n 
A 1 124 ARG 124 124 124 ARG ARG A . n 
A 1 125 VAL 125 125 125 VAL VAL A . n 
# 
_pdbx_entity_instance_feature.ordinal        1 
_pdbx_entity_instance_feature.comp_id        YAZ 
_pdbx_entity_instance_feature.asym_id        ? 
_pdbx_entity_instance_feature.seq_num        ? 
_pdbx_entity_instance_feature.auth_comp_id   YAZ 
_pdbx_entity_instance_feature.auth_asym_id   ? 
_pdbx_entity_instance_feature.auth_seq_num   ? 
_pdbx_entity_instance_feature.feature_type   'SUBJECT OF INVESTIGATION' 
_pdbx_entity_instance_feature.details        ? 
# 
loop_
_pdbx_nonpoly_scheme.asym_id 
_pdbx_nonpoly_scheme.entity_id 
_pdbx_nonpoly_scheme.mon_id 
_pdbx_nonpoly_scheme.ndb_seq_num 
_pdbx_nonpoly_scheme.pdb_seq_num 
_pdbx_nonpoly_scheme.auth_seq_num 
_pdbx_nonpoly_scheme.pdb_mon_id 
_pdbx_nonpoly_scheme.auth_mon_id 
_pdbx_nonpoly_scheme.pdb_strand_id 
_pdbx_nonpoly_scheme.pdb_ins_code 
B 2 YAZ 1  201 126 YAZ YAZ A . 
C 3 HOH 1  301 105 HOH HOH A . 
C 3 HOH 2  302 84  HOH HOH A . 
C 3 HOH 3  303 32  HOH HOH A . 
C 3 HOH 4  304 45  HOH HOH A . 
C 3 HOH 5  305 50  HOH HOH A . 
C 3 HOH 6  306 104 HOH HOH A . 
C 3 HOH 7  307 17  HOH HOH A . 
C 3 HOH 8  308 56  HOH HOH A . 
C 3 HOH 9  309 99  HOH HOH A . 
C 3 HOH 10 310 85  HOH HOH A . 
C 3 HOH 11 311 22  HOH HOH A . 
C 3 HOH 12 312 53  HOH HOH A . 
C 3 HOH 13 313 96  HOH HOH A . 
C 3 HOH 14 314 95  HOH HOH A . 
C 3 HOH 15 315 30  HOH HOH A . 
C 3 HOH 16 316 19  HOH HOH A . 
C 3 HOH 17 317 106 HOH HOH A . 
C 3 HOH 18 318 1   HOH HOH A . 
C 3 HOH 19 319 14  HOH HOH A . 
C 3 HOH 20 320 62  HOH HOH A . 
C 3 HOH 21 321 23  HOH HOH A . 
C 3 HOH 22 322 11  HOH HOH A . 
C 3 HOH 23 323 4   HOH HOH A . 
C 3 HOH 24 324 83  HOH HOH A . 
C 3 HOH 25 325 8   HOH HOH A . 
C 3 HOH 26 326 25  HOH HOH A . 
C 3 HOH 27 327 41  HOH HOH A . 
C 3 HOH 28 328 93  HOH HOH A . 
C 3 HOH 29 329 79  HOH HOH A . 
C 3 HOH 30 330 58  HOH HOH A . 
C 3 HOH 31 331 2   HOH HOH A . 
C 3 HOH 32 332 77  HOH HOH A . 
C 3 HOH 33 333 26  HOH HOH A . 
C 3 HOH 34 334 15  HOH HOH A . 
C 3 HOH 35 335 10  HOH HOH A . 
C 3 HOH 36 336 18  HOH HOH A . 
C 3 HOH 37 337 47  HOH HOH A . 
C 3 HOH 38 338 107 HOH HOH A . 
C 3 HOH 39 339 76  HOH HOH A . 
C 3 HOH 40 340 36  HOH HOH A . 
C 3 HOH 41 341 33  HOH HOH A . 
C 3 HOH 42 342 7   HOH HOH A . 
C 3 HOH 43 343 12  HOH HOH A . 
C 3 HOH 44 344 46  HOH HOH A . 
C 3 HOH 45 345 9   HOH HOH A . 
C 3 HOH 46 346 34  HOH HOH A . 
C 3 HOH 47 347 60  HOH HOH A . 
C 3 HOH 48 348 90  HOH HOH A . 
C 3 HOH 49 349 31  HOH HOH A . 
C 3 HOH 50 350 40  HOH HOH A . 
C 3 HOH 51 351 57  HOH HOH A . 
C 3 HOH 52 352 20  HOH HOH A . 
C 3 HOH 53 353 27  HOH HOH A . 
C 3 HOH 54 354 6   HOH HOH A . 
C 3 HOH 55 355 66  HOH HOH A . 
C 3 HOH 56 356 75  HOH HOH A . 
C 3 HOH 57 357 29  HOH HOH A . 
C 3 HOH 58 358 5   HOH HOH A . 
C 3 HOH 59 359 28  HOH HOH A . 
C 3 HOH 60 360 52  HOH HOH A . 
C 3 HOH 61 361 54  HOH HOH A . 
C 3 HOH 62 362 16  HOH HOH A . 
C 3 HOH 63 363 39  HOH HOH A . 
C 3 HOH 64 364 35  HOH HOH A . 
C 3 HOH 65 365 24  HOH HOH A . 
C 3 HOH 66 366 38  HOH HOH A . 
C 3 HOH 67 367 3   HOH HOH A . 
C 3 HOH 68 368 21  HOH HOH A . 
C 3 HOH 69 369 70  HOH HOH A . 
C 3 HOH 70 370 109 HOH HOH A . 
C 3 HOH 71 371 59  HOH HOH A . 
C 3 HOH 72 372 42  HOH HOH A . 
C 3 HOH 73 373 108 HOH HOH A . 
C 3 HOH 74 374 86  HOH HOH A . 
C 3 HOH 75 375 64  HOH HOH A . 
C 3 HOH 76 376 100 HOH HOH A . 
C 3 HOH 77 377 67  HOH HOH A . 
C 3 HOH 78 378 102 HOH HOH A . 
C 3 HOH 79 379 51  HOH HOH A . 
C 3 HOH 80 380 55  HOH HOH A . 
C 3 HOH 81 381 78  HOH HOH A . 
C 3 HOH 82 382 13  HOH HOH A . 
C 3 HOH 83 383 80  HOH HOH A . 
C 3 HOH 84 384 48  HOH HOH A . 
C 3 HOH 85 385 68  HOH HOH A . 
C 3 HOH 86 386 49  HOH HOH A . 
C 3 HOH 87 387 88  HOH HOH A . 
C 3 HOH 88 388 89  HOH HOH A . 
C 3 HOH 89 389 69  HOH HOH A . 
C 3 HOH 90 390 91  HOH HOH A . 
C 3 HOH 91 391 37  HOH HOH A . 
# 
loop_
_pdbx_unobs_or_zero_occ_atoms.id 
_pdbx_unobs_or_zero_occ_atoms.PDB_model_num 
_pdbx_unobs_or_zero_occ_atoms.polymer_flag 
_pdbx_unobs_or_zero_occ_atoms.occupancy_flag 
_pdbx_unobs_or_zero_occ_atoms.auth_asym_id 
_pdbx_unobs_or_zero_occ_atoms.auth_comp_id 
_pdbx_unobs_or_zero_occ_atoms.auth_seq_id 
_pdbx_unobs_or_zero_occ_atoms.PDB_ins_code 
_pdbx_unobs_or_zero_occ_atoms.auth_atom_id 
_pdbx_unobs_or_zero_occ_atoms.label_alt_id 
_pdbx_unobs_or_zero_occ_atoms.label_asym_id 
_pdbx_unobs_or_zero_occ_atoms.label_comp_id 
_pdbx_unobs_or_zero_occ_atoms.label_seq_id 
_pdbx_unobs_or_zero_occ_atoms.label_atom_id 
1 1 Y 1 A LYS 55 ? CG ? A LYS 55 CG 
2 1 Y 1 A LYS 55 ? CD ? A LYS 55 CD 
3 1 Y 1 A LYS 55 ? CE ? A LYS 55 CE 
4 1 Y 1 A LYS 55 ? NZ ? A LYS 55 NZ 
# 
loop_
_software.citation_id 
_software.classification 
_software.compiler_name 
_software.compiler_version 
_software.contact_author 
_software.contact_author_email 
_software.date 
_software.description 
_software.dependencies 
_software.hardware 
_software.language 
_software.location 
_software.mods 
_software.name 
_software.os 
_software.os_version 
_software.type 
_software.version 
_software.pdbx_ordinal 
? refinement       ? ? ? ? ? ? ? ? ? ? ? PHENIX   ? ? ? '(1.12_2829: ???)' 1 
? 'data reduction' ? ? ? ? ? ? ? ? ? ? ? HKL-2000 ? ? ? .                  2 
? 'data scaling'   ? ? ? ? ? ? ? ? ? ? ? HKL-2000 ? ? ? .                  3 
? phasing          ? ? ? ? ? ? ? ? ? ? ? PHASER   ? ? ? .                  4 
# 
_cell.angle_alpha                  90.00 
_cell.angle_alpha_esd              ? 
_cell.angle_beta                   90.00 
_cell.angle_beta_esd               ? 
_cell.angle_gamma                  120.00 
_cell.angle_gamma_esd              ? 
_cell.entry_id                     6MHN 
_cell.details                      ? 
_cell.formula_units_Z              ? 
_cell.length_a                     66.250 
_cell.length_a_esd                 ? 
_cell.length_b                     66.250 
_cell.length_b_esd                 ? 
_cell.length_c                     40.661 
_cell.length_c_esd                 ? 
_cell.volume                       ? 
_cell.volume_esd                   ? 
_cell.Z_PDB                        6 
_cell.reciprocal_angle_alpha       ? 
_cell.reciprocal_angle_beta        ? 
_cell.reciprocal_angle_gamma       ? 
_cell.reciprocal_angle_alpha_esd   ? 
_cell.reciprocal_angle_beta_esd    ? 
_cell.reciprocal_angle_gamma_esd   ? 
_cell.reciprocal_length_a          ? 
_cell.reciprocal_length_b          ? 
_cell.reciprocal_length_c          ? 
_cell.reciprocal_length_a_esd      ? 
_cell.reciprocal_length_b_esd      ? 
_cell.reciprocal_length_c_esd      ? 
_cell.pdbx_unique_axis             ? 
# 
_symmetry.entry_id                         6MHN 
_symmetry.cell_setting                     ? 
_symmetry.Int_Tables_number                173 
_symmetry.space_group_name_Hall            ? 
_symmetry.space_group_name_H-M             'P 63' 
_symmetry.pdbx_full_space_group_name_H-M   ? 
# 
_exptl.absorpt_coefficient_mu     ? 
_exptl.absorpt_correction_T_max   ? 
_exptl.absorpt_correction_T_min   ? 
_exptl.absorpt_correction_type    ? 
_exptl.absorpt_process_details    ? 
_exptl.entry_id                   6MHN 
_exptl.crystals_number            1 
_exptl.details                    ? 
_exptl.method                     'X-RAY DIFFRACTION' 
_exptl.method_details             ? 
# 
_exptl_crystal.colour                      ? 
_exptl_crystal.density_diffrn              ? 
_exptl_crystal.density_Matthews            1.85 
_exptl_crystal.density_method              ? 
_exptl_crystal.density_percent_sol         33.68 
_exptl_crystal.description                 ? 
_exptl_crystal.F_000                       ? 
_exptl_crystal.id                          1 
_exptl_crystal.preparation                 ? 
_exptl_crystal.size_max                    ? 
_exptl_crystal.size_mid                    ? 
_exptl_crystal.size_min                    ? 
_exptl_crystal.size_rad                    ? 
_exptl_crystal.colour_lustre               ? 
_exptl_crystal.colour_modifier             ? 
_exptl_crystal.colour_primary              ? 
_exptl_crystal.density_meas                ? 
_exptl_crystal.density_meas_esd            ? 
_exptl_crystal.density_meas_gt             ? 
_exptl_crystal.density_meas_lt             ? 
_exptl_crystal.density_meas_temp           ? 
_exptl_crystal.density_meas_temp_esd       ? 
_exptl_crystal.density_meas_temp_gt        ? 
_exptl_crystal.density_meas_temp_lt        ? 
_exptl_crystal.pdbx_crystal_image_url      ? 
_exptl_crystal.pdbx_crystal_image_format   ? 
_exptl_crystal.pdbx_mosaicity              ? 
_exptl_crystal.pdbx_mosaicity_esd          ? 
# 
_exptl_crystal_grow.apparatus       ? 
_exptl_crystal_grow.atmosphere      ? 
_exptl_crystal_grow.crystal_id      1 
_exptl_crystal_grow.details         ? 
_exptl_crystal_grow.method          'VAPOR DIFFUSION, HANGING DROP' 
_exptl_crystal_grow.method_ref      ? 
_exptl_crystal_grow.pH              6.0 
_exptl_crystal_grow.pressure        ? 
_exptl_crystal_grow.pressure_esd    ? 
_exptl_crystal_grow.seeding         ? 
_exptl_crystal_grow.seeding_ref     ? 
_exptl_crystal_grow.temp            298 
_exptl_crystal_grow.temp_details    ? 
_exptl_crystal_grow.temp_esd        ? 
_exptl_crystal_grow.time            ? 
_exptl_crystal_grow.pdbx_details    '1M sodium chloride, 2.4M ammonium sulfate, pH = 6.0, drops were microseeded' 
_exptl_crystal_grow.pdbx_pH_range   ? 
# 
_diffrn.ambient_environment              ? 
_diffrn.ambient_temp                     80 
_diffrn.ambient_temp_details             ? 
_diffrn.ambient_temp_esd                 ? 
_diffrn.crystal_id                       1 
_diffrn.crystal_support                  ? 
_diffrn.crystal_treatment                ? 
_diffrn.details                          ? 
_diffrn.id                               1 
_diffrn.ambient_pressure                 ? 
_diffrn.ambient_pressure_esd             ? 
_diffrn.ambient_pressure_gt              ? 
_diffrn.ambient_pressure_lt              ? 
_diffrn.ambient_temp_gt                  ? 
_diffrn.ambient_temp_lt                  ? 
_diffrn.pdbx_serial_crystal_experiment   ? 
# 
_diffrn_detector.details                      ? 
_diffrn_detector.detector                     PIXEL 
_diffrn_detector.diffrn_id                    1 
_diffrn_detector.type                         'DECTRIS PILATUS3 6M' 
_diffrn_detector.area_resol_mean              ? 
_diffrn_detector.dtime                        ? 
_diffrn_detector.pdbx_frames_total            ? 
_diffrn_detector.pdbx_collection_time_total   ? 
_diffrn_detector.pdbx_collection_date         2017-09-21 
_diffrn_detector.pdbx_frequency               ? 
# 
_diffrn_radiation.collimation                      ? 
_diffrn_radiation.diffrn_id                        1 
_diffrn_radiation.filter_edge                      ? 
_diffrn_radiation.inhomogeneity                    ? 
_diffrn_radiation.monochromator                    ? 
_diffrn_radiation.polarisn_norm                    ? 
_diffrn_radiation.polarisn_ratio                   ? 
_diffrn_radiation.probe                            ? 
_diffrn_radiation.type                             ? 
_diffrn_radiation.xray_symbol                      ? 
_diffrn_radiation.wavelength_id                    1 
_diffrn_radiation.pdbx_monochromatic_or_laue_m_l   M 
_diffrn_radiation.pdbx_wavelength_list             ? 
_diffrn_radiation.pdbx_wavelength                  ? 
_diffrn_radiation.pdbx_diffrn_protocol             'SINGLE WAVELENGTH' 
_diffrn_radiation.pdbx_analyzer                    ? 
_diffrn_radiation.pdbx_scattering_type             x-ray 
# 
_diffrn_radiation_wavelength.id           1 
_diffrn_radiation_wavelength.wavelength   1.00002 
_diffrn_radiation_wavelength.wt           1.0 
# 
_diffrn_source.current                     ? 
_diffrn_source.details                     ? 
_diffrn_source.diffrn_id                   1 
_diffrn_source.power                       ? 
_diffrn_source.size                        ? 
_diffrn_source.source                      SYNCHROTRON 
_diffrn_source.target                      ? 
_diffrn_source.type                        'ALS BEAMLINE 5.0.1' 
_diffrn_source.voltage                     ? 
_diffrn_source.take-off_angle              ? 
_diffrn_source.pdbx_wavelength_list        1.00002 
_diffrn_source.pdbx_wavelength             ? 
_diffrn_source.pdbx_synchrotron_beamline   5.0.1 
_diffrn_source.pdbx_synchrotron_site       ALS 
# 
_reflns.B_iso_Wilson_estimate            ? 
_reflns.entry_id                         6MHN 
_reflns.data_reduction_details           ? 
_reflns.data_reduction_method            ? 
_reflns.d_resolution_high                1.67 
_reflns.d_resolution_low                 57.37 
_reflns.details                          ? 
_reflns.limit_h_max                      ? 
_reflns.limit_h_min                      ? 
_reflns.limit_k_max                      ? 
_reflns.limit_k_min                      ? 
_reflns.limit_l_max                      ? 
_reflns.limit_l_min                      ? 
_reflns.number_all                       ? 
_reflns.number_obs                       17696 
_reflns.observed_criterion               ? 
_reflns.observed_criterion_F_max         ? 
_reflns.observed_criterion_F_min         ? 
_reflns.observed_criterion_I_max         ? 
_reflns.observed_criterion_I_min         ? 
_reflns.observed_criterion_sigma_F       ? 
_reflns.observed_criterion_sigma_I       ? 
_reflns.percent_possible_obs             99 
_reflns.R_free_details                   ? 
_reflns.Rmerge_F_all                     ? 
_reflns.Rmerge_F_obs                     ? 
_reflns.Friedel_coverage                 ? 
_reflns.number_gt                        ? 
_reflns.threshold_expression             ? 
_reflns.pdbx_redundancy                  21.7 
_reflns.pdbx_Rmerge_I_obs                0.124 
_reflns.pdbx_Rmerge_I_all                ? 
_reflns.pdbx_Rsym_value                  ? 
_reflns.pdbx_netI_over_av_sigmaI         ? 
_reflns.pdbx_netI_over_sigmaI            5.6 
_reflns.pdbx_res_netI_over_av_sigmaI_2   ? 
_reflns.pdbx_res_netI_over_sigmaI_2      ? 
_reflns.pdbx_chi_squared                 ? 
_reflns.pdbx_scaling_rejects             ? 
_reflns.pdbx_d_res_high_opt              ? 
_reflns.pdbx_d_res_low_opt               ? 
_reflns.pdbx_d_res_opt_method            ? 
_reflns.phase_calculation_details        ? 
_reflns.pdbx_Rrim_I_all                  ? 
_reflns.pdbx_Rpim_I_all                  ? 
_reflns.pdbx_d_opt                       ? 
_reflns.pdbx_number_measured_all         ? 
_reflns.pdbx_diffrn_id                   1 
_reflns.pdbx_ordinal                     1 
_reflns.pdbx_CC_half                     ? 
_reflns.pdbx_R_split                     ? 
# 
_reflns_shell.d_res_high                  1.67 
_reflns_shell.d_res_low                   1.71 
_reflns_shell.meanI_over_sigI_all         ? 
_reflns_shell.meanI_over_sigI_obs         ? 
_reflns_shell.number_measured_all         ? 
_reflns_shell.number_measured_obs         ? 
_reflns_shell.number_possible             ? 
_reflns_shell.number_unique_all           ? 
_reflns_shell.number_unique_obs           ? 
_reflns_shell.percent_possible_all        ? 
_reflns_shell.percent_possible_obs        ? 
_reflns_shell.Rmerge_F_all                ? 
_reflns_shell.Rmerge_F_obs                ? 
_reflns_shell.Rmerge_I_all                ? 
_reflns_shell.Rmerge_I_obs                ? 
_reflns_shell.meanI_over_sigI_gt          ? 
_reflns_shell.meanI_over_uI_all           ? 
_reflns_shell.meanI_over_uI_gt            ? 
_reflns_shell.number_measured_gt          ? 
_reflns_shell.number_unique_gt            ? 
_reflns_shell.percent_possible_gt         ? 
_reflns_shell.Rmerge_F_gt                 ? 
_reflns_shell.Rmerge_I_gt                 ? 
_reflns_shell.pdbx_redundancy             ? 
_reflns_shell.pdbx_Rsym_value             ? 
_reflns_shell.pdbx_chi_squared            ? 
_reflns_shell.pdbx_netI_over_sigmaI_all   ? 
_reflns_shell.pdbx_netI_over_sigmaI_obs   ? 
_reflns_shell.pdbx_Rrim_I_all             ? 
_reflns_shell.pdbx_Rpim_I_all             ? 
_reflns_shell.pdbx_rejects                ? 
_reflns_shell.pdbx_ordinal                1 
_reflns_shell.pdbx_diffrn_id              1 
_reflns_shell.pdbx_CC_half                ? 
_reflns_shell.pdbx_R_split                ? 
# 
_refine.aniso_B[1][1]                            ? 
_refine.aniso_B[1][2]                            ? 
_refine.aniso_B[1][3]                            ? 
_refine.aniso_B[2][2]                            ? 
_refine.aniso_B[2][3]                            ? 
_refine.aniso_B[3][3]                            ? 
_refine.B_iso_max                                ? 
_refine.B_iso_mean                               ? 
_refine.B_iso_min                                ? 
_refine.correlation_coeff_Fo_to_Fc               ? 
_refine.correlation_coeff_Fo_to_Fc_free          ? 
_refine.details                                  ? 
_refine.diff_density_max                         ? 
_refine.diff_density_max_esd                     ? 
_refine.diff_density_min                         ? 
_refine.diff_density_min_esd                     ? 
_refine.diff_density_rms                         ? 
_refine.diff_density_rms_esd                     ? 
_refine.entry_id                                 6MHN 
_refine.pdbx_refine_id                           'X-RAY DIFFRACTION' 
_refine.ls_abs_structure_details                 ? 
_refine.ls_abs_structure_Flack                   ? 
_refine.ls_abs_structure_Flack_esd               ? 
_refine.ls_abs_structure_Rogers                  ? 
_refine.ls_abs_structure_Rogers_esd              ? 
_refine.ls_d_res_high                            1.670 
_refine.ls_d_res_low                             33.175 
_refine.ls_extinction_coef                       ? 
_refine.ls_extinction_coef_esd                   ? 
_refine.ls_extinction_expression                 ? 
_refine.ls_extinction_method                     ? 
_refine.ls_goodness_of_fit_all                   ? 
_refine.ls_goodness_of_fit_all_esd               ? 
_refine.ls_goodness_of_fit_obs                   ? 
_refine.ls_goodness_of_fit_obs_esd               ? 
_refine.ls_hydrogen_treatment                    ? 
_refine.ls_matrix_type                           ? 
_refine.ls_number_constraints                    ? 
_refine.ls_number_parameters                     ? 
_refine.ls_number_reflns_all                     ? 
_refine.ls_number_reflns_obs                     11942 
_refine.ls_number_reflns_R_free                  576 
_refine.ls_number_reflns_R_work                  ? 
_refine.ls_number_restraints                     ? 
_refine.ls_percent_reflns_obs                    99.94 
_refine.ls_percent_reflns_R_free                 4.82 
_refine.ls_R_factor_all                          ? 
_refine.ls_R_factor_obs                          0.1724 
_refine.ls_R_factor_R_free                       0.2147 
_refine.ls_R_factor_R_free_error                 ? 
_refine.ls_R_factor_R_free_error_details         ? 
_refine.ls_R_factor_R_work                       0.1701 
_refine.ls_R_Fsqd_factor_obs                     ? 
_refine.ls_R_I_factor_obs                        ? 
_refine.ls_redundancy_reflns_all                 ? 
_refine.ls_redundancy_reflns_obs                 ? 
_refine.ls_restrained_S_all                      ? 
_refine.ls_restrained_S_obs                      ? 
_refine.ls_shift_over_esd_max                    ? 
_refine.ls_shift_over_esd_mean                   ? 
_refine.ls_structure_factor_coef                 ? 
_refine.ls_weighting_details                     ? 
_refine.ls_weighting_scheme                      ? 
_refine.ls_wR_factor_all                         ? 
_refine.ls_wR_factor_obs                         ? 
_refine.ls_wR_factor_R_free                      ? 
_refine.ls_wR_factor_R_work                      ? 
_refine.occupancy_max                            ? 
_refine.occupancy_min                            ? 
_refine.solvent_model_details                    ? 
_refine.solvent_model_param_bsol                 ? 
_refine.solvent_model_param_ksol                 ? 
_refine.ls_R_factor_gt                           ? 
_refine.ls_goodness_of_fit_gt                    ? 
_refine.ls_goodness_of_fit_ref                   ? 
_refine.ls_shift_over_su_max                     ? 
_refine.ls_shift_over_su_max_lt                  ? 
_refine.ls_shift_over_su_mean                    ? 
_refine.ls_shift_over_su_mean_lt                 ? 
_refine.pdbx_ls_sigma_I                          ? 
_refine.pdbx_ls_sigma_F                          1.37 
_refine.pdbx_ls_sigma_Fsqd                       ? 
_refine.pdbx_data_cutoff_high_absF               ? 
_refine.pdbx_data_cutoff_high_rms_absF           ? 
_refine.pdbx_data_cutoff_low_absF                ? 
_refine.pdbx_isotropic_thermal_model             ? 
_refine.pdbx_ls_cross_valid_method               'FREE R-VALUE' 
_refine.pdbx_method_to_determine_struct          'MOLECULAR REPLACEMENT' 
_refine.pdbx_starting_model                      1NWZ 
_refine.pdbx_stereochemistry_target_values       ? 
_refine.pdbx_R_Free_selection_details            ? 
_refine.pdbx_stereochem_target_val_spec_case     ? 
_refine.pdbx_overall_ESU_R                       ? 
_refine.pdbx_overall_ESU_R_Free                  ? 
_refine.pdbx_solvent_vdw_probe_radii             1.11 
_refine.pdbx_solvent_ion_probe_radii             ? 
_refine.pdbx_solvent_shrinkage_radii             0.90 
_refine.pdbx_real_space_R                        ? 
_refine.pdbx_density_correlation                 ? 
_refine.pdbx_pd_number_of_powder_patterns        ? 
_refine.pdbx_pd_number_of_points                 ? 
_refine.pdbx_pd_meas_number_of_points            ? 
_refine.pdbx_pd_proc_ls_prof_R_factor            ? 
_refine.pdbx_pd_proc_ls_prof_wR_factor           ? 
_refine.pdbx_pd_Marquardt_correlation_coeff      ? 
_refine.pdbx_pd_Fsqrd_R_factor                   ? 
_refine.pdbx_pd_ls_matrix_band_width             ? 
_refine.pdbx_overall_phase_error                 22.21 
_refine.pdbx_overall_SU_R_free_Cruickshank_DPI   ? 
_refine.pdbx_overall_SU_R_free_Blow_DPI          ? 
_refine.pdbx_overall_SU_R_Blow_DPI               ? 
_refine.pdbx_TLS_residual_ADP_flag               ? 
_refine.pdbx_diffrn_id                           1 
_refine.overall_SU_B                             ? 
_refine.overall_SU_ML                            0.18 
_refine.overall_SU_R_Cruickshank_DPI             ? 
_refine.overall_SU_R_free                        ? 
_refine.overall_FOM_free_R_set                   ? 
_refine.overall_FOM_work_R_set                   ? 
_refine.pdbx_average_fsc_overall                 ? 
_refine.pdbx_average_fsc_work                    ? 
_refine.pdbx_average_fsc_free                    ? 
# 
_refine_hist.pdbx_refine_id                   'X-RAY DIFFRACTION' 
_refine_hist.cycle_id                         LAST 
_refine_hist.pdbx_number_atoms_protein        972 
_refine_hist.pdbx_number_atoms_nucleic_acid   0 
_refine_hist.pdbx_number_atoms_ligand         0 
_refine_hist.number_atoms_solvent             91 
_refine_hist.number_atoms_total               1063 
_refine_hist.d_res_high                       1.670 
_refine_hist.d_res_low                        33.175 
# 
loop_
_refine_ls_restr.pdbx_refine_id 
_refine_ls_restr.criterion 
_refine_ls_restr.dev_ideal 
_refine_ls_restr.dev_ideal_target 
_refine_ls_restr.number 
_refine_ls_restr.rejects 
_refine_ls_restr.type 
_refine_ls_restr.weight 
_refine_ls_restr.pdbx_restraint_function 
'X-RAY DIFFRACTION' ? 0.006 ? 1016 ? f_bond_d           ? ? 
'X-RAY DIFFRACTION' ? 0.869 ? 1369 ? f_angle_d          ? ? 
'X-RAY DIFFRACTION' ? 2.556 ? 815  ? f_dihedral_angle_d ? ? 
'X-RAY DIFFRACTION' ? 0.056 ? 141  ? f_chiral_restr     ? ? 
'X-RAY DIFFRACTION' ? 0.005 ? 183  ? f_plane_restr      ? ? 
# 
loop_
_refine_ls_shell.pdbx_refine_id 
_refine_ls_shell.d_res_high 
_refine_ls_shell.d_res_low 
_refine_ls_shell.number_reflns_all 
_refine_ls_shell.number_reflns_obs 
_refine_ls_shell.number_reflns_R_free 
_refine_ls_shell.number_reflns_R_work 
_refine_ls_shell.percent_reflns_obs 
_refine_ls_shell.percent_reflns_R_free 
_refine_ls_shell.R_factor_all 
_refine_ls_shell.R_factor_obs 
_refine_ls_shell.R_factor_R_free 
_refine_ls_shell.R_factor_R_free_error 
_refine_ls_shell.R_factor_R_work 
_refine_ls_shell.redundancy_reflns_all 
_refine_ls_shell.redundancy_reflns_obs 
_refine_ls_shell.wR_factor_all 
_refine_ls_shell.wR_factor_obs 
_refine_ls_shell.wR_factor_R_free 
_refine_ls_shell.wR_factor_R_work 
_refine_ls_shell.pdbx_total_number_of_bins_used 
_refine_ls_shell.pdbx_phase_error 
_refine_ls_shell.pdbx_fsc_work 
_refine_ls_shell.pdbx_fsc_free 
'X-RAY DIFFRACTION' 1.6700 1.8381  . . 152 2814 100.00 . . . 0.2243 . 0.1733 . . . . . . . . . . 
'X-RAY DIFFRACTION' 1.8381 2.1040  . . 117 2835 100.00 . . . 0.2309 . 0.1704 . . . . . . . . . . 
'X-RAY DIFFRACTION' 2.1040 2.6507  . . 149 2843 100.00 . . . 0.2499 . 0.1824 . . . . . . . . . . 
'X-RAY DIFFRACTION' 2.6507 33.1811 . . 158 2874 100.00 . . . 0.1911 . 0.1626 . . . . . . . . . . 
# 
_struct.entry_id                     6MHN 
_struct.title                        'Photoactive Yellow Protein with covalently bound 3-chloro-4-hydroxycinnamic acid chromophore' 
_struct.pdbx_model_details           ? 
_struct.pdbx_formula_weight          ? 
_struct.pdbx_formula_weight_method   ? 
_struct.pdbx_model_type_details      ? 
_struct.pdbx_CASP_flag               N 
# 
_struct_keywords.entry_id        6MHN 
_struct_keywords.text            
'chlorinated chromophore, hydrogen bonding network, active site, low-barrier hydrogen bond, SIGNALING PROTEIN' 
_struct_keywords.pdbx_keywords   'SIGNALING PROTEIN' 
# 
loop_
_struct_asym.id 
_struct_asym.pdbx_blank_PDB_chainid_flag 
_struct_asym.pdbx_modified 
_struct_asym.entity_id 
_struct_asym.details 
A N N 1 ? 
B N N 2 ? 
C N N 3 ? 
# 
_struct_ref.id                         1 
_struct_ref.db_name                    UNP 
_struct_ref.db_code                    PYP_HALHA 
_struct_ref.pdbx_db_accession          P16113 
_struct_ref.pdbx_db_isoform            ? 
_struct_ref.entity_id                  1 
_struct_ref.pdbx_seq_one_letter_code   
;MEHVAFGSEDIENTLAKMDDGQLDGLAFGAIQLDGDGNILQYNAAEGDITGRDPKQVIGKNFFKDVAPCTDSPEFYGKFK
EGVASGNLNTMFEYTFDYQMTPTKVKVHMKKALSGDSYWVFVKRV
;
_struct_ref.pdbx_align_begin           1 
# 
_struct_ref_seq.align_id                      1 
_struct_ref_seq.ref_id                        1 
_struct_ref_seq.pdbx_PDB_id_code              6MHN 
_struct_ref_seq.pdbx_strand_id                A 
_struct_ref_seq.seq_align_beg                 1 
_struct_ref_seq.pdbx_seq_align_beg_ins_code   ? 
_struct_ref_seq.seq_align_end                 125 
_struct_ref_seq.pdbx_seq_align_end_ins_code   ? 
_struct_ref_seq.pdbx_db_accession             P16113 
_struct_ref_seq.db_align_beg                  1 
_struct_ref_seq.pdbx_db_align_beg_ins_code    ? 
_struct_ref_seq.db_align_end                  125 
_struct_ref_seq.pdbx_db_align_end_ins_code    ? 
_struct_ref_seq.pdbx_auth_seq_align_beg       1 
_struct_ref_seq.pdbx_auth_seq_align_end       125 
# 
_pdbx_struct_assembly.id                   1 
_pdbx_struct_assembly.details              author_and_software_defined_assembly 
_pdbx_struct_assembly.method_details       PISA 
_pdbx_struct_assembly.oligomeric_details   monomeric 
_pdbx_struct_assembly.oligomeric_count     1 
# 
_pdbx_struct_assembly_gen.assembly_id       1 
_pdbx_struct_assembly_gen.oper_expression   1 
_pdbx_struct_assembly_gen.asym_id_list      A,B,C 
# 
_pdbx_struct_assembly_auth_evidence.id                     1 
_pdbx_struct_assembly_auth_evidence.assembly_id            1 
_pdbx_struct_assembly_auth_evidence.experimental_support   'mass spectrometry' 
_pdbx_struct_assembly_auth_evidence.details                ? 
# 
_pdbx_struct_oper_list.id                   1 
_pdbx_struct_oper_list.type                 'identity operation' 
_pdbx_struct_oper_list.name                 1_555 
_pdbx_struct_oper_list.symmetry_operation   x,y,z 
_pdbx_struct_oper_list.matrix[1][1]         1.0000000000 
_pdbx_struct_oper_list.matrix[1][2]         0.0000000000 
_pdbx_struct_oper_list.matrix[1][3]         0.0000000000 
_pdbx_struct_oper_list.vector[1]            0.0000000000 
_pdbx_struct_oper_list.matrix[2][1]         0.0000000000 
_pdbx_struct_oper_list.matrix[2][2]         1.0000000000 
_pdbx_struct_oper_list.matrix[2][3]         0.0000000000 
_pdbx_struct_oper_list.vector[2]            0.0000000000 
_pdbx_struct_oper_list.matrix[3][1]         0.0000000000 
_pdbx_struct_oper_list.matrix[3][2]         0.0000000000 
_pdbx_struct_oper_list.matrix[3][3]         1.0000000000 
_pdbx_struct_oper_list.vector[3]            0.0000000000 
# 
loop_
_struct_conf.conf_type_id 
_struct_conf.id 
_struct_conf.pdbx_PDB_helix_id 
_struct_conf.beg_label_comp_id 
_struct_conf.beg_label_asym_id 
_struct_conf.beg_label_seq_id 
_struct_conf.pdbx_beg_PDB_ins_code 
_struct_conf.end_label_comp_id 
_struct_conf.end_label_asym_id 
_struct_conf.end_label_seq_id 
_struct_conf.pdbx_end_PDB_ins_code 
_struct_conf.beg_auth_comp_id 
_struct_conf.beg_auth_asym_id 
_struct_conf.beg_auth_seq_id 
_struct_conf.end_auth_comp_id 
_struct_conf.end_auth_asym_id 
_struct_conf.end_auth_seq_id 
_struct_conf.pdbx_PDB_helix_class 
_struct_conf.details 
_struct_conf.pdbx_PDB_helix_length 
HELX_P HELX_P1 AA1 ASP A 10 ? ALA A 16 ? ASP A 10 ALA A 16 1 ? 7  
HELX_P HELX_P2 AA2 ASP A 19 ? ASP A 24 ? ASP A 19 ASP A 24 1 ? 6  
HELX_P HELX_P3 AA3 ASN A 43 ? GLY A 51 ? ASN A 43 GLY A 51 1 ? 9  
HELX_P HELX_P4 AA4 ASP A 53 ? ILE A 58 ? ASP A 53 ILE A 58 1 ? 6  
HELX_P HELX_P5 AA5 ALA A 67 ? ASP A 71 ? ALA A 67 ASP A 71 5 ? 5  
HELX_P HELX_P6 AA6 PHE A 75 ? GLY A 86 ? PHE A 75 GLY A 86 1 ? 12 
# 
_struct_conf_type.id          HELX_P 
_struct_conf_type.criteria    ? 
_struct_conf_type.reference   ? 
# 
_struct_conn.id                            covale1 
_struct_conn.conn_type_id                  covale 
_struct_conn.pdbx_leaving_atom_flag        one 
_struct_conn.pdbx_PDB_id                   ? 
_struct_conn.ptnr1_label_asym_id           A 
_struct_conn.ptnr1_label_comp_id           CYS 
_struct_conn.ptnr1_label_seq_id            69 
_struct_conn.ptnr1_label_atom_id           SG 
_struct_conn.pdbx_ptnr1_label_alt_id       ? 
_struct_conn.pdbx_ptnr1_PDB_ins_code       ? 
_struct_conn.pdbx_ptnr1_standard_comp_id   ? 
_struct_conn.ptnr1_symmetry                1_555 
_struct_conn.ptnr2_label_asym_id           B 
_struct_conn.ptnr2_label_comp_id           YAZ 
_struct_conn.ptnr2_label_seq_id            . 
_struct_conn.ptnr2_label_atom_id           C1 
_struct_conn.pdbx_ptnr2_label_alt_id       ? 
_struct_conn.pdbx_ptnr2_PDB_ins_code       ? 
_struct_conn.ptnr1_auth_asym_id            A 
_struct_conn.ptnr1_auth_comp_id            CYS 
_struct_conn.ptnr1_auth_seq_id             69 
_struct_conn.ptnr2_auth_asym_id            A 
_struct_conn.ptnr2_auth_comp_id            YAZ 
_struct_conn.ptnr2_auth_seq_id             201 
_struct_conn.ptnr2_symmetry                1_555 
_struct_conn.pdbx_ptnr3_label_atom_id      ? 
_struct_conn.pdbx_ptnr3_label_seq_id       ? 
_struct_conn.pdbx_ptnr3_label_comp_id      ? 
_struct_conn.pdbx_ptnr3_label_asym_id      ? 
_struct_conn.pdbx_ptnr3_label_alt_id       ? 
_struct_conn.pdbx_ptnr3_PDB_ins_code       ? 
_struct_conn.details                       ? 
_struct_conn.pdbx_dist_value               1.766 
_struct_conn.pdbx_value_order              ? 
_struct_conn.pdbx_role                     ? 
# 
_struct_conn_type.id          covale 
_struct_conn_type.criteria    ? 
_struct_conn_type.reference   ? 
# 
_pdbx_modification_feature.ordinal                            1 
_pdbx_modification_feature.label_comp_id                      YAZ 
_pdbx_modification_feature.label_asym_id                      B 
_pdbx_modification_feature.label_seq_id                       . 
_pdbx_modification_feature.label_alt_id                       ? 
_pdbx_modification_feature.modified_residue_label_comp_id     CYS 
_pdbx_modification_feature.modified_residue_label_asym_id     A 
_pdbx_modification_feature.modified_residue_label_seq_id      69 
_pdbx_modification_feature.modified_residue_label_alt_id      ? 
_pdbx_modification_feature.auth_comp_id                       YAZ 
_pdbx_modification_feature.auth_asym_id                       A 
_pdbx_modification_feature.auth_seq_id                        201 
_pdbx_modification_feature.PDB_ins_code                       ? 
_pdbx_modification_feature.symmetry                           1_555 
_pdbx_modification_feature.modified_residue_auth_comp_id      CYS 
_pdbx_modification_feature.modified_residue_auth_asym_id      A 
_pdbx_modification_feature.modified_residue_auth_seq_id       69 
_pdbx_modification_feature.modified_residue_PDB_ins_code      ? 
_pdbx_modification_feature.modified_residue_symmetry          1_555 
_pdbx_modification_feature.comp_id_linking_atom               C1 
_pdbx_modification_feature.modified_residue_id_linking_atom   SG 
_pdbx_modification_feature.modified_residue_id                CYS 
_pdbx_modification_feature.ref_pcm_id                         1 
_pdbx_modification_feature.ref_comp_id                        YAZ 
_pdbx_modification_feature.type                               None 
_pdbx_modification_feature.category                           'Covalent chemical modification' 
# 
_struct_sheet.id               AA1 
_struct_sheet.type             ? 
_struct_sheet.number_strands   5 
_struct_sheet.details          ? 
# 
loop_
_struct_sheet_order.sheet_id 
_struct_sheet_order.range_id_1 
_struct_sheet_order.range_id_2 
_struct_sheet_order.offset 
_struct_sheet_order.sense 
AA1 1 2 ? anti-parallel 
AA1 2 3 ? anti-parallel 
AA1 3 4 ? anti-parallel 
AA1 4 5 ? anti-parallel 
# 
loop_
_struct_sheet_range.sheet_id 
_struct_sheet_range.id 
_struct_sheet_range.beg_label_comp_id 
_struct_sheet_range.beg_label_asym_id 
_struct_sheet_range.beg_label_seq_id 
_struct_sheet_range.pdbx_beg_PDB_ins_code 
_struct_sheet_range.end_label_comp_id 
_struct_sheet_range.end_label_asym_id 
_struct_sheet_range.end_label_seq_id 
_struct_sheet_range.pdbx_end_PDB_ins_code 
_struct_sheet_range.beg_auth_comp_id 
_struct_sheet_range.beg_auth_asym_id 
_struct_sheet_range.beg_auth_seq_id 
_struct_sheet_range.end_auth_comp_id 
_struct_sheet_range.end_auth_asym_id 
_struct_sheet_range.end_auth_seq_id 
AA1 1 ILE A 39  ? TYR A 42  ? ILE A 39  TYR A 42  
AA1 2 GLY A 29  ? LEU A 33  ? GLY A 29  LEU A 33  
AA1 3 TYR A 118 ? ARG A 124 ? TYR A 118 ARG A 124 
AA1 4 THR A 103 ? LYS A 111 ? THR A 103 LYS A 111 
AA1 5 ASN A 89  ? PHE A 96  ? ASN A 89  PHE A 96  
# 
loop_
_pdbx_struct_sheet_hbond.sheet_id 
_pdbx_struct_sheet_hbond.range_id_1 
_pdbx_struct_sheet_hbond.range_id_2 
_pdbx_struct_sheet_hbond.range_1_label_atom_id 
_pdbx_struct_sheet_hbond.range_1_label_comp_id 
_pdbx_struct_sheet_hbond.range_1_label_asym_id 
_pdbx_struct_sheet_hbond.range_1_label_seq_id 
_pdbx_struct_sheet_hbond.range_1_PDB_ins_code 
_pdbx_struct_sheet_hbond.range_1_auth_atom_id 
_pdbx_struct_sheet_hbond.range_1_auth_comp_id 
_pdbx_struct_sheet_hbond.range_1_auth_asym_id 
_pdbx_struct_sheet_hbond.range_1_auth_seq_id 
_pdbx_struct_sheet_hbond.range_2_label_atom_id 
_pdbx_struct_sheet_hbond.range_2_label_comp_id 
_pdbx_struct_sheet_hbond.range_2_label_asym_id 
_pdbx_struct_sheet_hbond.range_2_label_seq_id 
_pdbx_struct_sheet_hbond.range_2_PDB_ins_code 
_pdbx_struct_sheet_hbond.range_2_auth_atom_id 
_pdbx_struct_sheet_hbond.range_2_auth_comp_id 
_pdbx_struct_sheet_hbond.range_2_auth_asym_id 
_pdbx_struct_sheet_hbond.range_2_auth_seq_id 
AA1 1 2 O LEU A 40  ? O LEU A 40  N GLN A 32  ? N GLN A 32  
AA1 2 3 N LEU A 33  ? N LEU A 33  O TYR A 118 ? O TYR A 118 
AA1 3 4 O PHE A 121 ? O PHE A 121 N HIS A 108 ? N HIS A 108 
AA1 4 5 O VAL A 105 ? O VAL A 105 N TYR A 94  ? N TYR A 94  
# 
_struct_site.id                   AC1 
_struct_site.pdbx_evidence_code   Software 
_struct_site.pdbx_auth_asym_id    A 
_struct_site.pdbx_auth_comp_id    YAZ 
_struct_site.pdbx_auth_seq_id     201 
_struct_site.pdbx_auth_ins_code   ? 
_struct_site.pdbx_num_residues    11 
_struct_site.details              'binding site for residue YAZ A 201' 
# 
loop_
_struct_site_gen.id 
_struct_site_gen.site_id 
_struct_site_gen.pdbx_num_res 
_struct_site_gen.label_comp_id 
_struct_site_gen.label_asym_id 
_struct_site_gen.label_seq_id 
_struct_site_gen.pdbx_auth_ins_code 
_struct_site_gen.auth_comp_id 
_struct_site_gen.auth_asym_id 
_struct_site_gen.auth_seq_id 
_struct_site_gen.label_atom_id 
_struct_site_gen.label_alt_id 
_struct_site_gen.symmetry 
_struct_site_gen.details 
1  AC1 11 ILE A 31 ? ILE A 31 . ? 1_555 ? 
2  AC1 11 TYR A 42 ? TYR A 42 . ? 1_555 ? 
3  AC1 11 GLU A 46 ? GLU A 46 . ? 1_555 ? 
4  AC1 11 THR A 50 ? THR A 50 . ? 1_555 ? 
5  AC1 11 ARG A 52 ? ARG A 52 . ? 1_555 ? 
6  AC1 11 VAL A 66 ? VAL A 66 . ? 1_555 ? 
7  AC1 11 ALA A 67 ? ALA A 67 . ? 1_555 ? 
8  AC1 11 PRO A 68 ? PRO A 68 . ? 1_555 ? 
9  AC1 11 CYS A 69 ? CYS A 69 . ? 1_555 ? 
10 AC1 11 PHE A 96 ? PHE A 96 . ? 1_555 ? 
11 AC1 11 TYR A 98 ? TYR A 98 . ? 1_555 ? 
# 
_pdbx_entry_details.entry_id                   6MHN 
_pdbx_entry_details.compound_details           ? 
_pdbx_entry_details.source_details             ? 
_pdbx_entry_details.nonpolymer_details         ? 
_pdbx_entry_details.sequence_details           ? 
_pdbx_entry_details.has_ligand_of_interest     ? 
_pdbx_entry_details.has_protein_modification   Y 
# 
_pdbx_validate_close_contact.id               1 
_pdbx_validate_close_contact.PDB_model_num    1 
_pdbx_validate_close_contact.auth_atom_id_1   OXT 
_pdbx_validate_close_contact.auth_asym_id_1   A 
_pdbx_validate_close_contact.auth_comp_id_1   VAL 
_pdbx_validate_close_contact.auth_seq_id_1    125 
_pdbx_validate_close_contact.PDB_ins_code_1   ? 
_pdbx_validate_close_contact.label_alt_id_1   ? 
_pdbx_validate_close_contact.auth_atom_id_2   O 
_pdbx_validate_close_contact.auth_asym_id_2   A 
_pdbx_validate_close_contact.auth_comp_id_2   HOH 
_pdbx_validate_close_contact.auth_seq_id_2    301 
_pdbx_validate_close_contact.PDB_ins_code_2   ? 
_pdbx_validate_close_contact.label_alt_id_2   ? 
_pdbx_validate_close_contact.dist             2.16 
# 
loop_
_pdbx_validate_torsion.id 
_pdbx_validate_torsion.PDB_model_num 
_pdbx_validate_torsion.auth_comp_id 
_pdbx_validate_torsion.auth_asym_id 
_pdbx_validate_torsion.auth_seq_id 
_pdbx_validate_torsion.PDB_ins_code 
_pdbx_validate_torsion.label_alt_id 
_pdbx_validate_torsion.phi 
_pdbx_validate_torsion.psi 
1 1 TYR A 42  ? ? -163.33 115.55 
2 1 PHE A 75  ? ? -132.48 -73.93 
3 1 ASN A 89  ? ? -164.57 95.36  
4 1 ASP A 97  ? ? -141.98 14.83  
5 1 SER A 114 ? ? -74.50  27.15  
# 
loop_
_chem_comp_atom.comp_id 
_chem_comp_atom.atom_id 
_chem_comp_atom.type_symbol 
_chem_comp_atom.pdbx_aromatic_flag 
_chem_comp_atom.pdbx_stereo_config 
_chem_comp_atom.pdbx_ordinal 
ALA N     N  N N 1   
ALA CA    C  N S 2   
ALA C     C  N N 3   
ALA O     O  N N 4   
ALA CB    C  N N 5   
ALA OXT   O  N N 6   
ALA H     H  N N 7   
ALA H2    H  N N 8   
ALA HA    H  N N 9   
ALA HB1   H  N N 10  
ALA HB2   H  N N 11  
ALA HB3   H  N N 12  
ALA HXT   H  N N 13  
ARG N     N  N N 14  
ARG CA    C  N S 15  
ARG C     C  N N 16  
ARG O     O  N N 17  
ARG CB    C  N N 18  
ARG CG    C  N N 19  
ARG CD    C  N N 20  
ARG NE    N  N N 21  
ARG CZ    C  N N 22  
ARG NH1   N  N N 23  
ARG NH2   N  N N 24  
ARG OXT   O  N N 25  
ARG H     H  N N 26  
ARG H2    H  N N 27  
ARG HA    H  N N 28  
ARG HB2   H  N N 29  
ARG HB3   H  N N 30  
ARG HG2   H  N N 31  
ARG HG3   H  N N 32  
ARG HD2   H  N N 33  
ARG HD3   H  N N 34  
ARG HE    H  N N 35  
ARG HH11  H  N N 36  
ARG HH12  H  N N 37  
ARG HH21  H  N N 38  
ARG HH22  H  N N 39  
ARG HXT   H  N N 40  
ASN N     N  N N 41  
ASN CA    C  N S 42  
ASN C     C  N N 43  
ASN O     O  N N 44  
ASN CB    C  N N 45  
ASN CG    C  N N 46  
ASN OD1   O  N N 47  
ASN ND2   N  N N 48  
ASN OXT   O  N N 49  
ASN H     H  N N 50  
ASN H2    H  N N 51  
ASN HA    H  N N 52  
ASN HB2   H  N N 53  
ASN HB3   H  N N 54  
ASN HD21  H  N N 55  
ASN HD22  H  N N 56  
ASN HXT   H  N N 57  
ASP N     N  N N 58  
ASP CA    C  N S 59  
ASP C     C  N N 60  
ASP O     O  N N 61  
ASP CB    C  N N 62  
ASP CG    C  N N 63  
ASP OD1   O  N N 64  
ASP OD2   O  N N 65  
ASP OXT   O  N N 66  
ASP H     H  N N 67  
ASP H2    H  N N 68  
ASP HA    H  N N 69  
ASP HB2   H  N N 70  
ASP HB3   H  N N 71  
ASP HD2   H  N N 72  
ASP HXT   H  N N 73  
CYS N     N  N N 74  
CYS CA    C  N R 75  
CYS C     C  N N 76  
CYS O     O  N N 77  
CYS CB    C  N N 78  
CYS SG    S  N N 79  
CYS OXT   O  N N 80  
CYS H     H  N N 81  
CYS H2    H  N N 82  
CYS HA    H  N N 83  
CYS HB2   H  N N 84  
CYS HB3   H  N N 85  
CYS HG    H  N N 86  
CYS HXT   H  N N 87  
GLN N     N  N N 88  
GLN CA    C  N S 89  
GLN C     C  N N 90  
GLN O     O  N N 91  
GLN CB    C  N N 92  
GLN CG    C  N N 93  
GLN CD    C  N N 94  
GLN OE1   O  N N 95  
GLN NE2   N  N N 96  
GLN OXT   O  N N 97  
GLN H     H  N N 98  
GLN H2    H  N N 99  
GLN HA    H  N N 100 
GLN HB2   H  N N 101 
GLN HB3   H  N N 102 
GLN HG2   H  N N 103 
GLN HG3   H  N N 104 
GLN HE21  H  N N 105 
GLN HE22  H  N N 106 
GLN HXT   H  N N 107 
GLU N     N  N N 108 
GLU CA    C  N S 109 
GLU C     C  N N 110 
GLU O     O  N N 111 
GLU CB    C  N N 112 
GLU CG    C  N N 113 
GLU CD    C  N N 114 
GLU OE1   O  N N 115 
GLU OE2   O  N N 116 
GLU OXT   O  N N 117 
GLU H     H  N N 118 
GLU H2    H  N N 119 
GLU HA    H  N N 120 
GLU HB2   H  N N 121 
GLU HB3   H  N N 122 
GLU HG2   H  N N 123 
GLU HG3   H  N N 124 
GLU HE2   H  N N 125 
GLU HXT   H  N N 126 
GLY N     N  N N 127 
GLY CA    C  N N 128 
GLY C     C  N N 129 
GLY O     O  N N 130 
GLY OXT   O  N N 131 
GLY H     H  N N 132 
GLY H2    H  N N 133 
GLY HA2   H  N N 134 
GLY HA3   H  N N 135 
GLY HXT   H  N N 136 
HIS N     N  N N 137 
HIS CA    C  N S 138 
HIS C     C  N N 139 
HIS O     O  N N 140 
HIS CB    C  N N 141 
HIS CG    C  Y N 142 
HIS ND1   N  Y N 143 
HIS CD2   C  Y N 144 
HIS CE1   C  Y N 145 
HIS NE2   N  Y N 146 
HIS OXT   O  N N 147 
HIS H     H  N N 148 
HIS H2    H  N N 149 
HIS HA    H  N N 150 
HIS HB2   H  N N 151 
HIS HB3   H  N N 152 
HIS HD1   H  N N 153 
HIS HD2   H  N N 154 
HIS HE1   H  N N 155 
HIS HE2   H  N N 156 
HIS HXT   H  N N 157 
HOH O     O  N N 158 
HOH H1    H  N N 159 
HOH H2    H  N N 160 
ILE N     N  N N 161 
ILE CA    C  N S 162 
ILE C     C  N N 163 
ILE O     O  N N 164 
ILE CB    C  N S 165 
ILE CG1   C  N N 166 
ILE CG2   C  N N 167 
ILE CD1   C  N N 168 
ILE OXT   O  N N 169 
ILE H     H  N N 170 
ILE H2    H  N N 171 
ILE HA    H  N N 172 
ILE HB    H  N N 173 
ILE HG12  H  N N 174 
ILE HG13  H  N N 175 
ILE HG21  H  N N 176 
ILE HG22  H  N N 177 
ILE HG23  H  N N 178 
ILE HD11  H  N N 179 
ILE HD12  H  N N 180 
ILE HD13  H  N N 181 
ILE HXT   H  N N 182 
LEU N     N  N N 183 
LEU CA    C  N S 184 
LEU C     C  N N 185 
LEU O     O  N N 186 
LEU CB    C  N N 187 
LEU CG    C  N N 188 
LEU CD1   C  N N 189 
LEU CD2   C  N N 190 
LEU OXT   O  N N 191 
LEU H     H  N N 192 
LEU H2    H  N N 193 
LEU HA    H  N N 194 
LEU HB2   H  N N 195 
LEU HB3   H  N N 196 
LEU HG    H  N N 197 
LEU HD11  H  N N 198 
LEU HD12  H  N N 199 
LEU HD13  H  N N 200 
LEU HD21  H  N N 201 
LEU HD22  H  N N 202 
LEU HD23  H  N N 203 
LEU HXT   H  N N 204 
LYS N     N  N N 205 
LYS CA    C  N S 206 
LYS C     C  N N 207 
LYS O     O  N N 208 
LYS CB    C  N N 209 
LYS CG    C  N N 210 
LYS CD    C  N N 211 
LYS CE    C  N N 212 
LYS NZ    N  N N 213 
LYS OXT   O  N N 214 
LYS H     H  N N 215 
LYS H2    H  N N 216 
LYS HA    H  N N 217 
LYS HB2   H  N N 218 
LYS HB3   H  N N 219 
LYS HG2   H  N N 220 
LYS HG3   H  N N 221 
LYS HD2   H  N N 222 
LYS HD3   H  N N 223 
LYS HE2   H  N N 224 
LYS HE3   H  N N 225 
LYS HZ1   H  N N 226 
LYS HZ2   H  N N 227 
LYS HZ3   H  N N 228 
LYS HXT   H  N N 229 
MET N     N  N N 230 
MET CA    C  N S 231 
MET C     C  N N 232 
MET O     O  N N 233 
MET CB    C  N N 234 
MET CG    C  N N 235 
MET SD    S  N N 236 
MET CE    C  N N 237 
MET OXT   O  N N 238 
MET H     H  N N 239 
MET H2    H  N N 240 
MET HA    H  N N 241 
MET HB2   H  N N 242 
MET HB3   H  N N 243 
MET HG2   H  N N 244 
MET HG3   H  N N 245 
MET HE1   H  N N 246 
MET HE2   H  N N 247 
MET HE3   H  N N 248 
MET HXT   H  N N 249 
PHE N     N  N N 250 
PHE CA    C  N S 251 
PHE C     C  N N 252 
PHE O     O  N N 253 
PHE CB    C  N N 254 
PHE CG    C  Y N 255 
PHE CD1   C  Y N 256 
PHE CD2   C  Y N 257 
PHE CE1   C  Y N 258 
PHE CE2   C  Y N 259 
PHE CZ    C  Y N 260 
PHE OXT   O  N N 261 
PHE H     H  N N 262 
PHE H2    H  N N 263 
PHE HA    H  N N 264 
PHE HB2   H  N N 265 
PHE HB3   H  N N 266 
PHE HD1   H  N N 267 
PHE HD2   H  N N 268 
PHE HE1   H  N N 269 
PHE HE2   H  N N 270 
PHE HZ    H  N N 271 
PHE HXT   H  N N 272 
PRO N     N  N N 273 
PRO CA    C  N S 274 
PRO C     C  N N 275 
PRO O     O  N N 276 
PRO CB    C  N N 277 
PRO CG    C  N N 278 
PRO CD    C  N N 279 
PRO OXT   O  N N 280 
PRO H     H  N N 281 
PRO HA    H  N N 282 
PRO HB2   H  N N 283 
PRO HB3   H  N N 284 
PRO HG2   H  N N 285 
PRO HG3   H  N N 286 
PRO HD2   H  N N 287 
PRO HD3   H  N N 288 
PRO HXT   H  N N 289 
SER N     N  N N 290 
SER CA    C  N S 291 
SER C     C  N N 292 
SER O     O  N N 293 
SER CB    C  N N 294 
SER OG    O  N N 295 
SER OXT   O  N N 296 
SER H     H  N N 297 
SER H2    H  N N 298 
SER HA    H  N N 299 
SER HB2   H  N N 300 
SER HB3   H  N N 301 
SER HG    H  N N 302 
SER HXT   H  N N 303 
THR N     N  N N 304 
THR CA    C  N S 305 
THR C     C  N N 306 
THR O     O  N N 307 
THR CB    C  N R 308 
THR OG1   O  N N 309 
THR CG2   C  N N 310 
THR OXT   O  N N 311 
THR H     H  N N 312 
THR H2    H  N N 313 
THR HA    H  N N 314 
THR HB    H  N N 315 
THR HG1   H  N N 316 
THR HG21  H  N N 317 
THR HG22  H  N N 318 
THR HG23  H  N N 319 
THR HXT   H  N N 320 
TRP N     N  N N 321 
TRP CA    C  N S 322 
TRP C     C  N N 323 
TRP O     O  N N 324 
TRP CB    C  N N 325 
TRP CG    C  Y N 326 
TRP CD1   C  Y N 327 
TRP CD2   C  Y N 328 
TRP NE1   N  Y N 329 
TRP CE2   C  Y N 330 
TRP CE3   C  Y N 331 
TRP CZ2   C  Y N 332 
TRP CZ3   C  Y N 333 
TRP CH2   C  Y N 334 
TRP OXT   O  N N 335 
TRP H     H  N N 336 
TRP H2    H  N N 337 
TRP HA    H  N N 338 
TRP HB2   H  N N 339 
TRP HB3   H  N N 340 
TRP HD1   H  N N 341 
TRP HE1   H  N N 342 
TRP HE3   H  N N 343 
TRP HZ2   H  N N 344 
TRP HZ3   H  N N 345 
TRP HH2   H  N N 346 
TRP HXT   H  N N 347 
TYR N     N  N N 348 
TYR CA    C  N S 349 
TYR C     C  N N 350 
TYR O     O  N N 351 
TYR CB    C  N N 352 
TYR CG    C  Y N 353 
TYR CD1   C  Y N 354 
TYR CD2   C  Y N 355 
TYR CE1   C  Y N 356 
TYR CE2   C  Y N 357 
TYR CZ    C  Y N 358 
TYR OH    O  N N 359 
TYR OXT   O  N N 360 
TYR H     H  N N 361 
TYR H2    H  N N 362 
TYR HA    H  N N 363 
TYR HB2   H  N N 364 
TYR HB3   H  N N 365 
TYR HD1   H  N N 366 
TYR HD2   H  N N 367 
TYR HE1   H  N N 368 
TYR HE2   H  N N 369 
TYR HH    H  N N 370 
TYR HXT   H  N N 371 
VAL N     N  N N 372 
VAL CA    C  N S 373 
VAL C     C  N N 374 
VAL O     O  N N 375 
VAL CB    C  N N 376 
VAL CG1   C  N N 377 
VAL CG2   C  N N 378 
VAL OXT   O  N N 379 
VAL H     H  N N 380 
VAL H2    H  N N 381 
VAL HA    H  N N 382 
VAL HB    H  N N 383 
VAL HG11  H  N N 384 
VAL HG12  H  N N 385 
VAL HG13  H  N N 386 
VAL HG21  H  N N 387 
VAL HG22  H  N N 388 
VAL HG23  H  N N 389 
VAL HXT   H  N N 390 
YAZ C1    C  N N 391 
YAZ "C1'" C  Y N 392 
YAZ C2    C  N N 393 
YAZ "C2'" C  Y N 394 
YAZ C3    C  N N 395 
YAZ "C3'" C  Y N 396 
YAZ "C4'" C  Y N 397 
YAZ "C5'" C  Y N 398 
YAZ "C6'" C  Y N 399 
YAZ O2    O  N N 400 
YAZ "O4'" O  N N 401 
YAZ CL13  CL N N 402 
YAZ O1    O  N N 403 
YAZ H1    H  N N 404 
YAZ H2    H  N N 405 
YAZ H3    H  N N 406 
YAZ H4    H  N N 407 
YAZ H5    H  N N 408 
YAZ H6    H  N N 409 
YAZ H7    H  N N 410 
# 
loop_
_chem_comp_bond.comp_id 
_chem_comp_bond.atom_id_1 
_chem_comp_bond.atom_id_2 
_chem_comp_bond.value_order 
_chem_comp_bond.pdbx_aromatic_flag 
_chem_comp_bond.pdbx_stereo_config 
_chem_comp_bond.pdbx_ordinal 
ALA N     CA    sing N N 1   
ALA N     H     sing N N 2   
ALA N     H2    sing N N 3   
ALA CA    C     sing N N 4   
ALA CA    CB    sing N N 5   
ALA CA    HA    sing N N 6   
ALA C     O     doub N N 7   
ALA C     OXT   sing N N 8   
ALA CB    HB1   sing N N 9   
ALA CB    HB2   sing N N 10  
ALA CB    HB3   sing N N 11  
ALA OXT   HXT   sing N N 12  
ARG N     CA    sing N N 13  
ARG N     H     sing N N 14  
ARG N     H2    sing N N 15  
ARG CA    C     sing N N 16  
ARG CA    CB    sing N N 17  
ARG CA    HA    sing N N 18  
ARG C     O     doub N N 19  
ARG C     OXT   sing N N 20  
ARG CB    CG    sing N N 21  
ARG CB    HB2   sing N N 22  
ARG CB    HB3   sing N N 23  
ARG CG    CD    sing N N 24  
ARG CG    HG2   sing N N 25  
ARG CG    HG3   sing N N 26  
ARG CD    NE    sing N N 27  
ARG CD    HD2   sing N N 28  
ARG CD    HD3   sing N N 29  
ARG NE    CZ    sing N N 30  
ARG NE    HE    sing N N 31  
ARG CZ    NH1   sing N N 32  
ARG CZ    NH2   doub N N 33  
ARG NH1   HH11  sing N N 34  
ARG NH1   HH12  sing N N 35  
ARG NH2   HH21  sing N N 36  
ARG NH2   HH22  sing N N 37  
ARG OXT   HXT   sing N N 38  
ASN N     CA    sing N N 39  
ASN N     H     sing N N 40  
ASN N     H2    sing N N 41  
ASN CA    C     sing N N 42  
ASN CA    CB    sing N N 43  
ASN CA    HA    sing N N 44  
ASN C     O     doub N N 45  
ASN C     OXT   sing N N 46  
ASN CB    CG    sing N N 47  
ASN CB    HB2   sing N N 48  
ASN CB    HB3   sing N N 49  
ASN CG    OD1   doub N N 50  
ASN CG    ND2   sing N N 51  
ASN ND2   HD21  sing N N 52  
ASN ND2   HD22  sing N N 53  
ASN OXT   HXT   sing N N 54  
ASP N     CA    sing N N 55  
ASP N     H     sing N N 56  
ASP N     H2    sing N N 57  
ASP CA    C     sing N N 58  
ASP CA    CB    sing N N 59  
ASP CA    HA    sing N N 60  
ASP C     O     doub N N 61  
ASP C     OXT   sing N N 62  
ASP CB    CG    sing N N 63  
ASP CB    HB2   sing N N 64  
ASP CB    HB3   sing N N 65  
ASP CG    OD1   doub N N 66  
ASP CG    OD2   sing N N 67  
ASP OD2   HD2   sing N N 68  
ASP OXT   HXT   sing N N 69  
CYS N     CA    sing N N 70  
CYS N     H     sing N N 71  
CYS N     H2    sing N N 72  
CYS CA    C     sing N N 73  
CYS CA    CB    sing N N 74  
CYS CA    HA    sing N N 75  
CYS C     O     doub N N 76  
CYS C     OXT   sing N N 77  
CYS CB    SG    sing N N 78  
CYS CB    HB2   sing N N 79  
CYS CB    HB3   sing N N 80  
CYS SG    HG    sing N N 81  
CYS OXT   HXT   sing N N 82  
GLN N     CA    sing N N 83  
GLN N     H     sing N N 84  
GLN N     H2    sing N N 85  
GLN CA    C     sing N N 86  
GLN CA    CB    sing N N 87  
GLN CA    HA    sing N N 88  
GLN C     O     doub N N 89  
GLN C     OXT   sing N N 90  
GLN CB    CG    sing N N 91  
GLN CB    HB2   sing N N 92  
GLN CB    HB3   sing N N 93  
GLN CG    CD    sing N N 94  
GLN CG    HG2   sing N N 95  
GLN CG    HG3   sing N N 96  
GLN CD    OE1   doub N N 97  
GLN CD    NE2   sing N N 98  
GLN NE2   HE21  sing N N 99  
GLN NE2   HE22  sing N N 100 
GLN OXT   HXT   sing N N 101 
GLU N     CA    sing N N 102 
GLU N     H     sing N N 103 
GLU N     H2    sing N N 104 
GLU CA    C     sing N N 105 
GLU CA    CB    sing N N 106 
GLU CA    HA    sing N N 107 
GLU C     O     doub N N 108 
GLU C     OXT   sing N N 109 
GLU CB    CG    sing N N 110 
GLU CB    HB2   sing N N 111 
GLU CB    HB3   sing N N 112 
GLU CG    CD    sing N N 113 
GLU CG    HG2   sing N N 114 
GLU CG    HG3   sing N N 115 
GLU CD    OE1   doub N N 116 
GLU CD    OE2   sing N N 117 
GLU OE2   HE2   sing N N 118 
GLU OXT   HXT   sing N N 119 
GLY N     CA    sing N N 120 
GLY N     H     sing N N 121 
GLY N     H2    sing N N 122 
GLY CA    C     sing N N 123 
GLY CA    HA2   sing N N 124 
GLY CA    HA3   sing N N 125 
GLY C     O     doub N N 126 
GLY C     OXT   sing N N 127 
GLY OXT   HXT   sing N N 128 
HIS N     CA    sing N N 129 
HIS N     H     sing N N 130 
HIS N     H2    sing N N 131 
HIS CA    C     sing N N 132 
HIS CA    CB    sing N N 133 
HIS CA    HA    sing N N 134 
HIS C     O     doub N N 135 
HIS C     OXT   sing N N 136 
HIS CB    CG    sing N N 137 
HIS CB    HB2   sing N N 138 
HIS CB    HB3   sing N N 139 
HIS CG    ND1   sing Y N 140 
HIS CG    CD2   doub Y N 141 
HIS ND1   CE1   doub Y N 142 
HIS ND1   HD1   sing N N 143 
HIS CD2   NE2   sing Y N 144 
HIS CD2   HD2   sing N N 145 
HIS CE1   NE2   sing Y N 146 
HIS CE1   HE1   sing N N 147 
HIS NE2   HE2   sing N N 148 
HIS OXT   HXT   sing N N 149 
HOH O     H1    sing N N 150 
HOH O     H2    sing N N 151 
ILE N     CA    sing N N 152 
ILE N     H     sing N N 153 
ILE N     H2    sing N N 154 
ILE CA    C     sing N N 155 
ILE CA    CB    sing N N 156 
ILE CA    HA    sing N N 157 
ILE C     O     doub N N 158 
ILE C     OXT   sing N N 159 
ILE CB    CG1   sing N N 160 
ILE CB    CG2   sing N N 161 
ILE CB    HB    sing N N 162 
ILE CG1   CD1   sing N N 163 
ILE CG1   HG12  sing N N 164 
ILE CG1   HG13  sing N N 165 
ILE CG2   HG21  sing N N 166 
ILE CG2   HG22  sing N N 167 
ILE CG2   HG23  sing N N 168 
ILE CD1   HD11  sing N N 169 
ILE CD1   HD12  sing N N 170 
ILE CD1   HD13  sing N N 171 
ILE OXT   HXT   sing N N 172 
LEU N     CA    sing N N 173 
LEU N     H     sing N N 174 
LEU N     H2    sing N N 175 
LEU CA    C     sing N N 176 
LEU CA    CB    sing N N 177 
LEU CA    HA    sing N N 178 
LEU C     O     doub N N 179 
LEU C     OXT   sing N N 180 
LEU CB    CG    sing N N 181 
LEU CB    HB2   sing N N 182 
LEU CB    HB3   sing N N 183 
LEU CG    CD1   sing N N 184 
LEU CG    CD2   sing N N 185 
LEU CG    HG    sing N N 186 
LEU CD1   HD11  sing N N 187 
LEU CD1   HD12  sing N N 188 
LEU CD1   HD13  sing N N 189 
LEU CD2   HD21  sing N N 190 
LEU CD2   HD22  sing N N 191 
LEU CD2   HD23  sing N N 192 
LEU OXT   HXT   sing N N 193 
LYS N     CA    sing N N 194 
LYS N     H     sing N N 195 
LYS N     H2    sing N N 196 
LYS CA    C     sing N N 197 
LYS CA    CB    sing N N 198 
LYS CA    HA    sing N N 199 
LYS C     O     doub N N 200 
LYS C     OXT   sing N N 201 
LYS CB    CG    sing N N 202 
LYS CB    HB2   sing N N 203 
LYS CB    HB3   sing N N 204 
LYS CG    CD    sing N N 205 
LYS CG    HG2   sing N N 206 
LYS CG    HG3   sing N N 207 
LYS CD    CE    sing N N 208 
LYS CD    HD2   sing N N 209 
LYS CD    HD3   sing N N 210 
LYS CE    NZ    sing N N 211 
LYS CE    HE2   sing N N 212 
LYS CE    HE3   sing N N 213 
LYS NZ    HZ1   sing N N 214 
LYS NZ    HZ2   sing N N 215 
LYS NZ    HZ3   sing N N 216 
LYS OXT   HXT   sing N N 217 
MET N     CA    sing N N 218 
MET N     H     sing N N 219 
MET N     H2    sing N N 220 
MET CA    C     sing N N 221 
MET CA    CB    sing N N 222 
MET CA    HA    sing N N 223 
MET C     O     doub N N 224 
MET C     OXT   sing N N 225 
MET CB    CG    sing N N 226 
MET CB    HB2   sing N N 227 
MET CB    HB3   sing N N 228 
MET CG    SD    sing N N 229 
MET CG    HG2   sing N N 230 
MET CG    HG3   sing N N 231 
MET SD    CE    sing N N 232 
MET CE    HE1   sing N N 233 
MET CE    HE2   sing N N 234 
MET CE    HE3   sing N N 235 
MET OXT   HXT   sing N N 236 
PHE N     CA    sing N N 237 
PHE N     H     sing N N 238 
PHE N     H2    sing N N 239 
PHE CA    C     sing N N 240 
PHE CA    CB    sing N N 241 
PHE CA    HA    sing N N 242 
PHE C     O     doub N N 243 
PHE C     OXT   sing N N 244 
PHE CB    CG    sing N N 245 
PHE CB    HB2   sing N N 246 
PHE CB    HB3   sing N N 247 
PHE CG    CD1   doub Y N 248 
PHE CG    CD2   sing Y N 249 
PHE CD1   CE1   sing Y N 250 
PHE CD1   HD1   sing N N 251 
PHE CD2   CE2   doub Y N 252 
PHE CD2   HD2   sing N N 253 
PHE CE1   CZ    doub Y N 254 
PHE CE1   HE1   sing N N 255 
PHE CE2   CZ    sing Y N 256 
PHE CE2   HE2   sing N N 257 
PHE CZ    HZ    sing N N 258 
PHE OXT   HXT   sing N N 259 
PRO N     CA    sing N N 260 
PRO N     CD    sing N N 261 
PRO N     H     sing N N 262 
PRO CA    C     sing N N 263 
PRO CA    CB    sing N N 264 
PRO CA    HA    sing N N 265 
PRO C     O     doub N N 266 
PRO C     OXT   sing N N 267 
PRO CB    CG    sing N N 268 
PRO CB    HB2   sing N N 269 
PRO CB    HB3   sing N N 270 
PRO CG    CD    sing N N 271 
PRO CG    HG2   sing N N 272 
PRO CG    HG3   sing N N 273 
PRO CD    HD2   sing N N 274 
PRO CD    HD3   sing N N 275 
PRO OXT   HXT   sing N N 276 
SER N     CA    sing N N 277 
SER N     H     sing N N 278 
SER N     H2    sing N N 279 
SER CA    C     sing N N 280 
SER CA    CB    sing N N 281 
SER CA    HA    sing N N 282 
SER C     O     doub N N 283 
SER C     OXT   sing N N 284 
SER CB    OG    sing N N 285 
SER CB    HB2   sing N N 286 
SER CB    HB3   sing N N 287 
SER OG    HG    sing N N 288 
SER OXT   HXT   sing N N 289 
THR N     CA    sing N N 290 
THR N     H     sing N N 291 
THR N     H2    sing N N 292 
THR CA    C     sing N N 293 
THR CA    CB    sing N N 294 
THR CA    HA    sing N N 295 
THR C     O     doub N N 296 
THR C     OXT   sing N N 297 
THR CB    OG1   sing N N 298 
THR CB    CG2   sing N N 299 
THR CB    HB    sing N N 300 
THR OG1   HG1   sing N N 301 
THR CG2   HG21  sing N N 302 
THR CG2   HG22  sing N N 303 
THR CG2   HG23  sing N N 304 
THR OXT   HXT   sing N N 305 
TRP N     CA    sing N N 306 
TRP N     H     sing N N 307 
TRP N     H2    sing N N 308 
TRP CA    C     sing N N 309 
TRP CA    CB    sing N N 310 
TRP CA    HA    sing N N 311 
TRP C     O     doub N N 312 
TRP C     OXT   sing N N 313 
TRP CB    CG    sing N N 314 
TRP CB    HB2   sing N N 315 
TRP CB    HB3   sing N N 316 
TRP CG    CD1   doub Y N 317 
TRP CG    CD2   sing Y N 318 
TRP CD1   NE1   sing Y N 319 
TRP CD1   HD1   sing N N 320 
TRP CD2   CE2   doub Y N 321 
TRP CD2   CE3   sing Y N 322 
TRP NE1   CE2   sing Y N 323 
TRP NE1   HE1   sing N N 324 
TRP CE2   CZ2   sing Y N 325 
TRP CE3   CZ3   doub Y N 326 
TRP CE3   HE3   sing N N 327 
TRP CZ2   CH2   doub Y N 328 
TRP CZ2   HZ2   sing N N 329 
TRP CZ3   CH2   sing Y N 330 
TRP CZ3   HZ3   sing N N 331 
TRP CH2   HH2   sing N N 332 
TRP OXT   HXT   sing N N 333 
TYR N     CA    sing N N 334 
TYR N     H     sing N N 335 
TYR N     H2    sing N N 336 
TYR CA    C     sing N N 337 
TYR CA    CB    sing N N 338 
TYR CA    HA    sing N N 339 
TYR C     O     doub N N 340 
TYR C     OXT   sing N N 341 
TYR CB    CG    sing N N 342 
TYR CB    HB2   sing N N 343 
TYR CB    HB3   sing N N 344 
TYR CG    CD1   doub Y N 345 
TYR CG    CD2   sing Y N 346 
TYR CD1   CE1   sing Y N 347 
TYR CD1   HD1   sing N N 348 
TYR CD2   CE2   doub Y N 349 
TYR CD2   HD2   sing N N 350 
TYR CE1   CZ    doub Y N 351 
TYR CE1   HE1   sing N N 352 
TYR CE2   CZ    sing Y N 353 
TYR CE2   HE2   sing N N 354 
TYR CZ    OH    sing N N 355 
TYR OH    HH    sing N N 356 
TYR OXT   HXT   sing N N 357 
VAL N     CA    sing N N 358 
VAL N     H     sing N N 359 
VAL N     H2    sing N N 360 
VAL CA    C     sing N N 361 
VAL CA    CB    sing N N 362 
VAL CA    HA    sing N N 363 
VAL C     O     doub N N 364 
VAL C     OXT   sing N N 365 
VAL CB    CG1   sing N N 366 
VAL CB    CG2   sing N N 367 
VAL CB    HB    sing N N 368 
VAL CG1   HG11  sing N N 369 
VAL CG1   HG12  sing N N 370 
VAL CG1   HG13  sing N N 371 
VAL CG2   HG21  sing N N 372 
VAL CG2   HG22  sing N N 373 
VAL CG2   HG23  sing N N 374 
VAL OXT   HXT   sing N N 375 
YAZ "C5'" "C6'" doub Y N 376 
YAZ "C5'" "C4'" sing Y N 377 
YAZ "O4'" "C4'" sing N N 378 
YAZ "C6'" "C1'" sing Y N 379 
YAZ "C4'" "C3'" doub Y N 380 
YAZ C2    C3    doub N E 381 
YAZ C2    C1    sing N N 382 
YAZ "C1'" C3    sing N N 383 
YAZ "C1'" "C2'" doub Y N 384 
YAZ "C3'" "C2'" sing Y N 385 
YAZ "C3'" CL13  sing N N 386 
YAZ C1    O2    doub N N 387 
YAZ C1    O1    sing N N 388 
YAZ C2    H1    sing N N 389 
YAZ "C2'" H2    sing N N 390 
YAZ C3    H3    sing N N 391 
YAZ "C5'" H4    sing N N 392 
YAZ "C6'" H5    sing N N 393 
YAZ "O4'" H6    sing N N 394 
YAZ O1    H7    sing N N 395 
# 
loop_
_pdbx_audit_support.funding_organization 
_pdbx_audit_support.country 
_pdbx_audit_support.grant_number 
_pdbx_audit_support.ordinal 
'National Institutes of Health/Office of the Director' 'United States' R35GM11804401 1 
'National Science Foundation (NSF, United States)'     'United States' CHE-17406456  2 
# 
_pdbx_initial_refinement_model.id               1 
_pdbx_initial_refinement_model.entity_id_list   ? 
_pdbx_initial_refinement_model.type             'experimental model' 
_pdbx_initial_refinement_model.source_name      PDB 
_pdbx_initial_refinement_model.accession_code   1NWZ 
_pdbx_initial_refinement_model.details          ? 
# 
_atom_sites.entry_id                    6MHN 
_atom_sites.fract_transf_matrix[1][1]   -0.01230812 
_atom_sites.fract_transf_matrix[1][2]   -0.00661767 
_atom_sites.fract_transf_matrix[1][3]   0.01041617 
_atom_sites.fract_transf_matrix[2][1]   -0.00814678 
_atom_sites.fract_transf_matrix[2][2]   0.01027338 
_atom_sites.fract_transf_matrix[2][3]   0.01148293 
_atom_sites.fract_transf_matrix[3][1]   -0.01710813 
_atom_sites.fract_transf_matrix[3][2]   0.00527970 
_atom_sites.fract_transf_matrix[3][3]   -0.01686124 
_atom_sites.fract_transf_vector[1]      -0.026088 
_atom_sites.fract_transf_vector[2]      -0.336428 
_atom_sites.fract_transf_vector[3]      -0.205364 
# 
loop_
_atom_type.symbol 
C  
CL 
N  
O  
S  
# 
loop_
_atom_site.group_PDB 
_atom_site.id 
_atom_site.type_symbol 
_atom_site.label_atom_id 
_atom_site.label_alt_id 
_atom_site.label_comp_id 
_atom_site.label_asym_id 
_atom_site.label_entity_id 
_atom_site.label_seq_id 
_atom_site.pdbx_PDB_ins_code 
_atom_site.Cartn_x 
_atom_site.Cartn_y 
_atom_site.Cartn_z 
_atom_site.occupancy 
_atom_site.B_iso_or_equiv 
_atom_site.pdbx_formal_charge 
_atom_site.auth_seq_id 
_atom_site.auth_comp_id 
_atom_site.auth_asym_id 
_atom_site.auth_atom_id 
_atom_site.pdbx_PDB_model_num 
ATOM   1    N  N     . MET A 1 1   ? -5.942  -12.473 13.766  1.00 33.03 ? 1   MET A N     1 
ATOM   2    C  CA    . MET A 1 1   ? -5.041  -11.347 13.528  1.00 34.56 ? 1   MET A CA    1 
ATOM   3    C  C     . MET A 1 1   ? -3.623  -11.870 13.274  1.00 37.79 ? 1   MET A C     1 
ATOM   4    O  O     . MET A 1 1   ? -3.033  -12.536 14.127  1.00 38.66 ? 1   MET A O     1 
ATOM   5    C  CB    . MET A 1 1   ? -5.093  -10.366 14.715  1.00 34.49 ? 1   MET A CB    1 
ATOM   6    C  CG    . MET A 1 1   ? -3.765  -9.734  15.137  1.00 43.62 ? 1   MET A CG    1 
ATOM   7    S  SD    . MET A 1 1   ? -3.328  -8.239  14.219  1.00 58.22 ? 1   MET A SD    1 
ATOM   8    C  CE    . MET A 1 1   ? -4.404  -7.028  14.972  1.00 34.82 ? 1   MET A CE    1 
ATOM   9    N  N     . GLU A 1 2   ? -3.098  -11.593 12.080  1.00 25.82 ? 2   GLU A N     1 
ATOM   10   C  CA    . GLU A 1 2   ? -1.753  -12.027 11.732  1.00 23.87 ? 2   GLU A CA    1 
ATOM   11   C  C     . GLU A 1 2   ? -0.722  -11.294 12.584  1.00 26.72 ? 2   GLU A C     1 
ATOM   12   O  O     . GLU A 1 2   ? -0.870  -10.107 12.880  1.00 33.31 ? 2   GLU A O     1 
ATOM   13   C  CB    . GLU A 1 2   ? -1.491  -11.773 10.249  1.00 26.94 ? 2   GLU A CB    1 
ATOM   14   C  CG    . GLU A 1 2   ? -0.198  -12.353 9.749   1.00 34.35 ? 2   GLU A CG    1 
ATOM   15   C  CD    . GLU A 1 2   ? -0.241  -13.859 9.573   1.00 44.89 ? 2   GLU A CD    1 
ATOM   16   O  OE1   . GLU A 1 2   ? -1.353  -14.418 9.428   1.00 42.73 ? 2   GLU A OE1   1 
ATOM   17   O  OE2   . GLU A 1 2   ? 0.845   -14.482 9.569   1.00 47.13 ? 2   GLU A OE2   1 
ATOM   18   N  N     . HIS A 1 3   ? 0.336   -12.006 12.969  1.00 23.60 ? 3   HIS A N     1 
ATOM   19   C  CA    . HIS A 1 3   ? 1.316   -11.484 13.929  1.00 18.65 ? 3   HIS A CA    1 
ATOM   20   C  C     . HIS A 1 3   ? 2.498   -10.855 13.190  1.00 19.52 ? 3   HIS A C     1 
ATOM   21   O  O     . HIS A 1 3   ? 3.603   -11.398 13.136  1.00 24.79 ? 3   HIS A O     1 
ATOM   22   C  CB    . HIS A 1 3   ? 1.774   -12.599 14.863  1.00 24.96 ? 3   HIS A CB    1 
ATOM   23   C  CG    . HIS A 1 3   ? 0.664   -13.219 15.651  1.00 34.56 ? 3   HIS A CG    1 
ATOM   24   N  ND1   . HIS A 1 3   ? -0.280  -12.471 16.322  1.00 39.66 ? 3   HIS A ND1   1 
ATOM   25   C  CD2   . HIS A 1 3   ? 0.346   -14.516 15.876  1.00 36.63 ? 3   HIS A CD2   1 
ATOM   26   C  CE1   . HIS A 1 3   ? -1.132  -13.280 16.927  1.00 35.23 ? 3   HIS A CE1   1 
ATOM   27   N  NE2   . HIS A 1 3   ? -0.774  -14.525 16.672  1.00 40.05 ? 3   HIS A NE2   1 
ATOM   28   N  N     . VAL A 1 4   ? 2.238   -9.690  12.597  1.00 18.09 ? 4   VAL A N     1 
ATOM   29   C  CA    . VAL A 1 4   ? 3.237   -8.943  11.837  1.00 11.26 ? 4   VAL A CA    1 
ATOM   30   C  C     . VAL A 1 4   ? 3.151   -7.477  12.235  1.00 9.28  ? 4   VAL A C     1 
ATOM   31   O  O     . VAL A 1 4   ? 2.064   -6.891  12.212  1.00 12.62 ? 4   VAL A O     1 
ATOM   32   C  CB    . VAL A 1 4   ? 3.028   -9.069  10.316  1.00 15.56 ? 4   VAL A CB    1 
ATOM   33   C  CG1   . VAL A 1 4   ? 4.168   -8.369  9.586   1.00 18.88 ? 4   VAL A CG1   1 
ATOM   34   C  CG2   . VAL A 1 4   ? 2.923   -10.526 9.903   1.00 23.79 ? 4   VAL A CG2   1 
ATOM   35   N  N     . ALA A 1 5   ? 4.291   -6.879  12.588  1.00 11.71 ? 5   ALA A N     1 
ATOM   36   C  CA    . ALA A 1 5   ? 4.318   -5.476  12.976  1.00 11.57 ? 5   ALA A CA    1 
ATOM   37   C  C     . ALA A 1 5   ? 4.564   -4.591  11.762  1.00 13.43 ? 5   ALA A C     1 
ATOM   38   O  O     . ALA A 1 5   ? 5.356   -4.936  10.878  1.00 11.94 ? 5   ALA A O     1 
ATOM   39   C  CB    . ALA A 1 5   ? 5.402   -5.221  14.028  1.00 12.38 ? 5   ALA A CB    1 
ATOM   40   N  N     . PHE A 1 6   ? 3.880   -3.443  11.731  1.00 8.68  ? 6   PHE A N     1 
ATOM   41   C  CA    . PHE A 1 6   ? 4.165   -2.415  10.740  1.00 7.53  ? 6   PHE A CA    1 
ATOM   42   C  C     . PHE A 1 6   ? 5.643   -2.034  10.766  1.00 10.13 ? 6   PHE A C     1 
ATOM   43   O  O     . PHE A 1 6   ? 6.208   -1.759  11.826  1.00 11.38 ? 6   PHE A O     1 
ATOM   44   C  CB    . PHE A 1 6   ? 3.290   -1.186  11.017  1.00 8.31  ? 6   PHE A CB    1 
ATOM   45   C  CG    . PHE A 1 6   ? 3.452   -0.080  10.012  1.00 8.91  ? 6   PHE A CG    1 
ATOM   46   C  CD1   . PHE A 1 6   ? 4.430   0.888   10.187  1.00 8.79  ? 6   PHE A CD1   1 
ATOM   47   C  CD2   . PHE A 1 6   ? 2.621   -0.002  8.895   1.00 7.44  ? 6   PHE A CD2   1 
ATOM   48   C  CE1   . PHE A 1 6   ? 4.581   1.904   9.268   1.00 9.32  ? 6   PHE A CE1   1 
ATOM   49   C  CE2   . PHE A 1 6   ? 2.760   1.035   7.980   1.00 6.74  ? 6   PHE A CE2   1 
ATOM   50   C  CZ    . PHE A 1 6   ? 3.748   1.975   8.162   1.00 7.06  ? 6   PHE A CZ    1 
ATOM   51   N  N     . GLY A 1 7   ? 6.273   -2.037  9.594   1.00 11.65 ? 7   GLY A N     1 
ATOM   52   C  CA    . GLY A 1 7   ? 7.661   -1.632  9.480   1.00 11.40 ? 7   GLY A CA    1 
ATOM   53   C  C     . GLY A 1 7   ? 8.680   -2.703  9.791   1.00 12.36 ? 7   GLY A C     1 
ATOM   54   O  O     . GLY A 1 7   ? 9.881   -2.395  9.865   1.00 12.92 ? 7   GLY A O     1 
ATOM   55   N  N     . SER A 1 8   ? 8.257   -3.948  9.972   1.00 12.78 ? 8   SER A N     1 
ATOM   56   C  CA    . SER A 1 8   ? 9.208   -4.992  10.313  1.00 12.95 ? 8   SER A CA    1 
ATOM   57   C  C     . SER A 1 8   ? 10.179  -5.217  9.157   1.00 18.36 ? 8   SER A C     1 
ATOM   58   O  O     . SER A 1 8   ? 9.837   -5.058  7.981   1.00 16.69 ? 8   SER A O     1 
ATOM   59   C  CB    . SER A 1 8   ? 8.471   -6.285  10.667  1.00 19.21 ? 8   SER A CB    1 
ATOM   60   O  OG    . SER A 1 8   ? 7.418   -6.541  9.766   1.00 25.12 ? 8   SER A OG    1 
ATOM   61   N  N     . GLU A 1 9   ? 11.416  -5.578  9.507   1.00 16.00 ? 9   GLU A N     1 
ATOM   62   C  CA    . GLU A 1 9   ? 12.485  -5.604  8.513   1.00 23.56 ? 9   GLU A CA    1 
ATOM   63   C  C     . GLU A 1 9   ? 12.281  -6.696  7.472   1.00 20.60 ? 9   GLU A C     1 
ATOM   64   O  O     . GLU A 1 9   ? 12.719  -6.543  6.323   1.00 20.50 ? 9   GLU A O     1 
ATOM   65   C  CB    . GLU A 1 9   ? 13.837  -5.786  9.204   1.00 27.35 ? 9   GLU A CB    1 
ATOM   66   C  CG    . GLU A 1 9   ? 14.912  -4.856  8.673   1.00 40.64 ? 9   GLU A CG    1 
ATOM   67   C  CD    . GLU A 1 9   ? 15.408  -5.255  7.298   1.00 45.35 ? 9   GLU A CD    1 
ATOM   68   O  OE1   . GLU A 1 9   ? 15.644  -6.465  7.079   1.00 48.30 ? 9   GLU A OE1   1 
ATOM   69   O  OE2   . GLU A 1 9   ? 15.548  -4.361  6.433   1.00 49.62 ? 9   GLU A OE2   1 
ATOM   70   N  N     . ASP A 1 10  ? 11.643  -7.802  7.841   1.00 17.46 ? 10  ASP A N     1 
ATOM   71   C  CA    . ASP A 1 10  ? 11.458  -8.918  6.921   1.00 23.40 ? 10  ASP A CA    1 
ATOM   72   C  C     . ASP A 1 10  ? 10.012  -9.036  6.459   1.00 16.76 ? 10  ASP A C     1 
ATOM   73   O  O     . ASP A 1 10  ? 9.560   -10.119 6.088   1.00 20.64 ? 10  ASP A O     1 
ATOM   74   C  CB    . ASP A 1 10  ? 11.919  -10.226 7.560   1.00 22.93 ? 10  ASP A CB    1 
ATOM   75   C  CG    . ASP A 1 10  ? 11.165  -10.556 8.834   1.00 27.84 ? 10  ASP A CG    1 
ATOM   76   O  OD1   . ASP A 1 10  ? 10.437  -9.676  9.355   1.00 27.55 ? 10  ASP A OD1   1 
ATOM   77   O  OD2   . ASP A 1 10  ? 11.304  -11.702 9.318   1.00 36.46 ? 10  ASP A OD2   1 
ATOM   78   N  N     . ILE A 1 11  ? 9.283   -7.915  6.448   1.00 15.22 ? 11  ILE A N     1 
ATOM   79   C  CA    . ILE A 1 11  ? 7.848   -7.964  6.183   1.00 17.00 ? 11  ILE A CA    1 
ATOM   80   C  C     . ILE A 1 11  ? 7.562   -8.563  4.806   1.00 14.84 ? 11  ILE A C     1 
ATOM   81   O  O     . ILE A 1 11  ? 6.573   -9.281  4.625   1.00 14.62 ? 11  ILE A O     1 
ATOM   82   C  CB    . ILE A 1 11  ? 7.234   -6.560  6.343   1.00 11.70 ? 11  ILE A CB    1 
ATOM   83   C  CG1   . ILE A 1 11  ? 5.710   -6.624  6.276   1.00 12.31 ? 11  ILE A CG1   1 
ATOM   84   C  CG2   . ILE A 1 11  ? 7.796   -5.588  5.300   1.00 13.42 ? 11  ILE A CG2   1 
ATOM   85   C  CD1   . ILE A 1 11  ? 5.049   -5.369  6.850   1.00 15.75 ? 11  ILE A CD1   1 
ATOM   86   N  N     . GLU A 1 12  ? 8.419   -8.291  3.819   1.00 15.08 ? 12  GLU A N     1 
ATOM   87   C  CA    . GLU A 1 12  ? 8.132   -8.804  2.484   1.00 16.10 ? 12  GLU A CA    1 
ATOM   88   C  C     . GLU A 1 12  ? 8.237   -10.326 2.428   1.00 18.33 ? 12  GLU A C     1 
ATOM   89   O  O     . GLU A 1 12  ? 7.537   -10.952 1.629   1.00 18.41 ? 12  GLU A O     1 
ATOM   90   C  CB    . GLU A 1 12  ? 9.050   -8.148  1.443   1.00 18.54 ? 12  GLU A CB    1 
ATOM   91   C  CG    . GLU A 1 12  ? 10.512  -8.576  1.465   1.00 19.91 ? 12  GLU A CG    1 
ATOM   92   C  CD    . GLU A 1 12  ? 11.373  -7.830  2.476   1.00 23.73 ? 12  GLU A CD    1 
ATOM   93   O  OE1   . GLU A 1 12  ? 10.824  -7.176  3.392   1.00 19.05 ? 12  GLU A OE1   1 
ATOM   94   O  OE2   . GLU A 1 12  ? 12.617  -7.908  2.352   1.00 24.47 ? 12  GLU A OE2   1 
ATOM   95   N  N     . ASN A 1 13  ? 9.084   -10.936 3.266   1.00 16.46 ? 13  ASN A N     1 
ATOM   96   C  CA    . ASN A 1 13  ? 9.130   -12.398 3.339   1.00 17.97 ? 13  ASN A CA    1 
ATOM   97   C  C     . ASN A 1 13  ? 7.881   -12.952 4.014   1.00 19.29 ? 13  ASN A C     1 
ATOM   98   O  O     . ASN A 1 13  ? 7.288   -13.930 3.543   1.00 17.88 ? 13  ASN A O     1 
ATOM   99   C  CB    . ASN A 1 13  ? 10.382  -12.853 4.093   1.00 19.18 ? 13  ASN A CB    1 
ATOM   100  C  CG    . ASN A 1 13  ? 11.655  -12.686 3.281   1.00 24.17 ? 13  ASN A CG    1 
ATOM   101  O  OD1   . ASN A 1 13  ? 11.975  -11.591 2.836   1.00 27.07 ? 13  ASN A OD1   1 
ATOM   102  N  ND2   . ASN A 1 13  ? 12.400  -13.776 3.104   1.00 20.27 ? 13  ASN A ND2   1 
ATOM   103  N  N     . THR A 1 14  ? 7.479   -12.348 5.139   1.00 16.27 ? 14  THR A N     1 
ATOM   104  C  CA    . THR A 1 14  ? 6.299   -12.811 5.861   1.00 19.00 ? 14  THR A CA    1 
ATOM   105  C  C     . THR A 1 14  ? 5.050   -12.734 4.993   1.00 20.06 ? 14  THR A C     1 
ATOM   106  O  O     . THR A 1 14  ? 4.232   -13.660 4.984   1.00 18.97 ? 14  THR A O     1 
ATOM   107  C  CB    . THR A 1 14  ? 6.100   -11.980 7.129   1.00 21.58 ? 14  THR A CB    1 
ATOM   108  O  OG1   . THR A 1 14  ? 7.349   -11.848 7.813   1.00 22.58 ? 14  THR A OG1   1 
ATOM   109  C  CG2   . THR A 1 14  ? 5.095   -12.641 8.045   1.00 23.35 ? 14  THR A CG2   1 
ATOM   110  N  N     . LEU A 1 15  ? 4.874   -11.629 4.269   1.00 17.92 ? 15  LEU A N     1 
ATOM   111  C  CA    . LEU A 1 15  ? 3.657   -11.441 3.496   1.00 17.63 ? 15  LEU A CA    1 
ATOM   112  C  C     . LEU A 1 15  ? 3.639   -12.266 2.220   1.00 20.39 ? 15  LEU A C     1 
ATOM   113  O  O     . LEU A 1 15  ? 2.570   -12.413 1.619   1.00 24.36 ? 15  LEU A O     1 
ATOM   114  C  CB    . LEU A 1 15  ? 3.470   -9.958  3.148   1.00 14.76 ? 15  LEU A CB    1 
ATOM   115  C  CG    . LEU A 1 15  ? 3.286   -8.936  4.272   1.00 24.31 ? 15  LEU A CG    1 
ATOM   116  C  CD1   . LEU A 1 15  ? 2.332   -7.856  3.819   1.00 14.85 ? 15  LEU A CD1   1 
ATOM   117  C  CD2   . LEU A 1 15  ? 2.820   -9.539  5.576   1.00 19.79 ? 15  LEU A CD2   1 
ATOM   118  N  N     . ALA A 1 16  ? 4.786   -12.813 1.805   1.00 20.53 ? 16  ALA A N     1 
ATOM   119  C  CA    . ALA A 1 16  ? 4.849   -13.630 0.594   1.00 18.68 ? 16  ALA A CA    1 
ATOM   120  C  C     . ALA A 1 16  ? 3.921   -14.839 0.646   1.00 15.20 ? 16  ALA A C     1 
ATOM   121  O  O     . ALA A 1 16  ? 3.527   -15.339 -0.409  1.00 21.69 ? 16  ALA A O     1 
ATOM   122  C  CB    . ALA A 1 16  ? 6.286   -14.097 0.357   1.00 15.82 ? 16  ALA A CB    1 
ATOM   123  N  N     . LYS A 1 17  ? 3.546   -15.308 1.837   1.00 16.80 ? 17  LYS A N     1 
ATOM   124  C  CA    . LYS A 1 17  ? 2.742   -16.517 1.978   1.00 23.27 ? 17  LYS A CA    1 
ATOM   125  C  C     . LYS A 1 17  ? 1.246   -16.242 2.043   1.00 29.52 ? 17  LYS A C     1 
ATOM   126  O  O     . LYS A 1 17  ? 0.454   -17.192 2.091   1.00 25.64 ? 17  LYS A O     1 
ATOM   127  C  CB    . LYS A 1 17  ? 3.169   -17.281 3.235   1.00 23.97 ? 17  LYS A CB    1 
ATOM   128  C  CG    . LYS A 1 17  ? 2.628   -16.687 4.528   1.00 23.16 ? 17  LYS A CG    1 
ATOM   129  C  CD    . LYS A 1 17  ? 3.538   -17.029 5.699   1.00 27.17 ? 17  LYS A CD    1 
ATOM   130  C  CE    . LYS A 1 17  ? 2.980   -16.514 7.022   1.00 35.52 ? 17  LYS A CE    1 
ATOM   131  N  NZ    . LYS A 1 17  ? 3.883   -16.852 8.166   1.00 35.57 ? 17  LYS A NZ    1 
ATOM   132  N  N     . MET A 1 18  ? 0.838   -14.977 2.027   1.00 28.67 ? 18  MET A N     1 
ATOM   133  C  CA    . MET A 1 18  ? -0.522  -14.598 2.382   1.00 30.00 ? 18  MET A CA    1 
ATOM   134  C  C     . MET A 1 18  ? -1.393  -14.439 1.144   1.00 31.17 ? 18  MET A C     1 
ATOM   135  O  O     . MET A 1 18  ? -1.098  -13.621 0.265   1.00 31.60 ? 18  MET A O     1 
ATOM   136  C  CB    . MET A 1 18  ? -0.512  -13.307 3.194   1.00 24.82 ? 18  MET A CB    1 
ATOM   137  C  CG    . MET A 1 18  ? 0.095   -13.510 4.543   1.00 25.79 ? 18  MET A CG    1 
ATOM   138  S  SD    . MET A 1 18  ? -0.083  -12.105 5.643   1.00 25.11 ? 18  MET A SD    1 
ATOM   139  C  CE    . MET A 1 18  ? 1.286   -12.474 6.734   1.00 28.40 ? 18  MET A CE    1 
ATOM   140  N  N     . ASP A 1 19  ? -2.466  -15.223 1.091   1.00 34.42 ? 19  ASP A N     1 
ATOM   141  C  CA    . ASP A 1 19  ? -3.565  -14.971 0.176   1.00 35.10 ? 19  ASP A CA    1 
ATOM   142  C  C     . ASP A 1 19  ? -4.337  -13.739 0.638   1.00 34.59 ? 19  ASP A C     1 
ATOM   143  O  O     . ASP A 1 19  ? -4.082  -13.174 1.709   1.00 26.25 ? 19  ASP A O     1 
ATOM   144  C  CB    . ASP A 1 19  ? -4.484  -16.190 0.107   1.00 36.83 ? 19  ASP A CB    1 
ATOM   145  C  CG    . ASP A 1 19  ? -4.978  -16.630 1.478   1.00 43.17 ? 19  ASP A CG    1 
ATOM   146  O  OD1   . ASP A 1 19  ? -5.753  -15.881 2.112   1.00 46.04 ? 19  ASP A OD1   1 
ATOM   147  O  OD2   . ASP A 1 19  ? -4.589  -17.730 1.927   1.00 51.17 ? 19  ASP A OD2   1 
ATOM   148  N  N     . ASP A 1 20  ? -5.323  -13.338 -0.169  1.00 28.69 ? 20  ASP A N     1 
ATOM   149  C  CA    . ASP A 1 20  ? -6.116  -12.161 0.173   1.00 33.31 ? 20  ASP A CA    1 
ATOM   150  C  C     . ASP A 1 20  ? -6.759  -12.287 1.551   1.00 30.96 ? 20  ASP A C     1 
ATOM   151  O  O     . ASP A 1 20  ? -6.958  -11.277 2.235   1.00 32.21 ? 20  ASP A O     1 
ATOM   152  C  CB    . ASP A 1 20  ? -7.180  -11.917 -0.900  1.00 29.26 ? 20  ASP A CB    1 
ATOM   153  C  CG    . ASP A 1 20  ? -6.601  -11.285 -2.161  1.00 41.37 ? 20  ASP A CG    1 
ATOM   154  O  OD1   . ASP A 1 20  ? -7.249  -11.370 -3.227  1.00 49.37 ? 20  ASP A OD1   1 
ATOM   155  O  OD2   . ASP A 1 20  ? -5.494  -10.706 -2.090  1.00 41.01 ? 20  ASP A OD2   1 
ATOM   156  N  N     . GLY A 1 21  ? -7.070  -13.510 1.987   1.00 32.39 ? 21  GLY A N     1 
ATOM   157  C  CA    . GLY A 1 21  ? -7.700  -13.680 3.285   1.00 29.15 ? 21  GLY A CA    1 
ATOM   158  C  C     . GLY A 1 21  ? -6.764  -13.396 4.446   1.00 27.47 ? 21  GLY A C     1 
ATOM   159  O  O     . GLY A 1 21  ? -7.152  -12.749 5.421   1.00 27.03 ? 21  GLY A O     1 
ATOM   160  N  N     . GLN A 1 22  ? -5.521  -13.877 4.366   1.00 27.21 ? 22  GLN A N     1 
ATOM   161  C  CA    . GLN A 1 22  ? -4.578  -13.622 5.451   1.00 24.98 ? 22  GLN A CA    1 
ATOM   162  C  C     . GLN A 1 22  ? -4.131  -12.169 5.468   1.00 15.74 ? 22  GLN A C     1 
ATOM   163  O  O     . GLN A 1 22  ? -3.842  -11.624 6.539   1.00 19.67 ? 22  GLN A O     1 
ATOM   164  C  CB    . GLN A 1 22  ? -3.357  -14.525 5.334   1.00 30.18 ? 22  GLN A CB    1 
ATOM   165  C  CG    . GLN A 1 22  ? -3.623  -15.993 5.549   1.00 33.28 ? 22  GLN A CG    1 
ATOM   166  C  CD    . GLN A 1 22  ? -2.512  -16.836 4.975   1.00 34.09 ? 22  GLN A CD    1 
ATOM   167  O  OE1   . GLN A 1 22  ? -1.500  -17.083 5.632   1.00 48.42 ? 22  GLN A OE1   1 
ATOM   168  N  NE2   . GLN A 1 22  ? -2.677  -17.256 3.729   1.00 40.04 ? 22  GLN A NE2   1 
ATOM   169  N  N     . LEU A 1 23  ? -4.051  -11.534 4.298   1.00 19.83 ? 23  LEU A N     1 
ATOM   170  C  CA    . LEU A 1 23  ? -3.755  -10.107 4.267   1.00 18.54 ? 23  LEU A CA    1 
ATOM   171  C  C     . LEU A 1 23  ? -4.779  -9.320  5.078   1.00 14.33 ? 23  LEU A C     1 
ATOM   172  O  O     . LEU A 1 23  ? -4.434  -8.335  5.742   1.00 13.39 ? 23  LEU A O     1 
ATOM   173  C  CB    . LEU A 1 23  ? -3.722  -9.613  2.823   1.00 21.03 ? 23  LEU A CB    1 
ATOM   174  C  CG    . LEU A 1 23  ? -2.594  -8.662  2.449   1.00 22.10 ? 23  LEU A CG    1 
ATOM   175  C  CD1   . LEU A 1 23  ? -1.246  -9.373  2.542   1.00 19.58 ? 23  LEU A CD1   1 
ATOM   176  C  CD2   . LEU A 1 23  ? -2.836  -8.084  1.057   1.00 20.44 ? 23  LEU A CD2   1 
ATOM   177  N  N     . ASP A 1 24  ? -6.046  -9.743  5.043   1.00 14.80 ? 24  ASP A N     1 
ATOM   178  C  CA    . ASP A 1 24  ? -7.077  -9.066  5.820   1.00 18.47 ? 24  ASP A CA    1 
ATOM   179  C  C     . ASP A 1 24  ? -6.857  -9.211  7.319   1.00 16.31 ? 24  ASP A C     1 
ATOM   180  O  O     . ASP A 1 24  ? -7.447  -8.455  8.094   1.00 23.43 ? 24  ASP A O     1 
ATOM   181  C  CB    . ASP A 1 24  ? -8.468  -9.601  5.460   1.00 17.43 ? 24  ASP A CB    1 
ATOM   182  C  CG    . ASP A 1 24  ? -8.905  -9.221  4.052   1.00 26.63 ? 24  ASP A CG    1 
ATOM   183  O  OD1   . ASP A 1 24  ? -8.383  -8.230  3.497   1.00 20.92 ? 24  ASP A OD1   1 
ATOM   184  O  OD2   . ASP A 1 24  ? -9.790  -9.913  3.499   1.00 25.80 ? 24  ASP A OD2   1 
ATOM   185  N  N     . GLY A 1 25  ? -6.034  -10.160 7.742   1.00 15.84 ? 25  GLY A N     1 
ATOM   186  C  CA    . GLY A 1 25  ? -5.730  -10.302 9.147   1.00 19.24 ? 25  GLY A CA    1 
ATOM   187  C  C     . GLY A 1 25  ? -4.662  -9.380  9.684   1.00 18.48 ? 25  GLY A C     1 
ATOM   188  O  O     . GLY A 1 25  ? -4.403  -9.405  10.889  1.00 21.38 ? 25  GLY A O     1 
ATOM   189  N  N     . LEU A 1 26  ? -4.041  -8.555  8.836   1.00 14.52 ? 26  LEU A N     1 
ATOM   190  C  CA    . LEU A 1 26  ? -2.985  -7.664  9.301   1.00 11.55 ? 26  LEU A CA    1 
ATOM   191  C  C     . LEU A 1 26  ? -3.553  -6.504  10.117  1.00 12.76 ? 26  LEU A C     1 
ATOM   192  O  O     . LEU A 1 26  ? -4.703  -6.083  9.940   1.00 16.74 ? 26  LEU A O     1 
ATOM   193  C  CB    . LEU A 1 26  ? -2.196  -7.115  8.114   1.00 12.43 ? 26  LEU A CB    1 
ATOM   194  C  CG    . LEU A 1 26  ? -1.350  -8.124  7.340   1.00 13.83 ? 26  LEU A CG    1 
ATOM   195  C  CD1   . LEU A 1 26  ? -0.772  -7.457  6.103   1.00 16.37 ? 26  LEU A CD1   1 
ATOM   196  C  CD2   . LEU A 1 26  ? -0.244  -8.694  8.229   1.00 16.43 ? 26  LEU A CD2   1 
ATOM   197  N  N     . ALA A 1 27  ? -2.720  -5.978  11.019  1.00 11.90 ? 27  ALA A N     1 
ATOM   198  C  CA    . ALA A 1 27  ? -3.088  -4.858  11.876  1.00 10.51 ? 27  ALA A CA    1 
ATOM   199  C  C     . ALA A 1 27  ? -3.042  -3.518  11.158  1.00 11.59 ? 27  ALA A C     1 
ATOM   200  O  O     . ALA A 1 27  ? -3.494  -2.517  11.716  1.00 15.30 ? 27  ALA A O     1 
ATOM   201  C  CB    . ALA A 1 27  ? -2.158  -4.793  13.087  1.00 12.13 ? 27  ALA A CB    1 
ATOM   202  N  N     . PHE A 1 28  ? -2.520  -3.481  9.948   1.00 9.13  ? 28  PHE A N     1 
ATOM   203  C  CA    . PHE A 1 28  ? -2.309  -2.247  9.218   1.00 8.29  ? 28  PHE A CA    1 
ATOM   204  C  C     . PHE A 1 28  ? -2.788  -2.448  7.793   1.00 8.29  ? 28  PHE A C     1 
ATOM   205  O  O     . PHE A 1 28  ? -2.994  -3.578  7.338   1.00 9.38  ? 28  PHE A O     1 
ATOM   206  C  CB    . PHE A 1 28  ? -0.825  -1.840  9.225   1.00 8.20  ? 28  PHE A CB    1 
ATOM   207  C  CG    . PHE A 1 28  ? 0.097   -2.976  8.907   1.00 8.81  ? 28  PHE A CG    1 
ATOM   208  C  CD1   . PHE A 1 28  ? 0.434   -3.261  7.595   1.00 9.56  ? 28  PHE A CD1   1 
ATOM   209  C  CD2   . PHE A 1 28  ? 0.591   -3.782  9.914   1.00 10.58 ? 28  PHE A CD2   1 
ATOM   210  C  CE1   . PHE A 1 28  ? 1.267   -4.335  7.293   1.00 13.36 ? 28  PHE A CE1   1 
ATOM   211  C  CE2   . PHE A 1 28  ? 1.419   -4.846  9.627   1.00 11.02 ? 28  PHE A CE2   1 
ATOM   212  C  CZ    . PHE A 1 28  ? 1.756   -5.132  8.314   1.00 11.61 ? 28  PHE A CZ    1 
ATOM   213  N  N     . GLY A 1 29  ? -2.952  -1.331  7.089   1.00 7.27  ? 29  GLY A N     1 
ATOM   214  C  CA    . GLY A 1 29  ? -3.344  -1.396  5.699   1.00 6.55  ? 29  GLY A CA    1 
ATOM   215  C  C     . GLY A 1 29  ? -2.208  -1.916  4.845   1.00 5.79  ? 29  GLY A C     1 
ATOM   216  O  O     . GLY A 1 29  ? -1.032  -1.611  5.069   1.00 5.97  ? 29  GLY A O     1 
ATOM   217  N  N     . ALA A 1 30  ? -2.568  -2.734  3.858   1.00 8.03  ? 30  ALA A N     1 
ATOM   218  C  CA    . ALA A 1 30  ? -1.589  -3.274  2.934   1.00 5.74  ? 30  ALA A CA    1 
ATOM   219  C  C     . ALA A 1 30  ? -2.195  -3.278  1.547   1.00 6.16  ? 30  ALA A C     1 
ATOM   220  O  O     . ALA A 1 30  ? -3.296  -3.796  1.340   1.00 8.61  ? 30  ALA A O     1 
ATOM   221  C  CB    . ALA A 1 30  ? -1.140  -4.685  3.333   1.00 6.94  ? 30  ALA A CB    1 
ATOM   222  N  N     . ILE A 1 31  ? -1.475  -2.665  0.620   1.00 6.48  ? 31  ILE A N     1 
ATOM   223  C  CA    . ILE A 1 31  ? -1.822  -2.616  -0.791  1.00 7.06  ? 31  ILE A CA    1 
ATOM   224  C  C     . ILE A 1 31  ? -0.657  -3.219  -1.553  1.00 8.98  ? 31  ILE A C     1 
ATOM   225  O  O     . ILE A 1 31  ? 0.499   -2.945  -1.234  1.00 8.21  ? 31  ILE A O     1 
ATOM   226  C  CB    . ILE A 1 31  ? -2.049  -1.164  -1.253  1.00 6.28  ? 31  ILE A CB    1 
ATOM   227  C  CG1   . ILE A 1 31  ? -3.100  -0.474  -0.377  1.00 8.55  ? 31  ILE A CG1   1 
ATOM   228  C  CG2   . ILE A 1 31  ? -2.435  -1.108  -2.721  1.00 9.53  ? 31  ILE A CG2   1 
ATOM   229  C  CD1   . ILE A 1 31  ? -3.056  1.057   -0.487  1.00 9.98  ? 31  ILE A CD1   1 
ATOM   230  N  N     . GLN A 1 32  ? -0.938  -4.038  -2.555  1.00 8.62  ? 32  GLN A N     1 
ATOM   231  C  CA    . GLN A 1 32  ? 0.120   -4.445  -3.461  1.00 7.45  ? 32  GLN A CA    1 
ATOM   232  C  C     . GLN A 1 32  ? -0.151  -3.834  -4.825  1.00 10.47 ? 32  GLN A C     1 
ATOM   233  O  O     . GLN A 1 32  ? -1.271  -3.923  -5.330  1.00 9.49  ? 32  GLN A O     1 
ATOM   234  C  CB    . GLN A 1 32  ? 0.227   -5.967  -3.565  1.00 13.26 ? 32  GLN A CB    1 
ATOM   235  C  CG    . GLN A 1 32  ? 1.533   -6.405  -4.206  1.00 15.53 ? 32  GLN A CG    1 
ATOM   236  C  CD    . GLN A 1 32  ? 1.597   -7.899  -4.377  1.00 19.91 ? 32  GLN A CD    1 
ATOM   237  O  OE1   . GLN A 1 32  ? 0.658   -8.510  -4.872  1.00 23.21 ? 32  GLN A OE1   1 
ATOM   238  N  NE2   . GLN A 1 32  ? 2.704   -8.500  -3.954  1.00 28.52 ? 32  GLN A NE2   1 
ATOM   239  N  N     . LEU A 1 33  ? 0.869   -3.196  -5.401  1.00 9.59  ? 33  LEU A N     1 
ATOM   240  C  CA    . LEU A 1 33  ? 0.790   -2.522  -6.688  1.00 8.11  ? 33  LEU A CA    1 
ATOM   241  C  C     . LEU A 1 33  ? 1.763   -3.174  -7.659  1.00 8.15  ? 33  LEU A C     1 
ATOM   242  O  O     . LEU A 1 33  ? 2.827   -3.644  -7.254  1.00 10.48 ? 33  LEU A O     1 
ATOM   243  C  CB    . LEU A 1 33  ? 1.162   -1.040  -6.557  1.00 8.93  ? 33  LEU A CB    1 
ATOM   244  C  CG    . LEU A 1 33  ? 0.410   -0.234  -5.496  1.00 8.44  ? 33  LEU A CG    1 
ATOM   245  C  CD1   . LEU A 1 33  ? 0.932   1.205   -5.497  1.00 8.17  ? 33  LEU A CD1   1 
ATOM   246  C  CD2   . LEU A 1 33  ? -1.046  -0.246  -5.857  1.00 11.14 ? 33  LEU A CD2   1 
ATOM   247  N  N     . ASP A 1 34  ? 1.412   -3.178  -8.949  1.00 8.59  ? 34  ASP A N     1 
ATOM   248  C  CA    . ASP A 1 34  ? 2.449   -3.487  -9.920  1.00 11.76 ? 34  ASP A CA    1 
ATOM   249  C  C     . ASP A 1 34  ? 3.293   -2.232  -10.164 1.00 13.10 ? 34  ASP A C     1 
ATOM   250  O  O     . ASP A 1 34  ? 3.103   -1.190  -9.531  1.00 11.86 ? 34  ASP A O     1 
ATOM   251  C  CB    . ASP A 1 34  ? 1.842   -4.084  -11.197 1.00 9.88  ? 34  ASP A CB    1 
ATOM   252  C  CG    . ASP A 1 34  ? 1.002   -3.109  -12.002 1.00 16.30 ? 34  ASP A CG    1 
ATOM   253  O  OD1   . ASP A 1 34  ? 1.031   -1.879  -11.762 1.00 13.81 ? 34  ASP A OD1   1 
ATOM   254  O  OD2   . ASP A 1 34  ? 0.287   -3.602  -12.912 1.00 18.14 ? 34  ASP A OD2   1 
ATOM   255  N  N     . GLY A 1 35  ? 4.273   -2.337  -11.068 1.00 12.79 ? 35  GLY A N     1 
ATOM   256  C  CA    . GLY A 1 35  ? 5.196   -1.234  -11.275 1.00 14.06 ? 35  GLY A CA    1 
ATOM   257  C  C     . GLY A 1 35  ? 4.561   0.009   -11.858 1.00 16.09 ? 35  GLY A C     1 
ATOM   258  O  O     . GLY A 1 35  ? 5.128   1.099   -11.735 1.00 20.74 ? 35  GLY A O     1 
ATOM   259  N  N     . ASP A 1 36  ? 3.402   -0.132  -12.495 1.00 14.57 ? 36  ASP A N     1 
ATOM   260  C  CA    . ASP A 1 36  ? 2.652   0.998   -13.016 1.00 16.30 ? 36  ASP A CA    1 
ATOM   261  C  C     . ASP A 1 36  ? 1.699   1.606   -12.000 1.00 18.37 ? 36  ASP A C     1 
ATOM   262  O  O     . ASP A 1 36  ? 1.102   2.647   -12.288 1.00 17.76 ? 36  ASP A O     1 
ATOM   263  C  CB    . ASP A 1 36  ? 1.835   0.572   -14.238 1.00 16.88 ? 36  ASP A CB    1 
ATOM   264  C  CG    . ASP A 1 36  ? 2.703   0.282   -15.456 1.00 26.78 ? 36  ASP A CG    1 
ATOM   265  O  OD1   . ASP A 1 36  ? 3.817   0.828   -15.541 1.00 26.26 ? 36  ASP A OD1   1 
ATOM   266  O  OD2   . ASP A 1 36  ? 2.263   -0.495  -16.327 1.00 35.62 ? 36  ASP A OD2   1 
ATOM   267  N  N     . GLY A 1 37  ? 1.525   0.987   -10.836 1.00 11.65 ? 37  GLY A N     1 
ATOM   268  C  CA    . GLY A 1 37  ? 0.574   1.483   -9.865  1.00 11.73 ? 37  GLY A CA    1 
ATOM   269  C  C     . GLY A 1 37  ? -0.778  0.810   -9.898  1.00 11.61 ? 37  GLY A C     1 
ATOM   270  O  O     . GLY A 1 37  ? -1.694  1.258   -9.206  1.00 11.63 ? 37  GLY A O     1 
ATOM   271  N  N     . ASN A 1 38  ? -0.949  -0.243  -10.694 1.00 11.87 ? 38  ASN A N     1 
ATOM   272  C  CA    . ASN A 1 38  ? -2.225  -0.937  -10.689 1.00 12.48 ? 38  ASN A CA    1 
ATOM   273  C  C     . ASN A 1 38  ? -2.351  -1.784  -9.434  1.00 9.96  ? 38  ASN A C     1 
ATOM   274  O  O     . ASN A 1 38  ? -1.393  -2.431  -9.003  1.00 10.07 ? 38  ASN A O     1 
ATOM   275  C  CB    . ASN A 1 38  ? -2.354  -1.794  -11.941 1.00 12.93 ? 38  ASN A CB    1 
ATOM   276  C  CG    . ASN A 1 38  ? -2.251  -0.964  -13.185 1.00 17.04 ? 38  ASN A CG    1 
ATOM   277  O  OD1   . ASN A 1 38  ? -2.984  0.008   -13.334 1.00 18.48 ? 38  ASN A OD1   1 
ATOM   278  N  ND2   . ASN A 1 38  ? -1.315  -1.306  -14.067 1.00 20.33 ? 38  ASN A ND2   1 
ATOM   279  N  N     . ILE A 1 39  ? -3.544  -1.789  -8.854  1.00 9.12  ? 39  ILE A N     1 
ATOM   280  C  CA    . ILE A 1 39  ? -3.754  -2.444  -7.565  1.00 7.36  ? 39  ILE A CA    1 
ATOM   281  C  C     . ILE A 1 39  ? -3.950  -3.937  -7.791  1.00 11.87 ? 39  ILE A C     1 
ATOM   282  O  O     . ILE A 1 39  ? -4.855  -4.354  -8.525  1.00 11.61 ? 39  ILE A O     1 
ATOM   283  C  CB    . ILE A 1 39  ? -4.942  -1.829  -6.812  1.00 8.18  ? 39  ILE A CB    1 
ATOM   284  C  CG1   . ILE A 1 39  ? -4.680  -0.325  -6.585  1.00 10.14 ? 39  ILE A CG1   1 
ATOM   285  C  CG2   . ILE A 1 39  ? -5.183  -2.575  -5.502  1.00 8.96  ? 39  ILE A CG2   1 
ATOM   286  C  CD1   . ILE A 1 39  ? -5.870  0.439   -6.021  1.00 10.58 ? 39  ILE A CD1   1 
ATOM   287  N  N     . LEU A 1 40  ? -3.083  -4.740  -7.172  1.00 7.83  ? 40  LEU A N     1 
ATOM   288  C  CA    . LEU A 1 40  ? -3.141  -6.198  -7.219  1.00 10.25 ? 40  LEU A CA    1 
ATOM   289  C  C     . LEU A 1 40  ? -3.818  -6.802  -5.998  1.00 13.35 ? 40  LEU A C     1 
ATOM   290  O  O     . LEU A 1 40  ? -4.501  -7.820  -6.113  1.00 12.08 ? 40  LEU A O     1 
ATOM   291  C  CB    . LEU A 1 40  ? -1.730  -6.781  -7.330  1.00 12.31 ? 40  LEU A CB    1 
ATOM   292  C  CG    . LEU A 1 40  ? -0.839  -6.247  -8.445  1.00 13.16 ? 40  LEU A CG    1 
ATOM   293  C  CD1   . LEU A 1 40  ? 0.552   -6.859  -8.374  1.00 13.30 ? 40  LEU A CD1   1 
ATOM   294  C  CD2   . LEU A 1 40  ? -1.470  -6.479  -9.810  1.00 17.59 ? 40  LEU A CD2   1 
ATOM   295  N  N     . GLN A 1 41  ? -3.624  -6.194  -4.830  1.00 8.41  ? 41  GLN A N     1 
ATOM   296  C  CA    . GLN A 1 41  ? -4.179  -6.669  -3.571  1.00 9.57  ? 41  GLN A CA    1 
ATOM   297  C  C     . GLN A 1 41  ? -4.474  -5.447  -2.720  1.00 8.72  ? 41  GLN A C     1 
ATOM   298  O  O     . GLN A 1 41  ? -3.824  -4.410  -2.866  1.00 9.86  ? 41  GLN A O     1 
ATOM   299  C  CB    . GLN A 1 41  ? -3.213  -7.584  -2.820  1.00 13.56 ? 41  GLN A CB    1 
ATOM   300  C  CG    . GLN A 1 41  ? -2.849  -8.866  -3.551  1.00 12.83 ? 41  GLN A CG    1 
ATOM   301  C  CD    . GLN A 1 41  ? -2.110  -9.824  -2.646  1.00 26.08 ? 41  GLN A CD    1 
ATOM   302  O  OE1   . GLN A 1 41  ? -0.890  -9.741  -2.503  1.00 26.49 ? 41  GLN A OE1   1 
ATOM   303  N  NE2   . GLN A 1 41  ? -2.849  -10.732 -2.010  1.00 30.69 ? 41  GLN A NE2   1 
ATOM   304  N  N     . TYR A 1 42  ? -5.436  -5.587  -1.816  1.00 8.71  ? 42  TYR A N     1 
ATOM   305  C  CA    . TYR A 1 42  ? -5.923  -4.454  -1.031  1.00 7.49  ? 42  TYR A CA    1 
ATOM   306  C  C     . TYR A 1 42  ? -6.683  -5.022  0.150   1.00 10.92 ? 42  TYR A C     1 
ATOM   307  O  O     . TYR A 1 42  ? -7.706  -5.684  -0.045  1.00 10.19 ? 42  TYR A O     1 
ATOM   308  C  CB    . TYR A 1 42  ? -6.827  -3.564  -1.895  1.00 8.09  ? 42  TYR A CB    1 
ATOM   309  C  CG    . TYR A 1 42  ? -7.150  -2.196  -1.340  1.00 8.32  ? 42  TYR A CG    1 
ATOM   310  C  CD1   . TYR A 1 42  ? -8.117  -2.030  -0.359  1.00 8.98  ? 42  TYR A CD1   1 
ATOM   311  C  CD2   . TYR A 1 42  ? -6.513  -1.059  -1.834  1.00 9.42  ? 42  TYR A CD2   1 
ATOM   312  C  CE1   . TYR A 1 42  ? -8.424  -0.786  0.128   1.00 11.41 ? 42  TYR A CE1   1 
ATOM   313  C  CE2   . TYR A 1 42  ? -6.819  0.192   -1.350  1.00 11.06 ? 42  TYR A CE2   1 
ATOM   314  C  CZ    . TYR A 1 42  ? -7.781  0.318   -0.378  1.00 7.40  ? 42  TYR A CZ    1 
ATOM   315  O  OH    . TYR A 1 42  ? -8.093  1.572   0.107   1.00 13.52 ? 42  TYR A OH    1 
ATOM   316  N  N     . ASN A 1 43  ? -6.197  -4.794  1.364   1.00 10.23 ? 43  ASN A N     1 
ATOM   317  C  CA    . ASN A 1 43  ? -6.719  -5.565  2.476   1.00 10.59 ? 43  ASN A CA    1 
ATOM   318  C  C     . ASN A 1 43  ? -7.776  -4.787  3.249   1.00 11.92 ? 43  ASN A C     1 
ATOM   319  O  O     . ASN A 1 43  ? -8.060  -3.620  2.979   1.00 10.47 ? 43  ASN A O     1 
ATOM   320  C  CB    . ASN A 1 43  ? -5.582  -6.054  3.385   1.00 10.04 ? 43  ASN A CB    1 
ATOM   321  C  CG    . ASN A 1 43  ? -5.037  -4.991  4.308   1.00 10.98 ? 43  ASN A CG    1 
ATOM   322  O  OD1   . ASN A 1 43  ? -5.242  -3.797  4.096   1.00 8.38  ? 43  ASN A OD1   1 
ATOM   323  N  ND2   . ASN A 1 43  ? -4.302  -5.434  5.338   1.00 6.95  ? 43  ASN A ND2   1 
ATOM   324  N  N     . ALA A 1 44  ? -8.383  -5.486  4.213   1.00 12.38 ? 44  ALA A N     1 
ATOM   325  C  CA    . ALA A 1 44  ? -9.524  -4.943  4.934   1.00 9.54  ? 44  ALA A CA    1 
ATOM   326  C  C     . ALA A 1 44  ? -9.132  -3.743  5.784   1.00 10.53 ? 44  ALA A C     1 
ATOM   327  O  O     . ALA A 1 44  ? -9.884  -2.760  5.866   1.00 14.69 ? 44  ALA A O     1 
ATOM   328  C  CB    . ALA A 1 44  ? -10.147 -6.047  5.792   1.00 14.86 ? 44  ALA A CB    1 
ATOM   329  N  N     . ALA A 1 45  ? -7.955  -3.792  6.411   1.00 10.20 ? 45  ALA A N     1 
ATOM   330  C  CA    . ALA A 1 45  ? -7.540  -2.682  7.262   1.00 9.32  ? 45  ALA A CA    1 
ATOM   331  C  C     . ALA A 1 45  ? -7.378  -1.412  6.447   1.00 10.63 ? 45  ALA A C     1 
ATOM   332  O  O     . ALA A 1 45  ? -7.671  -0.312  6.934   1.00 11.70 ? 45  ALA A O     1 
ATOM   333  C  CB    . ALA A 1 45  ? -6.241  -3.022  7.994   1.00 11.26 ? 45  ALA A CB    1 
ATOM   334  N  N     . GLU A 1 46  ? -6.912  -1.540  5.201   1.00 6.95  ? 46  GLU A N     1 
ATOM   335  C  CA    . GLU A 1 46  ? -6.794  -0.349  4.368   1.00 6.33  ? 46  GLU A CA    1 
ATOM   336  C  C     . GLU A 1 46  ? -8.172  0.180   4.016   1.00 10.33 ? 46  GLU A C     1 
ATOM   337  O  O     . GLU A 1 46  ? -8.427  1.386   4.116   1.00 9.90  ? 46  GLU A O     1 
ATOM   338  C  CB    . GLU A 1 46  ? -5.970  -0.658  3.116   1.00 8.61  ? 46  GLU A CB    1 
ATOM   339  C  CG    . GLU A 1 46  ? -5.785  0.555   2.182   1.00 8.85  ? 46  GLU A CG    1 
ATOM   340  C  CD    . GLU A 1 46  ? -4.880  1.630   2.753   1.00 11.37 ? 46  GLU A CD    1 
ATOM   341  O  OE1   . GLU A 1 46  ? -4.312  1.411   3.850   1.00 10.14 ? 46  GLU A OE1   1 
ATOM   342  O  OE2   . GLU A 1 46  ? -4.739  2.698   2.097   1.00 11.44 ? 46  GLU A OE2   1 
ATOM   343  N  N     . GLY A 1 47  ? -9.094  -0.718  3.671   1.00 8.63  ? 47  GLY A N     1 
ATOM   344  C  CA    . GLY A 1 47  ? -10.466 -0.297  3.449   1.00 11.93 ? 47  GLY A CA    1 
ATOM   345  C  C     . GLY A 1 47  ? -11.046 0.433   4.647   1.00 11.62 ? 47  GLY A C     1 
ATOM   346  O  O     . GLY A 1 47  ? -11.782 1.409   4.493   1.00 13.63 ? 47  GLY A O     1 
ATOM   347  N  N     . ASP A 1 48  ? -10.696 -0.011  5.856   1.00 12.22 ? 48  ASP A N     1 
ATOM   348  C  CA    . ASP A 1 48  ? -11.189 0.660   7.057   1.00 12.44 ? 48  ASP A CA    1 
ATOM   349  C  C     . ASP A 1 48  ? -10.624 2.071   7.181   1.00 14.81 ? 48  ASP A C     1 
ATOM   350  O  O     . ASP A 1 48  ? -11.315 2.986   7.646   1.00 16.73 ? 48  ASP A O     1 
ATOM   351  C  CB    . ASP A 1 48  ? -10.841 -0.158  8.294   1.00 13.39 ? 48  ASP A CB    1 
ATOM   352  C  CG    . ASP A 1 48  ? -11.549 -1.501  8.324   1.00 29.67 ? 48  ASP A CG    1 
ATOM   353  O  OD1   . ASP A 1 48  ? -12.563 -1.659  7.605   1.00 31.90 ? 48  ASP A OD1   1 
ATOM   354  O  OD2   . ASP A 1 48  ? -11.093 -2.393  9.078   1.00 31.58 ? 48  ASP A OD2   1 
ATOM   355  N  N     . ILE A 1 49  ? -9.369  2.266   6.780   1.00 10.81 ? 49  ILE A N     1 
ATOM   356  C  CA    . ILE A 1 49  ? -8.754  3.588   6.897   1.00 11.18 ? 49  ILE A CA    1 
ATOM   357  C  C     . ILE A 1 49  ? -9.329  4.548   5.860   1.00 14.87 ? 49  ILE A C     1 
ATOM   358  O  O     . ILE A 1 49  ? -9.554  5.730   6.149   1.00 18.56 ? 49  ILE A O     1 
ATOM   359  C  CB    . ILE A 1 49  ? -7.225  3.477   6.764   1.00 10.75 ? 49  ILE A CB    1 
ATOM   360  C  CG1   . ILE A 1 49  ? -6.639  2.731   7.963   1.00 13.10 ? 49  ILE A CG1   1 
ATOM   361  C  CG2   . ILE A 1 49  ? -6.593  4.848   6.602   1.00 10.96 ? 49  ILE A CG2   1 
ATOM   362  C  CD1   . ILE A 1 49  ? -5.165  2.391   7.787   1.00 17.06 ? 49  ILE A CD1   1 
ATOM   363  N  N     . THR A 1 50  ? -9.569  4.062   4.636   1.00 10.56 ? 50  THR A N     1 
ATOM   364  C  CA    . THR A 1 50  ? -9.856  4.924   3.499   1.00 10.29 ? 50  THR A CA    1 
ATOM   365  C  C     . THR A 1 50  ? -11.316 4.947   3.099   1.00 11.34 ? 50  THR A C     1 
ATOM   366  O  O     . THR A 1 50  ? -11.718 5.843   2.344   1.00 13.89 ? 50  THR A O     1 
ATOM   367  C  CB    . THR A 1 50  ? -9.050  4.482   2.278   1.00 11.50 ? 50  THR A CB    1 
ATOM   368  O  OG1   . THR A 1 50  ? -9.536  3.198   1.840   1.00 12.75 ? 50  THR A OG1   1 
ATOM   369  C  CG2   . THR A 1 50  ? -7.588  4.375   2.645   1.00 13.02 ? 50  THR A CG2   1 
ATOM   370  N  N     . GLY A 1 51  ? -12.095 3.972   3.546   1.00 11.44 ? 51  GLY A N     1 
ATOM   371  C  CA    . GLY A 1 51  ? -13.481 3.849   3.139   1.00 13.09 ? 51  GLY A CA    1 
ATOM   372  C  C     . GLY A 1 51  ? -13.711 3.079   1.859   1.00 16.29 ? 51  GLY A C     1 
ATOM   373  O  O     . GLY A 1 51  ? -14.864 2.762   1.545   1.00 15.26 ? 51  GLY A O     1 
ATOM   374  N  N     . ARG A 1 52  ? -12.665 2.791   1.092   1.00 14.64 ? 52  ARG A N     1 
ATOM   375  C  CA    . ARG A 1 52  ? -12.847 2.105   -0.176  1.00 15.33 ? 52  ARG A CA    1 
ATOM   376  C  C     . ARG A 1 52  ? -13.123 0.624   0.050   1.00 13.41 ? 52  ARG A C     1 
ATOM   377  O  O     . ARG A 1 52  ? -12.689 0.035   1.040   1.00 14.21 ? 52  ARG A O     1 
ATOM   378  C  CB    . ARG A 1 52  ? -11.621 2.277   -1.058  1.00 13.89 ? 52  ARG A CB    1 
ATOM   379  C  CG    . ARG A 1 52  ? -11.628 3.554   -1.890  1.00 18.45 ? 52  ARG A CG    1 
ATOM   380  C  CD    . ARG A 1 52  ? -11.413 4.779   -1.017  1.00 15.07 ? 52  ARG A CD    1 
ATOM   381  N  NE    . ARG A 1 52  ? -11.112 5.962   -1.818  1.00 17.99 ? 52  ARG A NE    1 
ATOM   382  C  CZ    . ARG A 1 52  ? -10.802 7.148   -1.305  1.00 19.08 ? 52  ARG A CZ    1 
ATOM   383  N  NH1   . ARG A 1 52  ? -10.762 7.318   0.013   1.00 17.91 ? 52  ARG A NH1   1 
ATOM   384  N  NH2   . ARG A 1 52  ? -10.546 8.166   -2.113  1.00 19.09 ? 52  ARG A NH2   1 
ATOM   385  N  N     . ASP A 1 53  ? -13.871 0.031   -0.879  1.00 16.43 ? 53  ASP A N     1 
ATOM   386  C  CA    . ASP A 1 53  ? -14.197 -1.387  -0.811  1.00 18.24 ? 53  ASP A CA    1 
ATOM   387  C  C     . ASP A 1 53  ? -13.045 -2.174  -1.412  1.00 13.04 ? 53  ASP A C     1 
ATOM   388  O  O     . ASP A 1 53  ? -12.744 -1.997  -2.600  1.00 15.65 ? 53  ASP A O     1 
ATOM   389  C  CB    . ASP A 1 53  ? -15.498 -1.671  -1.570  1.00 17.91 ? 53  ASP A CB    1 
ATOM   390  C  CG    . ASP A 1 53  ? -16.010 -3.090  -1.359  1.00 23.14 ? 53  ASP A CG    1 
ATOM   391  O  OD1   . ASP A 1 53  ? -15.218 -4.043  -1.482  1.00 29.84 ? 53  ASP A OD1   1 
ATOM   392  O  OD2   . ASP A 1 53  ? -17.220 -3.252  -1.073  1.00 34.21 ? 53  ASP A OD2   1 
ATOM   393  N  N     . PRO A 1 54  ? -12.350 -3.014  -0.638  1.00 14.99 ? 54  PRO A N     1 
ATOM   394  C  CA    . PRO A 1 54  ? -11.161 -3.696  -1.174  1.00 15.49 ? 54  PRO A CA    1 
ATOM   395  C  C     . PRO A 1 54  ? -11.417 -4.466  -2.451  1.00 19.38 ? 54  PRO A C     1 
ATOM   396  O  O     . PRO A 1 54  ? -10.542 -4.519  -3.321  1.00 22.11 ? 54  PRO A O     1 
ATOM   397  C  CB    . PRO A 1 54  ? -10.752 -4.630  -0.027  1.00 13.51 ? 54  PRO A CB    1 
ATOM   398  C  CG    . PRO A 1 54  ? -11.255 -3.953  1.194   1.00 20.37 ? 54  PRO A CG    1 
ATOM   399  C  CD    . PRO A 1 54  ? -12.549 -3.293  0.794   1.00 15.14 ? 54  PRO A CD    1 
ATOM   400  N  N     . LYS A 1 55  ? -12.603 -5.052  -2.608  1.00 18.50 ? 55  LYS A N     1 
ATOM   401  C  CA    . LYS A 1 55  ? -12.863 -5.807  -3.825  1.00 20.82 ? 55  LYS A CA    1 
ATOM   402  C  C     . LYS A 1 55  ? -12.963 -4.894  -5.040  1.00 19.22 ? 55  LYS A C     1 
ATOM   403  O  O     . LYS A 1 55  ? -12.534 -5.270  -6.137  1.00 24.26 ? 55  LYS A O     1 
ATOM   404  C  CB    . LYS A 1 55  ? -14.137 -6.637  -3.662  1.00 24.05 ? 55  LYS A CB    1 
ATOM   405  N  N     A GLN A 1 56  ? -13.496 -3.684  -4.867  0.59 15.55 ? 56  GLN A N     1 
ATOM   406  N  N     B GLN A 1 56  ? -13.514 -3.690  -4.863  0.41 15.59 ? 56  GLN A N     1 
ATOM   407  C  CA    A GLN A 1 56  ? -13.790 -2.816  -5.998  0.59 14.76 ? 56  GLN A CA    1 
ATOM   408  C  CA    B GLN A 1 56  ? -13.779 -2.822  -6.002  0.41 14.80 ? 56  GLN A CA    1 
ATOM   409  C  C     A GLN A 1 56  ? -12.598 -2.005  -6.483  0.59 15.44 ? 56  GLN A C     1 
ATOM   410  C  C     B GLN A 1 56  ? -12.511 -2.188  -6.556  0.41 15.66 ? 56  GLN A C     1 
ATOM   411  O  O     A GLN A 1 56  ? -12.666 -1.437  -7.578  0.59 17.61 ? 56  GLN A O     1 
ATOM   412  O  O     B GLN A 1 56  ? -12.422 -1.944  -7.765  0.41 17.29 ? 56  GLN A O     1 
ATOM   413  C  CB    A GLN A 1 56  ? -14.917 -1.858  -5.634  0.59 16.45 ? 56  GLN A CB    1 
ATOM   414  C  CB    B GLN A 1 56  ? -14.775 -1.734  -5.603  0.41 16.35 ? 56  GLN A CB    1 
ATOM   415  C  CG    A GLN A 1 56  ? -16.190 -2.552  -5.240  0.59 16.38 ? 56  GLN A CG    1 
ATOM   416  C  CG    B GLN A 1 56  ? -15.498 -1.100  -6.775  0.41 15.62 ? 56  GLN A CG    1 
ATOM   417  C  CD    A GLN A 1 56  ? -17.373 -1.622  -5.339  0.59 18.20 ? 56  GLN A CD    1 
ATOM   418  C  CD    B GLN A 1 56  ? -15.095 0.341   -6.999  0.41 18.08 ? 56  GLN A CD    1 
ATOM   419  O  OE1   A GLN A 1 56  ? -17.376 -0.704  -6.160  0.59 18.44 ? 56  GLN A OE1   1 
ATOM   420  O  OE1   B GLN A 1 56  ? -14.122 0.829   -6.416  0.41 19.24 ? 56  GLN A OE1   1 
ATOM   421  N  NE2   A GLN A 1 56  ? -18.379 -1.840  -4.500  0.59 16.14 ? 56  GLN A NE2   1 
ATOM   422  N  NE2   B GLN A 1 56  ? -15.849 1.037   -7.844  0.41 17.25 ? 56  GLN A NE2   1 
ATOM   423  N  N     . VAL A 1 57  ? -11.522 -1.914  -5.703  1.00 14.49 ? 57  VAL A N     1 
ATOM   424  C  CA    . VAL A 1 57  ? -10.356 -1.169  -6.163  1.00 12.09 ? 57  VAL A CA    1 
ATOM   425  C  C     . VAL A 1 57  ? -9.338  -2.041  -6.894  1.00 13.70 ? 57  VAL A C     1 
ATOM   426  O  O     . VAL A 1 57  ? -8.477  -1.496  -7.592  1.00 10.53 ? 57  VAL A O     1 
ATOM   427  C  CB    . VAL A 1 57  ? -9.654  -0.442  -5.000  1.00 13.40 ? 57  VAL A CB    1 
ATOM   428  C  CG1   . VAL A 1 57  ? -10.497 0.724   -4.517  1.00 17.41 ? 57  VAL A CG1   1 
ATOM   429  C  CG2   . VAL A 1 57  ? -9.349  -1.408  -3.870  1.00 15.21 ? 57  VAL A CG2   1 
ATOM   430  N  N     . ILE A 1 58  ? -9.405  -3.370  -6.755  1.00 12.30 ? 58  ILE A N     1 
ATOM   431  C  CA    . ILE A 1 58  ? -8.458  -4.225  -7.462  1.00 11.50 ? 58  ILE A CA    1 
ATOM   432  C  C     . ILE A 1 58  ? -8.569  -3.963  -8.950  1.00 12.23 ? 58  ILE A C     1 
ATOM   433  O  O     . ILE A 1 58  ? -9.671  -3.913  -9.508  1.00 15.74 ? 58  ILE A O     1 
ATOM   434  C  CB    . ILE A 1 58  ? -8.713  -5.707  -7.163  1.00 15.59 ? 58  ILE A CB    1 
ATOM   435  C  CG1   . ILE A 1 58  ? -8.780  -5.951  -5.658  1.00 16.12 ? 58  ILE A CG1   1 
ATOM   436  C  CG2   . ILE A 1 58  ? -7.632  -6.559  -7.830  1.00 13.34 ? 58  ILE A CG2   1 
ATOM   437  C  CD1   . ILE A 1 58  ? -7.471  -5.760  -4.980  1.00 18.04 ? 58  ILE A CD1   1 
ATOM   438  N  N     . GLY A 1 59  ? -7.423  -3.811  -9.604  1.00 10.02 ? 59  GLY A N     1 
ATOM   439  C  CA    . GLY A 1 59  ? -7.377  -3.530  -11.012 1.00 12.19 ? 59  GLY A CA    1 
ATOM   440  C  C     . GLY A 1 59  ? -7.364  -2.061  -11.364 1.00 13.46 ? 59  GLY A C     1 
ATOM   441  O  O     . GLY A 1 59  ? -7.035  -1.716  -12.504 1.00 16.32 ? 59  GLY A O     1 
ATOM   442  N  N     . LYS A 1 60  ? -7.716  -1.185  -10.426 1.00 11.82 ? 60  LYS A N     1 
ATOM   443  C  CA    . LYS A 1 60  ? -7.671  0.240   -10.692 1.00 10.63 ? 60  LYS A CA    1 
ATOM   444  C  C     . LYS A 1 60  ? -6.250  0.757   -10.507 1.00 12.23 ? 60  LYS A C     1 
ATOM   445  O  O     . LYS A 1 60  ? -5.437  0.157   -9.802  1.00 10.61 ? 60  LYS A O     1 
ATOM   446  C  CB    . LYS A 1 60  ? -8.629  1.000   -9.766  1.00 10.81 ? 60  LYS A CB    1 
ATOM   447  C  CG    . LYS A 1 60  ? -10.048 0.459   -9.725  1.00 16.43 ? 60  LYS A CG    1 
ATOM   448  C  CD    . LYS A 1 60  ? -10.864 0.901   -10.918 1.00 30.34 ? 60  LYS A CD    1 
ATOM   449  C  CE    . LYS A 1 60  ? -12.297 0.393   -10.806 1.00 30.98 ? 60  LYS A CE    1 
ATOM   450  N  NZ    . LYS A 1 60  ? -12.987 0.936   -9.595  1.00 32.83 ? 60  LYS A NZ    1 
ATOM   451  N  N     . ASN A 1 61  ? -5.944  1.870   -11.166 1.00 12.07 ? 61  ASN A N     1 
ATOM   452  C  CA    . ASN A 1 61  ? -4.643  2.505   -10.969 1.00 13.46 ? 61  ASN A CA    1 
ATOM   453  C  C     . ASN A 1 61  ? -4.681  3.390   -9.731  1.00 12.39 ? 61  ASN A C     1 
ATOM   454  O  O     . ASN A 1 61  ? -5.501  4.308   -9.633  1.00 11.13 ? 61  ASN A O     1 
ATOM   455  C  CB    . ASN A 1 61  ? -4.218  3.324   -12.181 1.00 14.91 ? 61  ASN A CB    1 
ATOM   456  C  CG    . ASN A 1 61  ? -2.759  3.700   -12.104 1.00 17.09 ? 61  ASN A CG    1 
ATOM   457  O  OD1   . ASN A 1 61  ? -2.394  4.681   -11.456 1.00 18.56 ? 61  ASN A OD1   1 
ATOM   458  N  ND2   . ASN A 1 61  ? -1.903  2.876   -12.701 1.00 18.05 ? 61  ASN A ND2   1 
ATOM   459  N  N     . PHE A 1 62  ? -3.771  3.122   -8.801  1.00 10.45 ? 62  PHE A N     1 
ATOM   460  C  CA    . PHE A 1 62  ? -3.750  3.848   -7.535  1.00 10.52 ? 62  PHE A CA    1 
ATOM   461  C  C     . PHE A 1 62  ? -3.499  5.334   -7.751  1.00 10.77 ? 62  PHE A C     1 
ATOM   462  O  O     . PHE A 1 62  ? -4.188  6.185   -7.181  1.00 10.12 ? 62  PHE A O     1 
ATOM   463  C  CB    . PHE A 1 62  ? -2.675  3.233   -6.649  1.00 12.91 ? 62  PHE A CB    1 
ATOM   464  C  CG    . PHE A 1 62  ? -2.647  3.766   -5.264  1.00 8.06  ? 62  PHE A CG    1 
ATOM   465  C  CD1   . PHE A 1 62  ? -3.584  3.362   -4.326  1.00 9.85  ? 62  PHE A CD1   1 
ATOM   466  C  CD2   . PHE A 1 62  ? -1.633  4.621   -4.875  1.00 9.74  ? 62  PHE A CD2   1 
ATOM   467  C  CE1   . PHE A 1 62  ? -3.532  3.836   -3.029  1.00 10.96 ? 62  PHE A CE1   1 
ATOM   468  C  CE2   . PHE A 1 62  ? -1.576  5.110   -3.578  1.00 8.04  ? 62  PHE A CE2   1 
ATOM   469  C  CZ    . PHE A 1 62  ? -2.529  4.712   -2.653  1.00 8.07  ? 62  PHE A CZ    1 
ATOM   470  N  N     . PHE A 1 63  ? -2.524  5.670   -8.594  1.00 9.69  ? 63  PHE A N     1 
ATOM   471  C  CA    . PHE A 1 63  ? -2.104  7.063   -8.706  1.00 7.35  ? 63  PHE A CA    1 
ATOM   472  C  C     . PHE A 1 63  ? -2.984  7.870   -9.641  1.00 8.57  ? 63  PHE A C     1 
ATOM   473  O  O     . PHE A 1 63  ? -3.109  9.089   -9.474  1.00 12.45 ? 63  PHE A O     1 
ATOM   474  C  CB    . PHE A 1 63  ? -0.649  7.113   -9.162  1.00 7.83  ? 63  PHE A CB    1 
ATOM   475  C  CG    . PHE A 1 63  ? 0.264   6.396   -8.232  1.00 11.37 ? 63  PHE A CG    1 
ATOM   476  C  CD1   . PHE A 1 63  ? 0.500   6.903   -6.968  1.00 10.44 ? 63  PHE A CD1   1 
ATOM   477  C  CD2   . PHE A 1 63  ? 0.851   5.186   -8.594  1.00 12.29 ? 63  PHE A CD2   1 
ATOM   478  C  CE1   . PHE A 1 63  ? 1.333   6.233   -6.079  1.00 10.04 ? 63  PHE A CE1   1 
ATOM   479  C  CE2   . PHE A 1 63  ? 1.679   4.507   -7.712  1.00 12.65 ? 63  PHE A CE2   1 
ATOM   480  C  CZ    . PHE A 1 63  ? 1.923   5.036   -6.448  1.00 12.51 ? 63  PHE A CZ    1 
ATOM   481  N  N     . LYS A 1 64  ? -3.582  7.229   -10.630 1.00 10.90 ? 64  LYS A N     1 
ATOM   482  C  CA    . LYS A 1 64  ? -4.381  7.953   -11.602 1.00 12.68 ? 64  LYS A CA    1 
ATOM   483  C  C     . LYS A 1 64  ? -5.823  8.089   -11.154 1.00 16.39 ? 64  LYS A C     1 
ATOM   484  O  O     . LYS A 1 64  ? -6.406  9.166   -11.260 1.00 18.08 ? 64  LYS A O     1 
ATOM   485  C  CB    . LYS A 1 64  ? -4.324  7.243   -12.954 1.00 16.34 ? 64  LYS A CB    1 
ATOM   486  C  CG    . LYS A 1 64  ? -5.152  7.880   -14.042 1.00 15.84 ? 64  LYS A CG    1 
ATOM   487  C  CD    . LYS A 1 64  ? -4.934  7.120   -15.349 1.00 16.46 ? 64  LYS A CD    1 
ATOM   488  C  CE    . LYS A 1 64  ? -5.585  7.822   -16.525 1.00 22.89 ? 64  LYS A CE    1 
ATOM   489  N  NZ    . LYS A 1 64  ? -5.515  6.984   -17.754 1.00 32.79 ? 64  LYS A NZ    1 
ATOM   490  N  N     . ASP A 1 65  ? -6.419  7.020   -10.647 1.00 13.79 ? 65  ASP A N     1 
ATOM   491  C  CA    . ASP A 1 65  ? -7.854  7.042   -10.394 1.00 14.75 ? 65  ASP A CA    1 
ATOM   492  C  C     . ASP A 1 65  ? -8.237  6.997   -8.926  1.00 15.73 ? 65  ASP A C     1 
ATOM   493  O  O     . ASP A 1 65  ? -9.099  7.766   -8.498  1.00 16.18 ? 65  ASP A O     1 
ATOM   494  C  CB    . ASP A 1 65  ? -8.512  5.887   -11.144 1.00 20.20 ? 65  ASP A CB    1 
ATOM   495  C  CG    . ASP A 1 65  ? -8.429  6.075   -12.650 1.00 27.71 ? 65  ASP A CG    1 
ATOM   496  O  OD1   . ASP A 1 65  ? -8.872  7.143   -13.138 1.00 31.78 ? 65  ASP A OD1   1 
ATOM   497  O  OD2   . ASP A 1 65  ? -7.917  5.173   -13.341 1.00 29.31 ? 65  ASP A OD2   1 
ATOM   498  N  N     . VAL A 1 66  ? -7.600  6.140   -8.134  1.00 12.55 ? 66  VAL A N     1 
ATOM   499  C  CA    . VAL A 1 66  ? -8.057  5.884   -6.775  1.00 8.08  ? 66  VAL A CA    1 
ATOM   500  C  C     . VAL A 1 66  ? -7.584  6.966   -5.817  1.00 9.58  ? 66  VAL A C     1 
ATOM   501  O  O     . VAL A 1 66  ? -8.338  7.428   -4.953  1.00 9.77  ? 66  VAL A O     1 
ATOM   502  C  CB    . VAL A 1 66  ? -7.559  4.499   -6.332  1.00 10.69 ? 66  VAL A CB    1 
ATOM   503  C  CG1   . VAL A 1 66  ? -8.012  4.216   -4.952  1.00 17.26 ? 66  VAL A CG1   1 
ATOM   504  C  CG2   . VAL A 1 66  ? -8.064  3.436   -7.292  1.00 13.88 ? 66  VAL A CG2   1 
ATOM   505  N  N     . ALA A 1 67  ? -6.331  7.360   -5.935  1.00 8.63  ? 67  ALA A N     1 
ATOM   506  C  CA    . ALA A 1 67  ? -5.654  8.150   -4.910  1.00 9.50  ? 67  ALA A CA    1 
ATOM   507  C  C     . ALA A 1 67  ? -4.912  9.302   -5.566  1.00 8.58  ? 67  ALA A C     1 
ATOM   508  O  O     . ALA A 1 67  ? -3.681  9.395   -5.485  1.00 10.33 ? 67  ALA A O     1 
ATOM   509  C  CB    . ALA A 1 67  ? -4.706  7.258   -4.104  1.00 7.52  ? 67  ALA A CB    1 
ATOM   510  N  N     . PRO A 1 68  ? -5.627  10.211  -6.232  1.00 8.11  ? 68  PRO A N     1 
ATOM   511  C  CA    . PRO A 1 68  ? -4.923  11.308  -6.911  1.00 9.30  ? 68  PRO A CA    1 
ATOM   512  C  C     . PRO A 1 68  ? -4.121  12.173  -5.967  1.00 10.05 ? 68  PRO A C     1 
ATOM   513  O  O     . PRO A 1 68  ? -3.176  12.828  -6.417  1.00 8.38  ? 68  PRO A O     1 
ATOM   514  C  CB    . PRO A 1 68  ? -6.048  12.105  -7.584  1.00 10.71 ? 68  PRO A CB    1 
ATOM   515  C  CG    . PRO A 1 68  ? -7.255  11.803  -6.748  1.00 10.02 ? 68  PRO A CG    1 
ATOM   516  C  CD    . PRO A 1 68  ? -7.092  10.365  -6.306  1.00 10.22 ? 68  PRO A CD    1 
ATOM   517  N  N     . CYS A 1 69  ? -4.465  12.212  -4.673  1.00 8.64  ? 69  CYS A N     1 
ATOM   518  C  CA    . CYS A 1 69  ? -3.689  13.046  -3.762  1.00 7.68  ? 69  CYS A CA    1 
ATOM   519  C  C     . CYS A 1 69  ? -2.282  12.511  -3.534  1.00 9.87  ? 69  CYS A C     1 
ATOM   520  O  O     . CYS A 1 69  ? -1.441  13.245  -2.996  1.00 8.50  ? 69  CYS A O     1 
ATOM   521  C  CB    . CYS A 1 69  ? -4.419  13.200  -2.424  1.00 8.66  ? 69  CYS A CB    1 
ATOM   522  S  SG    . CYS A 1 69  ? -4.266  11.778  -1.294  1.00 9.66  ? 69  CYS A SG    1 
ATOM   523  N  N     . THR A 1 70  ? -2.008  11.268  -3.946  1.00 6.75  ? 70  THR A N     1 
ATOM   524  C  CA    . THR A 1 70  ? -0.672  10.689  -3.898  1.00 7.99  ? 70  THR A CA    1 
ATOM   525  C  C     . THR A 1 70  ? 0.075   10.897  -5.198  1.00 7.70  ? 70  THR A C     1 
ATOM   526  O  O     . THR A 1 70  ? 1.246   10.533  -5.286  1.00 8.14  ? 70  THR A O     1 
ATOM   527  C  CB    . THR A 1 70  ? -0.742  9.186   -3.583  1.00 7.31  ? 70  THR A CB    1 
ATOM   528  O  OG1   . THR A 1 70  ? -1.281  8.482   -4.711  1.00 8.84  ? 70  THR A OG1   1 
ATOM   529  C  CG2   . THR A 1 70  ? -1.642  8.941   -2.398  1.00 8.34  ? 70  THR A CG2   1 
ATOM   530  N  N     . ASP A 1 71  ? -0.575  11.486  -6.202  1.00 7.96  ? 71  ASP A N     1 
ATOM   531  C  CA    . ASP A 1 71  ? 0.072   11.771  -7.484  1.00 8.45  ? 71  ASP A CA    1 
ATOM   532  C  C     . ASP A 1 71  ? 0.890   13.047  -7.320  1.00 10.94 ? 71  ASP A C     1 
ATOM   533  O  O     . ASP A 1 71  ? 0.460   14.155  -7.638  1.00 11.48 ? 71  ASP A O     1 
ATOM   534  C  CB    . ASP A 1 71  ? -0.968  11.897  -8.589  1.00 8.09  ? 71  ASP A CB    1 
ATOM   535  C  CG    . ASP A 1 71  ? -0.356  12.123  -9.964  1.00 11.71 ? 71  ASP A CG    1 
ATOM   536  O  OD1   . ASP A 1 71  ? 0.880   12.165  -10.083 1.00 12.84 ? 71  ASP A OD1   1 
ATOM   537  O  OD2   . ASP A 1 71  ? -1.135  12.283  -10.931 1.00 13.76 ? 71  ASP A OD2   1 
ATOM   538  N  N     . SER A 1 72  ? 2.098   12.872  -6.801  1.00 8.88  ? 72  SER A N     1 
ATOM   539  C  CA    . SER A 1 72  ? 2.966   13.970  -6.405  1.00 6.68  ? 72  SER A CA    1 
ATOM   540  C  C     . SER A 1 72  ? 4.371   13.417  -6.264  1.00 8.80  ? 72  SER A C     1 
ATOM   541  O  O     . SER A 1 72  ? 4.544   12.212  -6.085  1.00 8.83  ? 72  SER A O     1 
ATOM   542  C  CB    . SER A 1 72  ? 2.513   14.579  -5.071  1.00 14.10 ? 72  SER A CB    1 
ATOM   543  O  OG    . SER A 1 72  ? 2.793   13.669  -4.014  1.00 13.87 ? 72  SER A OG    1 
ATOM   544  N  N     . PRO A 1 73  ? 5.390   14.272  -6.317  1.00 9.30  ? 73  PRO A N     1 
ATOM   545  C  CA    . PRO A 1 73  ? 6.754   13.773  -6.092  1.00 9.48  ? 73  PRO A CA    1 
ATOM   546  C  C     . PRO A 1 73  ? 6.938   13.140  -4.723  1.00 10.15 ? 73  PRO A C     1 
ATOM   547  O  O     . PRO A 1 73  ? 7.807   12.275  -4.559  1.00 13.35 ? 73  PRO A O     1 
ATOM   548  C  CB    . PRO A 1 73  ? 7.617   15.033  -6.254  1.00 11.66 ? 73  PRO A CB    1 
ATOM   549  C  CG    . PRO A 1 73  ? 6.808   15.917  -7.177  1.00 9.54  ? 73  PRO A CG    1 
ATOM   550  C  CD    . PRO A 1 73  ? 5.370   15.663  -6.811  1.00 11.80 ? 73  PRO A CD    1 
ATOM   551  N  N     . GLU A 1 74  ? 6.144   13.548  -3.737  1.00 10.54 ? 74  GLU A N     1 
ATOM   552  C  CA    . GLU A 1 74  ? 6.323   13.090  -2.367  1.00 9.97  ? 74  GLU A CA    1 
ATOM   553  C  C     . GLU A 1 74  ? 5.792   11.684  -2.118  1.00 11.15 ? 74  GLU A C     1 
ATOM   554  O  O     . GLU A 1 74  ? 6.089   11.110  -1.065  1.00 11.82 ? 74  GLU A O     1 
ATOM   555  C  CB    . GLU A 1 74  ? 5.652   14.066  -1.406  1.00 16.00 ? 74  GLU A CB    1 
ATOM   556  C  CG    . GLU A 1 74  ? 6.392   15.391  -1.289  1.00 18.69 ? 74  GLU A CG    1 
ATOM   557  C  CD    . GLU A 1 74  ? 6.244   16.276  -2.517  1.00 25.45 ? 74  GLU A CD    1 
ATOM   558  O  OE1   . GLU A 1 74  ? 5.185   16.219  -3.189  1.00 19.47 ? 74  GLU A OE1   1 
ATOM   559  O  OE2   . GLU A 1 74  ? 7.194   17.034  -2.814  1.00 26.37 ? 74  GLU A OE2   1 
ATOM   560  N  N     . PHE A 1 75  ? 5.018   11.122  -3.040  1.00 7.70  ? 75  PHE A N     1 
ATOM   561  C  CA    . PHE A 1 75  ? 4.477   9.784   -2.853  1.00 8.13  ? 75  PHE A CA    1 
ATOM   562  C  C     . PHE A 1 75  ? 4.717   8.990   -4.132  1.00 6.30  ? 75  PHE A C     1 
ATOM   563  O  O     . PHE A 1 75  ? 5.599   8.130   -4.174  1.00 9.36  ? 75  PHE A O     1 
ATOM   564  C  CB    . PHE A 1 75  ? 2.990   9.873   -2.483  1.00 5.40  ? 75  PHE A CB    1 
ATOM   565  C  CG    . PHE A 1 75  ? 2.400   8.597   -1.914  1.00 7.24  ? 75  PHE A CG    1 
ATOM   566  C  CD1   . PHE A 1 75  ? 2.532   7.393   -2.576  1.00 10.96 ? 75  PHE A CD1   1 
ATOM   567  C  CD2   . PHE A 1 75  ? 1.677   8.631   -0.739  1.00 8.75  ? 75  PHE A CD2   1 
ATOM   568  C  CE1   . PHE A 1 75  ? 1.982   6.223   -2.062  1.00 10.02 ? 75  PHE A CE1   1 
ATOM   569  C  CE2   . PHE A 1 75  ? 1.108   7.476   -0.220  1.00 8.37  ? 75  PHE A CE2   1 
ATOM   570  C  CZ    . PHE A 1 75  ? 1.257   6.272   -0.878  1.00 8.20  ? 75  PHE A CZ    1 
ATOM   571  N  N     . TYR A 1 76  ? 3.951   9.284   -5.186  1.00 7.55  ? 76  TYR A N     1 
ATOM   572  C  CA    . TYR A 1 76  ? 4.159   8.616   -6.470  1.00 8.21  ? 76  TYR A CA    1 
ATOM   573  C  C     . TYR A 1 76  ? 5.603   8.743   -6.929  1.00 10.17 ? 76  TYR A C     1 
ATOM   574  O  O     . TYR A 1 76  ? 6.190   7.779   -7.416  1.00 10.40 ? 76  TYR A O     1 
ATOM   575  C  CB    . TYR A 1 76  ? 3.210   9.209   -7.503  1.00 7.46  ? 76  TYR A CB    1 
ATOM   576  C  CG    . TYR A 1 76  ? 3.215   8.615   -8.909  1.00 8.73  ? 76  TYR A CG    1 
ATOM   577  C  CD1   . TYR A 1 76  ? 3.636   7.315   -9.166  1.00 12.32 ? 76  TYR A CD1   1 
ATOM   578  C  CD2   . TYR A 1 76  ? 2.719   9.370   -9.964  1.00 16.01 ? 76  TYR A CD2   1 
ATOM   579  C  CE1   . TYR A 1 76  ? 3.603   6.808   -10.476 1.00 13.84 ? 76  TYR A CE1   1 
ATOM   580  C  CE2   . TYR A 1 76  ? 2.674   8.881   -11.243 1.00 15.46 ? 76  TYR A CE2   1 
ATOM   581  C  CZ    . TYR A 1 76  ? 3.114   7.612   -11.497 1.00 18.79 ? 76  TYR A CZ    1 
ATOM   582  O  OH    . TYR A 1 76  ? 3.043   7.180   -12.803 1.00 24.15 ? 76  TYR A OH    1 
ATOM   583  N  N     . GLY A 1 77  ? 6.206   9.920   -6.751  1.00 8.86  ? 77  GLY A N     1 
ATOM   584  C  CA    . GLY A 1 77  ? 7.587   10.091  -7.170  1.00 8.68  ? 77  GLY A CA    1 
ATOM   585  C  C     . GLY A 1 77  ? 8.542   9.175   -6.429  1.00 13.26 ? 77  GLY A C     1 
ATOM   586  O  O     . GLY A 1 77  ? 9.462   8.606   -7.026  1.00 14.66 ? 77  GLY A O     1 
ATOM   587  N  N     . LYS A 1 78  ? 8.334   9.005   -5.123  1.00 10.34 ? 78  LYS A N     1 
ATOM   588  C  CA    . LYS A 1 78  ? 9.157   8.045   -4.388  1.00 10.85 ? 78  LYS A CA    1 
ATOM   589  C  C     . LYS A 1 78  ? 8.901   6.628   -4.873  1.00 13.11 ? 78  LYS A C     1 
ATOM   590  O  O     . LYS A 1 78  ? 9.830   5.826   -4.993  1.00 12.78 ? 78  LYS A O     1 
ATOM   591  C  CB    . LYS A 1 78  ? 8.887   8.136   -2.888  1.00 11.47 ? 78  LYS A CB    1 
ATOM   592  C  CG    . LYS A 1 78  ? 9.223   9.494   -2.297  1.00 12.96 ? 78  LYS A CG    1 
ATOM   593  C  CD    . LYS A 1 78  ? 9.136   9.491   -0.777  1.00 17.09 ? 78  LYS A CD    1 
ATOM   594  C  CE    . LYS A 1 78  ? 9.736   10.766  -0.219  1.00 21.81 ? 78  LYS A CE    1 
ATOM   595  N  NZ    . LYS A 1 78  ? 9.681   10.837  1.265   1.00 23.71 ? 78  LYS A NZ    1 
ATOM   596  N  N     . PHE A 1 79  ? 7.633   6.290   -5.112  1.00 8.95  ? 79  PHE A N     1 
ATOM   597  C  CA    . PHE A 1 79  ? 7.292   4.965   -5.611  1.00 8.32  ? 79  PHE A CA    1 
ATOM   598  C  C     . PHE A 1 79  ? 7.997   4.664   -6.931  1.00 11.24 ? 79  PHE A C     1 
ATOM   599  O  O     . PHE A 1 79  ? 8.658   3.627   -7.076  1.00 14.32 ? 79  PHE A O     1 
ATOM   600  C  CB    . PHE A 1 79  ? 5.780   4.869   -5.786  1.00 9.80  ? 79  PHE A CB    1 
ATOM   601  C  CG    . PHE A 1 79  ? 5.332   3.547   -6.295  1.00 8.30  ? 79  PHE A CG    1 
ATOM   602  C  CD1   . PHE A 1 79  ? 5.217   2.482   -5.431  1.00 11.09 ? 79  PHE A CD1   1 
ATOM   603  C  CD2   . PHE A 1 79  ? 5.023   3.374   -7.629  1.00 9.87  ? 79  PHE A CD2   1 
ATOM   604  C  CE1   . PHE A 1 79  ? 4.799   1.249   -5.897  1.00 16.18 ? 79  PHE A CE1   1 
ATOM   605  C  CE2   . PHE A 1 79  ? 4.612   2.142   -8.096  1.00 11.36 ? 79  PHE A CE2   1 
ATOM   606  C  CZ    . PHE A 1 79  ? 4.503   1.090   -7.230  1.00 10.15 ? 79  PHE A CZ    1 
ATOM   607  N  N     . LYS A 1 80  ? 7.876   5.561   -7.909  1.00 10.54 ? 80  LYS A N     1 
ATOM   608  C  CA    . LYS A 1 80  ? 8.410   5.216   -9.224  1.00 13.48 ? 80  LYS A CA    1 
ATOM   609  C  C     . LYS A 1 80  ? 9.933   5.255   -9.233  1.00 17.02 ? 80  LYS A C     1 
ATOM   610  O  O     . LYS A 1 80  ? 10.565  4.535   -10.013 1.00 17.86 ? 80  LYS A O     1 
ATOM   611  C  CB    . LYS A 1 80  ? 7.822   6.127   -10.304 1.00 19.22 ? 80  LYS A CB    1 
ATOM   612  C  CG    . LYS A 1 80  ? 8.209   7.571   -10.184 1.00 18.74 ? 80  LYS A CG    1 
ATOM   613  C  CD    . LYS A 1 80  ? 9.291   7.918   -11.191 1.00 27.78 ? 80  LYS A CD    1 
ATOM   614  C  CE    . LYS A 1 80  ? 9.751   9.345   -11.008 1.00 27.21 ? 80  LYS A CE    1 
ATOM   615  N  NZ    . LYS A 1 80  ? 10.950  9.634   -11.840 1.00 37.55 ? 80  LYS A NZ    1 
ATOM   616  N  N     . GLU A 1 81  ? 10.544  6.070   -8.371  1.00 15.02 ? 81  GLU A N     1 
ATOM   617  C  CA    . GLU A 1 81  ? 11.995  6.012   -8.228  1.00 16.44 ? 81  GLU A CA    1 
ATOM   618  C  C     . GLU A 1 81  ? 12.441  4.663   -7.676  1.00 21.41 ? 81  GLU A C     1 
ATOM   619  O  O     . GLU A 1 81  ? 13.462  4.115   -8.104  1.00 21.27 ? 81  GLU A O     1 
ATOM   620  C  CB    . GLU A 1 81  ? 12.482  7.147   -7.332  1.00 16.86 ? 81  GLU A CB    1 
ATOM   621  C  CG    . GLU A 1 81  ? 12.652  8.453   -8.079  1.00 25.09 ? 81  GLU A CG    1 
ATOM   622  C  CD    . GLU A 1 81  ? 13.417  8.268   -9.385  1.00 35.79 ? 81  GLU A CD    1 
ATOM   623  O  OE1   . GLU A 1 81  ? 12.785  8.304   -10.466 1.00 40.32 ? 81  GLU A OE1   1 
ATOM   624  O  OE2   . GLU A 1 81  ? 14.650  8.070   -9.329  1.00 45.59 ? 81  GLU A OE2   1 
ATOM   625  N  N     . GLY A 1 82  ? 11.683  4.103   -6.732  1.00 18.71 ? 82  GLY A N     1 
ATOM   626  C  CA    . GLY A 1 82  ? 12.052  2.814   -6.171  1.00 21.12 ? 82  GLY A CA    1 
ATOM   627  C  C     . GLY A 1 82  ? 11.811  1.664   -7.122  1.00 22.86 ? 82  GLY A C     1 
ATOM   628  O  O     . GLY A 1 82  ? 12.575  0.692   -7.133  1.00 26.42 ? 82  GLY A O     1 
ATOM   629  N  N     . VAL A 1 83  ? 10.755  1.750   -7.930  1.00 16.79 ? 83  VAL A N     1 
ATOM   630  C  CA    . VAL A 1 83  ? 10.510  0.743   -8.956  1.00 18.20 ? 83  VAL A CA    1 
ATOM   631  C  C     . VAL A 1 83  ? 11.637  0.747   -9.976  1.00 24.72 ? 83  VAL A C     1 
ATOM   632  O  O     . VAL A 1 83  ? 12.134  -0.310  -10.385 1.00 23.36 ? 83  VAL A O     1 
ATOM   633  C  CB    . VAL A 1 83  ? 9.153   0.987   -9.633  1.00 21.27 ? 83  VAL A CB    1 
ATOM   634  C  CG1   . VAL A 1 83  ? 8.997   0.078   -10.843 1.00 20.09 ? 83  VAL A CG1   1 
ATOM   635  C  CG2   . VAL A 1 83  ? 8.028   0.766   -8.629  1.00 17.13 ? 83  VAL A CG2   1 
ATOM   636  N  N     . ALA A 1 84  ? 12.046  1.942   -10.405 1.00 20.02 ? 84  ALA A N     1 
ATOM   637  C  CA    . ALA A 1 84  ? 13.106  2.056   -11.403 1.00 21.48 ? 84  ALA A CA    1 
ATOM   638  C  C     . ALA A 1 84  ? 14.422  1.509   -10.872 1.00 27.69 ? 84  ALA A C     1 
ATOM   639  O  O     . ALA A 1 84  ? 15.154  0.821   -11.594 1.00 34.19 ? 84  ALA A O     1 
ATOM   640  C  CB    . ALA A 1 84  ? 13.265  3.515   -11.834 1.00 21.36 ? 84  ALA A CB    1 
ATOM   641  N  N     . SER A 1 85  ? 14.740  1.806   -9.614  1.00 25.47 ? 85  SER A N     1 
ATOM   642  C  CA    . SER A 1 85  ? 15.966  1.310   -9.003  1.00 31.06 ? 85  SER A CA    1 
ATOM   643  C  C     . SER A 1 85  ? 15.865  -0.159  -8.618  1.00 36.62 ? 85  SER A C     1 
ATOM   644  O  O     . SER A 1 85  ? 16.869  -0.879  -8.672  1.00 37.63 ? 85  SER A O     1 
ATOM   645  C  CB    . SER A 1 85  ? 16.305  2.146   -7.771  1.00 30.86 ? 85  SER A CB    1 
ATOM   646  O  OG    . SER A 1 85  ? 15.812  1.519   -6.596  1.00 38.63 ? 85  SER A OG    1 
ATOM   647  N  N     . GLY A 1 86  ? 14.681  -0.619  -8.224  1.00 34.45 ? 86  GLY A N     1 
ATOM   648  C  CA    . GLY A 1 86  ? 14.496  -1.996  -7.818  1.00 30.74 ? 86  GLY A CA    1 
ATOM   649  C  C     . GLY A 1 86  ? 14.784  -2.300  -6.366  1.00 36.50 ? 86  GLY A C     1 
ATOM   650  O  O     . GLY A 1 86  ? 14.944  -3.477  -6.022  1.00 33.07 ? 86  GLY A O     1 
ATOM   651  N  N     . ASN A 1 87  ? 14.852  -1.285  -5.498  1.00 28.89 ? 87  ASN A N     1 
ATOM   652  C  CA    . ASN A 1 87  ? 15.180  -1.479  -4.086  1.00 26.09 ? 87  ASN A CA    1 
ATOM   653  C  C     . ASN A 1 87  ? 14.279  -0.627  -3.194  1.00 24.45 ? 87  ASN A C     1 
ATOM   654  O  O     . ASN A 1 87  ? 14.712  -0.096  -2.164  1.00 29.87 ? 87  ASN A O     1 
ATOM   655  C  CB    . ASN A 1 87  ? 16.650  -1.169  -3.815  1.00 35.92 ? 87  ASN A CB    1 
ATOM   656  C  CG    . ASN A 1 87  ? 17.587  -2.156  -4.489  1.00 46.62 ? 87  ASN A CG    1 
ATOM   657  O  OD1   . ASN A 1 87  ? 18.482  -1.766  -5.243  1.00 52.15 ? 87  ASN A OD1   1 
ATOM   658  N  ND2   . ASN A 1 87  ? 17.380  -3.444  -4.226  1.00 38.09 ? 87  ASN A ND2   1 
ATOM   659  N  N     . LEU A 1 88  ? 13.009  -0.517  -3.563  1.00 18.85 ? 88  LEU A N     1 
ATOM   660  C  CA    . LEU A 1 88  ? 12.070  0.346   -2.854  1.00 16.00 ? 88  LEU A CA    1 
ATOM   661  C  C     . LEU A 1 88  ? 11.939  -0.044  -1.381  1.00 14.07 ? 88  LEU A C     1 
ATOM   662  O  O     . LEU A 1 88  ? 11.615  -1.191  -1.055  1.00 14.83 ? 88  LEU A O     1 
ATOM   663  C  CB    . LEU A 1 88  ? 10.712  0.273   -3.543  1.00 16.62 ? 88  LEU A CB    1 
ATOM   664  C  CG    . LEU A 1 88  ? 9.574   1.081   -2.921  1.00 16.04 ? 88  LEU A CG    1 
ATOM   665  C  CD1   . LEU A 1 88  ? 9.772   2.559   -3.163  1.00 18.17 ? 88  LEU A CD1   1 
ATOM   666  C  CD2   . LEU A 1 88  ? 8.234   0.578   -3.472  1.00 14.39 ? 88  LEU A CD2   1 
ATOM   667  N  N     . ASN A 1 89  ? 12.212  0.918   -0.496  1.00 15.26 ? 89  ASN A N     1 
ATOM   668  C  CA    . ASN A 1 89  ? 12.041  0.767   0.944   1.00 14.19 ? 89  ASN A CA    1 
ATOM   669  C  C     . ASN A 1 89  ? 12.078  2.154   1.566   1.00 15.22 ? 89  ASN A C     1 
ATOM   670  O  O     . ASN A 1 89  ? 13.155  2.697   1.827   1.00 12.52 ? 89  ASN A O     1 
ATOM   671  C  CB    . ASN A 1 89  ? 13.128  -0.134  1.553   1.00 14.81 ? 89  ASN A CB    1 
ATOM   672  C  CG    . ASN A 1 89  ? 12.893  -0.415  3.029   1.00 16.89 ? 89  ASN A CG    1 
ATOM   673  O  OD1   . ASN A 1 89  ? 11.915  0.051   3.612   1.00 16.61 ? 89  ASN A OD1   1 
ATOM   674  N  ND2   . ASN A 1 89  ? 13.795  -1.178  3.642   1.00 19.15 ? 89  ASN A ND2   1 
ATOM   675  N  N     . THR A 1 90  ? 10.908  2.754   1.785   1.00 11.24 ? 90  THR A N     1 
ATOM   676  C  CA    . THR A 1 90  ? 10.879  4.114   2.295   1.00 8.49  ? 90  THR A CA    1 
ATOM   677  C  C     . THR A 1 90  ? 9.651   4.278   3.178   1.00 10.59 ? 90  THR A C     1 
ATOM   678  O  O     . THR A 1 90  ? 8.620   3.644   2.955   1.00 11.64 ? 90  THR A O     1 
ATOM   679  C  CB    . THR A 1 90  ? 10.908  5.143   1.154   1.00 15.03 ? 90  THR A CB    1 
ATOM   680  O  OG1   . THR A 1 90  ? 11.115  6.455   1.698   1.00 18.12 ? 90  THR A OG1   1 
ATOM   681  C  CG2   . THR A 1 90  ? 9.605   5.121   0.361   1.00 17.82 ? 90  THR A CG2   1 
ATOM   682  N  N     . MET A 1 91  ? 9.789   5.087   4.216   1.00 8.62  ? 91  MET A N     1 
ATOM   683  C  CA    . MET A 1 91  ? 8.707   5.308   5.163   1.00 7.01  ? 91  MET A CA    1 
ATOM   684  C  C     . MET A 1 91  ? 8.519   6.805   5.365   1.00 10.18 ? 91  MET A C     1 
ATOM   685  O  O     . MET A 1 91  ? 9.492   7.546   5.516   1.00 11.81 ? 91  MET A O     1 
ATOM   686  C  CB    . MET A 1 91  ? 8.989   4.635   6.494   1.00 11.98 ? 91  MET A CB    1 
ATOM   687  C  CG    . MET A 1 91  ? 7.804   4.595   7.416   1.00 14.23 ? 91  MET A CG    1 
ATOM   688  S  SD    . MET A 1 91  ? 8.193   3.636   8.890   1.00 23.03 ? 91  MET A SD    1 
ATOM   689  C  CE    . MET A 1 91  ? 8.597   2.039   8.207   1.00 18.31 ? 91  MET A CE    1 
ATOM   690  N  N     . PHE A 1 92  ? 7.267   7.258   5.352   1.00 7.16  ? 92  PHE A N     1 
ATOM   691  C  CA    . PHE A 1 92  ? 7.024   8.688   5.467   1.00 5.24  ? 92  PHE A CA    1 
ATOM   692  C  C     . PHE A 1 92  ? 5.582   8.887   5.888   1.00 8.43  ? 92  PHE A C     1 
ATOM   693  O  O     . PHE A 1 92  ? 4.740   8.039   5.620   1.00 8.54  ? 92  PHE A O     1 
ATOM   694  C  CB    . PHE A 1 92  ? 7.281   9.427   4.149   1.00 9.12  ? 92  PHE A CB    1 
ATOM   695  C  CG    . PHE A 1 92  ? 6.509   8.878   2.980   1.00 11.18 ? 92  PHE A CG    1 
ATOM   696  C  CD1   . PHE A 1 92  ? 7.037   7.856   2.213   1.00 12.97 ? 92  PHE A CD1   1 
ATOM   697  C  CD2   . PHE A 1 92  ? 5.250   9.376   2.660   1.00 8.65  ? 92  PHE A CD2   1 
ATOM   698  C  CE1   . PHE A 1 92  ? 6.338   7.333   1.134   1.00 9.24  ? 92  PHE A CE1   1 
ATOM   699  C  CE2   . PHE A 1 92  ? 4.539   8.868   1.582   1.00 9.12  ? 92  PHE A CE2   1 
ATOM   700  C  CZ    . PHE A 1 92  ? 5.085   7.842   0.809   1.00 7.90  ? 92  PHE A CZ    1 
ATOM   701  N  N     . GLU A 1 93  ? 5.305   10.014  6.526   1.00 9.47  ? 93  GLU A N     1 
ATOM   702  C  CA    . GLU A 1 93  ? 3.924   10.353  6.842   1.00 7.96  ? 93  GLU A CA    1 
ATOM   703  C  C     . GLU A 1 93  ? 3.291   11.111  5.678   1.00 7.64  ? 93  GLU A C     1 
ATOM   704  O  O     . GLU A 1 93  ? 3.972   11.763  4.893   1.00 11.20 ? 93  GLU A O     1 
ATOM   705  C  CB    . GLU A 1 93  ? 3.852   11.162  8.141   1.00 10.08 ? 93  GLU A CB    1 
ATOM   706  C  CG    . GLU A 1 93  ? 4.330   10.345  9.322   1.00 11.30 ? 93  GLU A CG    1 
ATOM   707  C  CD    . GLU A 1 93  ? 4.143   11.022  10.667  1.00 16.22 ? 93  GLU A CD    1 
ATOM   708  O  OE1   . GLU A 1 93  ? 3.703   12.189  10.711  1.00 22.03 ? 93  GLU A OE1   1 
ATOM   709  O  OE2   . GLU A 1 93  ? 4.455   10.366  11.682  1.00 18.37 ? 93  GLU A OE2   1 
ATOM   710  N  N     . TYR A 1 94  ? 1.961   11.008  5.569   1.00 7.01  ? 94  TYR A N     1 
ATOM   711  C  CA    . TYR A 1 94  ? 1.229   11.580  4.446   1.00 7.38  ? 94  TYR A CA    1 
ATOM   712  C  C     . TYR A 1 94  ? -0.199  11.825  4.898   1.00 9.40  ? 94  TYR A C     1 
ATOM   713  O  O     . TYR A 1 94  ? -0.658  11.226  5.869   1.00 7.81  ? 94  TYR A O     1 
ATOM   714  C  CB    . TYR A 1 94  ? 1.261   10.635  3.235   1.00 7.43  ? 94  TYR A CB    1 
ATOM   715  C  CG    . TYR A 1 94  ? 1.142   11.323  1.908   1.00 8.25  ? 94  TYR A CG    1 
ATOM   716  C  CD1   . TYR A 1 94  ? 2.250   11.919  1.319   1.00 10.48 ? 94  TYR A CD1   1 
ATOM   717  C  CD2   . TYR A 1 94  ? -0.075  11.380  1.243   1.00 6.72  ? 94  TYR A CD2   1 
ATOM   718  C  CE1   . TYR A 1 94  ? 2.147   12.556  0.109   1.00 11.54 ? 94  TYR A CE1   1 
ATOM   719  C  CE2   . TYR A 1 94  ? -0.190  12.010  0.034   1.00 6.36  ? 94  TYR A CE2   1 
ATOM   720  C  CZ    . TYR A 1 94  ? 0.932   12.606  -0.533  1.00 8.26  ? 94  TYR A CZ    1 
ATOM   721  O  OH    . TYR A 1 94  ? 0.853   13.248  -1.758  1.00 11.54 ? 94  TYR A OH    1 
ATOM   722  N  N     . THR A 1 95  ? -0.909  12.695  4.177   1.00 5.70  ? 95  THR A N     1 
ATOM   723  C  CA    . THR A 1 95  ? -2.322  12.923  4.464   1.00 4.77  ? 95  THR A CA    1 
ATOM   724  C  C     . THR A 1 95  ? -3.167  12.490  3.278   1.00 6.43  ? 95  THR A C     1 
ATOM   725  O  O     . THR A 1 95  ? -2.957  12.959  2.155   1.00 7.78  ? 95  THR A O     1 
ATOM   726  C  CB    . THR A 1 95  ? -2.589  14.390  4.811   1.00 8.26  ? 95  THR A CB    1 
ATOM   727  O  OG1   . THR A 1 95  ? -1.893  14.715  6.025   1.00 9.90  ? 95  THR A OG1   1 
ATOM   728  C  CG2   . THR A 1 95  ? -4.085  14.591  5.030   1.00 8.29  ? 95  THR A CG2   1 
ATOM   729  N  N     . PHE A 1 96  ? -4.119  11.589  3.530   1.00 8.15  ? 96  PHE A N     1 
ATOM   730  C  CA    . PHE A 1 96  ? -5.076  11.148  2.521   1.00 5.35  ? 96  PHE A CA    1 
ATOM   731  C  C     . PHE A 1 96  ? -6.317  12.028  2.602   1.00 7.36  ? 96  PHE A C     1 
ATOM   732  O  O     . PHE A 1 96  ? -6.959  12.087  3.654   1.00 8.61  ? 96  PHE A O     1 
ATOM   733  C  CB    . PHE A 1 96  ? -5.466  9.689   2.747   1.00 8.02  ? 96  PHE A CB    1 
ATOM   734  C  CG    . PHE A 1 96  ? -4.354  8.698   2.528   1.00 7.32  ? 96  PHE A CG    1 
ATOM   735  C  CD1   . PHE A 1 96  ? -3.223  9.028   1.804   1.00 8.83  ? 96  PHE A CD1   1 
ATOM   736  C  CD2   . PHE A 1 96  ? -4.477  7.413   3.036   1.00 7.08  ? 96  PHE A CD2   1 
ATOM   737  C  CE1   . PHE A 1 96  ? -2.214  8.087   1.596   1.00 10.23 ? 96  PHE A CE1   1 
ATOM   738  C  CE2   . PHE A 1 96  ? -3.472  6.464   2.833   1.00 7.09  ? 96  PHE A CE2   1 
ATOM   739  C  CZ    . PHE A 1 96  ? -2.344  6.803   2.113   1.00 8.24  ? 96  PHE A CZ    1 
ATOM   740  N  N     . ASP A 1 97  ? -6.682  12.687  1.495   1.00 6.79  ? 97  ASP A N     1 
ATOM   741  C  CA    . ASP A 1 97  ? -7.767  13.656  1.611   1.00 7.54  ? 97  ASP A CA    1 
ATOM   742  C  C     . ASP A 1 97  ? -8.717  13.690  0.417   1.00 9.83  ? 97  ASP A C     1 
ATOM   743  O  O     . ASP A 1 97  ? -9.492  14.650  0.284   1.00 13.16 ? 97  ASP A O     1 
ATOM   744  C  CB    . ASP A 1 97  ? -7.194  15.049  1.846   1.00 10.13 ? 97  ASP A CB    1 
ATOM   745  C  CG    . ASP A 1 97  ? -6.271  15.491  0.725   1.00 13.97 ? 97  ASP A CG    1 
ATOM   746  O  OD1   . ASP A 1 97  ? -6.185  14.772  -0.287  1.00 16.67 ? 97  ASP A OD1   1 
ATOM   747  O  OD2   . ASP A 1 97  ? -5.642  16.559  0.853   1.00 19.21 ? 97  ASP A OD2   1 
ATOM   748  N  N     . TYR A 1 98  ? -8.695  12.696  -0.457  1.00 9.48  ? 98  TYR A N     1 
ATOM   749  C  CA    . TYR A 1 98  ? -9.536  12.735  -1.647  1.00 7.47  ? 98  TYR A CA    1 
ATOM   750  C  C     . TYR A 1 98  ? -10.887 12.102  -1.350  1.00 11.77 ? 98  TYR A C     1 
ATOM   751  O  O     . TYR A 1 98  ? -10.954 10.906  -1.068  1.00 10.63 ? 98  TYR A O     1 
ATOM   752  C  CB    . TYR A 1 98  ? -8.856  12.017  -2.806  1.00 8.19  ? 98  TYR A CB    1 
ATOM   753  C  CG    . TYR A 1 98  ? -9.673  12.037  -4.057  1.00 8.21  ? 98  TYR A CG    1 
ATOM   754  C  CD1   . TYR A 1 98  ? -9.998  13.237  -4.675  1.00 11.80 ? 98  TYR A CD1   1 
ATOM   755  C  CD2   . TYR A 1 98  ? -10.103 10.859  -4.640  1.00 10.73 ? 98  TYR A CD2   1 
ATOM   756  C  CE1   . TYR A 1 98  ? -10.747 13.261  -5.829  1.00 9.99  ? 98  TYR A CE1   1 
ATOM   757  C  CE2   . TYR A 1 98  ? -10.858 10.870  -5.789  1.00 16.02 ? 98  TYR A CE2   1 
ATOM   758  C  CZ    . TYR A 1 98  ? -11.180 12.070  -6.381  1.00 16.68 ? 98  TYR A CZ    1 
ATOM   759  O  OH    . TYR A 1 98  ? -11.934 12.082  -7.536  1.00 14.05 ? 98  TYR A OH    1 
ATOM   760  N  N     . GLN A 1 99  ? -11.954 12.905  -1.430  1.00 9.93  ? 99  GLN A N     1 
ATOM   761  C  CA    . GLN A 1 99  ? -13.330 12.440  -1.196  1.00 10.59 ? 99  GLN A CA    1 
ATOM   762  C  C     . GLN A 1 99  ? -13.442 11.704  0.136   1.00 11.79 ? 99  GLN A C     1 
ATOM   763  O  O     . GLN A 1 99  ? -14.187 10.726  0.279   1.00 12.97 ? 99  GLN A O     1 
ATOM   764  C  CB    . GLN A 1 99  ? -13.827 11.567  -2.349  1.00 15.97 ? 99  GLN A CB    1 
ATOM   765  C  CG    . GLN A 1 99  ? -13.999 12.339  -3.665  1.00 18.91 ? 99  GLN A CG    1 
ATOM   766  C  CD    . GLN A 1 99  ? -14.623 13.724  -3.474  1.00 27.41 ? 99  GLN A CD    1 
ATOM   767  O  OE1   . GLN A 1 99  ? -15.839 13.863  -3.327  1.00 28.83 ? 99  GLN A OE1   1 
ATOM   768  N  NE2   . GLN A 1 99  ? -13.783 14.757  -3.494  1.00 35.37 ? 99  GLN A NE2   1 
ATOM   769  N  N     . MET A 1 100 ? -12.724 12.215  1.135   1.00 10.05 ? 100 MET A N     1 
ATOM   770  C  CA    . MET A 1 100 ? -12.709 11.619  2.462   1.00 7.75  ? 100 MET A CA    1 
ATOM   771  C  C     . MET A 1 100 ? -12.302 12.676  3.472   1.00 10.99 ? 100 MET A C     1 
ATOM   772  O  O     . MET A 1 100 ? -11.665 13.677  3.128   1.00 11.29 ? 100 MET A O     1 
ATOM   773  C  CB    . MET A 1 100 ? -11.730 10.451  2.548   1.00 10.11 ? 100 MET A CB    1 
ATOM   774  C  CG    . MET A 1 100 ? -10.291 10.915  2.359   1.00 12.00 ? 100 MET A CG    1 
ATOM   775  S  SD    . MET A 1 100 ? -9.182  9.596   1.877   1.00 14.50 ? 100 MET A SD    1 
ATOM   776  C  CE    . MET A 1 100 ? -9.033  8.706   3.401   1.00 10.97 ? 100 MET A CE    1 
ATOM   777  N  N     . THR A 1 101 ? -12.635 12.419  4.732   1.00 10.09 ? 101 THR A N     1 
ATOM   778  C  CA    . THR A 1 101 ? -12.124 13.278  5.788   1.00 13.35 ? 101 THR A CA    1 
ATOM   779  C  C     . THR A 1 101 ? -10.606 13.158  5.812   1.00 9.35  ? 101 THR A C     1 
ATOM   780  O  O     . THR A 1 101 ? -10.086 12.034  5.806   1.00 11.86 ? 101 THR A O     1 
ATOM   781  C  CB    . THR A 1 101 ? -12.708 12.886  7.143   1.00 12.97 ? 101 THR A CB    1 
ATOM   782  O  OG1   . THR A 1 101 ? -14.110 13.176  7.141   1.00 16.28 ? 101 THR A OG1   1 
ATOM   783  C  CG2   . THR A 1 101 ? -12.055 13.679  8.243   1.00 14.76 ? 101 THR A CG2   1 
ATOM   784  N  N     . PRO A 1 102 ? -9.872  14.269  5.820   1.00 8.33  ? 102 PRO A N     1 
ATOM   785  C  CA    . PRO A 1 102 ? -8.409  14.177  5.759   1.00 6.23  ? 102 PRO A CA    1 
ATOM   786  C  C     . PRO A 1 102 ? -7.890  13.330  6.906   1.00 11.91 ? 102 PRO A C     1 
ATOM   787  O  O     . PRO A 1 102 ? -8.264  13.521  8.068   1.00 12.43 ? 102 PRO A O     1 
ATOM   788  C  CB    . PRO A 1 102 ? -7.968  15.638  5.876   1.00 8.74  ? 102 PRO A CB    1 
ATOM   789  C  CG    . PRO A 1 102 ? -9.117  16.406  5.322   1.00 14.00 ? 102 PRO A CG    1 
ATOM   790  C  CD    . PRO A 1 102 ? -10.324 15.672  5.803   1.00 11.60 ? 102 PRO A CD    1 
ATOM   791  N  N     . THR A 1 103 ? -7.028  12.376  6.567   1.00 10.96 ? 103 THR A N     1 
ATOM   792  C  CA    . THR A 1 103 ? -6.567  11.365  7.512   1.00 9.82  ? 103 THR A CA    1 
ATOM   793  C  C     . THR A 1 103 ? -5.059  11.276  7.403   1.00 6.68  ? 103 THR A C     1 
ATOM   794  O  O     . THR A 1 103 ? -4.534  10.939  6.336   1.00 8.68  ? 103 THR A O     1 
ATOM   795  C  CB    . THR A 1 103 ? -7.192  9.999   7.221   1.00 13.65 ? 103 THR A CB    1 
ATOM   796  O  OG1   . THR A 1 103 ? -8.626  10.108  7.246   1.00 17.86 ? 103 THR A OG1   1 
ATOM   797  C  CG2   . THR A 1 103 ? -6.727  8.977   8.254   1.00 16.06 ? 103 THR A CG2   1 
ATOM   798  N  N     . LYS A 1 104 ? -4.367  11.576  8.497   1.00 8.20  ? 104 LYS A N     1 
ATOM   799  C  CA    . LYS A 1 104 ? -2.914  11.474  8.510   1.00 8.08  ? 104 LYS A CA    1 
ATOM   800  C  C     . LYS A 1 104 ? -2.483  10.038  8.775   1.00 7.40  ? 104 LYS A C     1 
ATOM   801  O  O     . LYS A 1 104 ? -3.012  9.376   9.673   1.00 8.48  ? 104 LYS A O     1 
ATOM   802  C  CB    . LYS A 1 104 ? -2.321  12.403  9.568   1.00 12.54 ? 104 LYS A CB    1 
ATOM   803  C  CG    . LYS A 1 104 ? -0.816  12.571  9.397   1.00 17.04 ? 104 LYS A CG    1 
ATOM   804  C  CD    . LYS A 1 104 ? -0.260  13.733  10.196  1.00 23.36 ? 104 LYS A CD    1 
ATOM   805  C  CE    . LYS A 1 104 ? 1.146   14.064  9.720   1.00 32.89 ? 104 LYS A CE    1 
ATOM   806  N  NZ    . LYS A 1 104 ? 1.181   14.271  8.240   1.00 33.35 ? 104 LYS A NZ    1 
ATOM   807  N  N     . VAL A 1 105 ? -1.528  9.543   7.980   1.00 6.04  ? 105 VAL A N     1 
ATOM   808  C  CA    . VAL A 1 105 ? -1.102  8.157   8.073   1.00 5.28  ? 105 VAL A CA    1 
ATOM   809  C  C     . VAL A 1 105 ? 0.414   8.083   8.020   1.00 6.01  ? 105 VAL A C     1 
ATOM   810  O  O     . VAL A 1 105 ? 1.091   9.012   7.581   1.00 6.61  ? 105 VAL A O     1 
ATOM   811  C  CB    . VAL A 1 105 ? -1.692  7.306   6.936   1.00 5.04  ? 105 VAL A CB    1 
ATOM   812  C  CG1   . VAL A 1 105 ? -3.201  7.197   7.087   1.00 8.66  ? 105 VAL A CG1   1 
ATOM   813  C  CG2   . VAL A 1 105 ? -1.326  7.925   5.588   1.00 7.69  ? 105 VAL A CG2   1 
ATOM   814  N  N     . LYS A 1 106 ? 0.940   6.941   8.457   1.00 4.67  ? 106 LYS A N     1 
ATOM   815  C  CA    . LYS A 1 106 ? 2.322   6.585   8.157   1.00 5.91  ? 106 LYS A CA    1 
ATOM   816  C  C     . LYS A 1 106 ? 2.309   5.575   7.020   1.00 4.79  ? 106 LYS A C     1 
ATOM   817  O  O     . LYS A 1 106 ? 1.489   4.654   7.013   1.00 6.44  ? 106 LYS A O     1 
ATOM   818  C  CB    . LYS A 1 106 ? 3.042   5.994   9.375   1.00 5.45  ? 106 LYS A CB    1 
ATOM   819  C  CG    . LYS A 1 106 ? 4.566   5.890   9.174   1.00 8.57  ? 106 LYS A CG    1 
ATOM   820  C  CD    . LYS A 1 106 ? 5.267   5.347   10.425  1.00 11.50 ? 106 LYS A CD    1 
ATOM   821  C  CE    . LYS A 1 106 ? 5.096   6.280   11.601  1.00 14.08 ? 106 LYS A CE    1 
ATOM   822  N  NZ    . LYS A 1 106 ? 6.042   5.913   12.718  1.00 17.11 ? 106 LYS A NZ    1 
ATOM   823  N  N     . VAL A 1 107 ? 3.193   5.776   6.044   1.00 5.64  ? 107 VAL A N     1 
ATOM   824  C  CA    . VAL A 1 107 ? 3.238   4.963   4.836   1.00 5.26  ? 107 VAL A CA    1 
ATOM   825  C  C     . VAL A 1 107 ? 4.595   4.283   4.784   1.00 7.52  ? 107 VAL A C     1 
ATOM   826  O  O     . VAL A 1 107 ? 5.623   4.924   5.019   1.00 9.16  ? 107 VAL A O     1 
ATOM   827  C  CB    . VAL A 1 107 ? 3.016   5.806   3.564   1.00 7.33  ? 107 VAL A CB    1 
ATOM   828  C  CG1   . VAL A 1 107 ? 3.075   4.919   2.299   1.00 7.64  ? 107 VAL A CG1   1 
ATOM   829  C  CG2   . VAL A 1 107 ? 1.723   6.591   3.649   1.00 7.67  ? 107 VAL A CG2   1 
ATOM   830  N  N     . HIS A 1 108 ? 4.596   2.989   4.522   1.00 6.25  ? 108 HIS A N     1 
ATOM   831  C  CA    . HIS A 1 108 ? 5.826   2.253   4.268   1.00 6.77  ? 108 HIS A CA    1 
ATOM   832  C  C     . HIS A 1 108 ? 5.696   1.587   2.909   1.00 6.19  ? 108 HIS A C     1 
ATOM   833  O  O     . HIS A 1 108 ? 4.802   0.766   2.711   1.00 7.88  ? 108 HIS A O     1 
ATOM   834  C  CB    . HIS A 1 108 ? 6.051   1.223   5.372   1.00 6.91  ? 108 HIS A CB    1 
ATOM   835  C  CG    . HIS A 1 108 ? 7.287   0.413   5.186   1.00 8.57  ? 108 HIS A CG    1 
ATOM   836  N  ND1   . HIS A 1 108 ? 7.431   -0.846  5.719   1.00 11.97 ? 108 HIS A ND1   1 
ATOM   837  C  CD2   . HIS A 1 108 ? 8.435   0.683   4.527   1.00 14.43 ? 108 HIS A CD2   1 
ATOM   838  C  CE1   . HIS A 1 108 ? 8.625   -1.318  5.400   1.00 10.35 ? 108 HIS A CE1   1 
ATOM   839  N  NE2   . HIS A 1 108 ? 9.249   -0.415  4.669   1.00 11.55 ? 108 HIS A NE2   1 
ATOM   840  N  N     . MET A 1 109 ? 6.545   1.971   1.950   1.00 5.99  ? 109 MET A N     1 
ATOM   841  C  CA    . MET A 1 109 ? 6.544   1.303   0.650   1.00 6.31  ? 109 MET A CA    1 
ATOM   842  C  C     . MET A 1 109 ? 7.760   0.398   0.570   1.00 8.48  ? 109 MET A C     1 
ATOM   843  O  O     . MET A 1 109 ? 8.865   0.798   0.950   1.00 8.58  ? 109 MET A O     1 
ATOM   844  C  CB    . MET A 1 109 ? 6.522   2.308   -0.501  1.00 9.23  ? 109 MET A CB    1 
ATOM   845  C  CG    . MET A 1 109 ? 5.205   3.073   -0.559  1.00 12.52 ? 109 MET A CG    1 
ATOM   846  S  SD    . MET A 1 109 ? 5.076   4.123   -2.016  1.00 24.89 ? 109 MET A SD    1 
ATOM   847  C  CE    . MET A 1 109 ? 6.670   4.794   -1.848  1.00 4.80  ? 109 MET A CE    1 
ATOM   848  N  N     . LYS A 1 110 ? 7.539   -0.834  0.134   1.00 7.55  ? 110 LYS A N     1 
ATOM   849  C  CA    . LYS A 1 110 ? 8.627   -1.798  0.094   1.00 11.61 ? 110 LYS A CA    1 
ATOM   850  C  C     . LYS A 1 110 ? 8.428   -2.730  -1.086  1.00 9.12  ? 110 LYS A C     1 
ATOM   851  O  O     . LYS A 1 110 ? 7.328   -3.234  -1.299  1.00 9.99  ? 110 LYS A O     1 
ATOM   852  C  CB    . LYS A 1 110 ? 8.703   -2.616  1.378   1.00 10.78 ? 110 LYS A CB    1 
ATOM   853  C  CG    . LYS A 1 110 ? 10.004  -3.421  1.430   1.00 15.28 ? 110 LYS A CG    1 
ATOM   854  C  CD    . LYS A 1 110 ? 10.353  -3.876  2.803   1.00 13.27 ? 110 LYS A CD    1 
ATOM   855  C  CE    . LYS A 1 110 ? 11.857  -4.141  2.890   1.00 18.74 ? 110 LYS A CE    1 
ATOM   856  N  NZ    . LYS A 1 110 ? 12.148  -4.788  4.179   1.00 21.90 ? 110 LYS A NZ    1 
ATOM   857  N  N     . LYS A 1 111 ? 9.506   -2.979  -1.820  1.00 12.90 ? 111 LYS A N     1 
ATOM   858  C  CA    . LYS A 1 111 ? 9.452   -3.916  -2.931  1.00 11.88 ? 111 LYS A CA    1 
ATOM   859  C  C     . LYS A 1 111 ? 9.093   -5.305  -2.429  1.00 12.57 ? 111 LYS A C     1 
ATOM   860  O  O     . LYS A 1 111 ? 9.649   -5.782  -1.434  1.00 18.00 ? 111 LYS A O     1 
ATOM   861  C  CB    . LYS A 1 111 ? 10.807  -3.941  -3.638  1.00 15.05 ? 111 LYS A CB    1 
ATOM   862  C  CG    . LYS A 1 111 ? 10.925  -4.930  -4.782  1.00 21.36 ? 111 LYS A CG    1 
ATOM   863  C  CD    . LYS A 1 111 ? 11.781  -4.351  -5.901  1.00 27.76 ? 111 LYS A CD    1 
ATOM   864  C  CE    . LYS A 1 111 ? 12.464  -5.443  -6.707  1.00 34.49 ? 111 LYS A CE    1 
ATOM   865  N  NZ    . LYS A 1 111 ? 11.495  -6.416  -7.257  1.00 35.12 ? 111 LYS A NZ    1 
ATOM   866  N  N     . ALA A 1 112 ? 8.155   -5.949  -3.112  1.00 12.05 ? 112 ALA A N     1 
ATOM   867  C  CA    . ALA A 1 112 ? 7.750   -7.300  -2.769  1.00 11.92 ? 112 ALA A CA    1 
ATOM   868  C  C     . ALA A 1 112 ? 8.804   -8.303  -3.226  1.00 22.95 ? 112 ALA A C     1 
ATOM   869  O  O     . ALA A 1 112 ? 9.755   -7.974  -3.941  1.00 19.53 ? 112 ALA A O     1 
ATOM   870  C  CB    . ALA A 1 112 ? 6.394   -7.623  -3.399  1.00 16.35 ? 112 ALA A CB    1 
ATOM   871  N  N     . LEU A 1 113 ? 8.627   -9.551  -2.788  1.00 23.60 ? 113 LEU A N     1 
ATOM   872  C  CA    . LEU A 1 113 ? 9.480   -10.626 -3.280  1.00 28.75 ? 113 LEU A CA    1 
ATOM   873  C  C     . LEU A 1 113 ? 9.072   -11.067 -4.679  1.00 31.25 ? 113 LEU A C     1 
ATOM   874  O  O     . LEU A 1 113 ? 9.916   -11.539 -5.451  1.00 40.18 ? 113 LEU A O     1 
ATOM   875  C  CB    . LEU A 1 113 ? 9.431   -11.804 -2.313  1.00 27.93 ? 113 LEU A CB    1 
ATOM   876  C  CG    . LEU A 1 113 ? 10.087  -11.523 -0.969  1.00 26.29 ? 113 LEU A CG    1 
ATOM   877  C  CD1   . LEU A 1 113 ? 10.340  -12.833 -0.265  1.00 23.67 ? 113 LEU A CD1   1 
ATOM   878  C  CD2   . LEU A 1 113 ? 11.386  -10.752 -1.163  1.00 26.45 ? 113 LEU A CD2   1 
ATOM   879  N  N     . SER A 1 114 ? 7.799   -10.896 -5.032  1.00 34.01 ? 114 SER A N     1 
ATOM   880  C  CA    . SER A 1 114 ? 7.249   -11.388 -6.290  1.00 39.79 ? 114 SER A CA    1 
ATOM   881  C  C     . SER A 1 114 ? 7.672   -10.574 -7.510  1.00 45.41 ? 114 SER A C     1 
ATOM   882  O  O     . SER A 1 114 ? 6.934   -10.528 -8.499  1.00 51.65 ? 114 SER A O     1 
ATOM   883  C  CB    . SER A 1 114 ? 5.721   -11.420 -6.210  1.00 40.14 ? 114 SER A CB    1 
ATOM   884  O  OG    . SER A 1 114 ? 5.277   -11.777 -4.913  1.00 47.73 ? 114 SER A OG    1 
ATOM   885  N  N     . GLY A 1 115 ? 8.834   -9.919  -7.464  1.00 48.32 ? 115 GLY A N     1 
ATOM   886  C  CA    . GLY A 1 115 ? 9.380   -9.268  -8.647  1.00 39.46 ? 115 GLY A CA    1 
ATOM   887  C  C     . GLY A 1 115 ? 8.744   -7.940  -9.029  1.00 41.34 ? 115 GLY A C     1 
ATOM   888  O  O     . GLY A 1 115 ? 9.143   -6.895  -8.504  1.00 45.98 ? 115 GLY A O     1 
ATOM   889  N  N     . ASP A 1 116 ? 7.751   -7.961  -9.927  1.00 32.14 ? 116 ASP A N     1 
ATOM   890  C  CA    . ASP A 1 116 ? 7.089   -6.742  -10.400 1.00 34.26 ? 116 ASP A CA    1 
ATOM   891  C  C     . ASP A 1 116 ? 5.896   -6.428  -9.489  1.00 29.28 ? 116 ASP A C     1 
ATOM   892  O  O     . ASP A 1 116 ? 4.751   -6.254  -9.910  1.00 27.97 ? 116 ASP A O     1 
ATOM   893  C  CB    . ASP A 1 116 ? 6.705   -6.906  -11.871 1.00 38.49 ? 116 ASP A CB    1 
ATOM   894  C  CG    . ASP A 1 116 ? 5.722   -5.839  -12.369 1.00 50.32 ? 116 ASP A CG    1 
ATOM   895  O  OD1   . ASP A 1 116 ? 4.648   -6.214  -12.883 1.00 53.55 ? 116 ASP A OD1   1 
ATOM   896  O  OD2   . ASP A 1 116 ? 6.003   -4.628  -12.227 1.00 51.54 ? 116 ASP A OD2   1 
ATOM   897  N  N     . SER A 1 117 ? 6.193   -6.384  -8.191  1.00 22.93 ? 117 SER A N     1 
ATOM   898  C  CA    . SER A 1 117 ? 5.176   -6.181  -7.170  1.00 17.25 ? 117 SER A CA    1 
ATOM   899  C  C     . SER A 1 117 ? 5.770   -5.298  -6.087  1.00 12.97 ? 117 SER A C     1 
ATOM   900  O  O     . SER A 1 117 ? 6.949   -5.419  -5.754  1.00 12.89 ? 117 SER A O     1 
ATOM   901  C  CB    . SER A 1 117 ? 4.702   -7.510  -6.567  1.00 16.22 ? 117 SER A CB    1 
ATOM   902  O  OG    . SER A 1 117 ? 3.788   -8.158  -7.424  1.00 30.55 ? 117 SER A OG    1 
ATOM   903  N  N     . TYR A 1 118 ? 4.957   -4.387  -5.562  1.00 10.53 ? 118 TYR A N     1 
ATOM   904  C  CA    . TYR A 1 118 ? 5.443   -3.412  -4.591  1.00 6.96  ? 118 TYR A CA    1 
ATOM   905  C  C     . TYR A 1 118 ? 4.379   -3.225  -3.533  1.00 9.18  ? 118 TYR A C     1 
ATOM   906  O  O     . TYR A 1 118 ? 3.203   -3.049  -3.861  1.00 10.54 ? 118 TYR A O     1 
ATOM   907  C  CB    . TYR A 1 118 ? 5.767   -2.074  -5.270  1.00 7.33  ? 118 TYR A CB    1 
ATOM   908  C  CG    . TYR A 1 118 ? 6.699   -2.320  -6.428  1.00 12.21 ? 118 TYR A CG    1 
ATOM   909  C  CD1   . TYR A 1 118 ? 6.199   -2.594  -7.696  1.00 17.31 ? 118 TYR A CD1   1 
ATOM   910  C  CD2   . TYR A 1 118 ? 8.061   -2.355  -6.239  1.00 15.81 ? 118 TYR A CD2   1 
ATOM   911  C  CE1   . TYR A 1 118 ? 7.050   -2.873  -8.758  1.00 18.47 ? 118 TYR A CE1   1 
ATOM   912  C  CE2   . TYR A 1 118 ? 8.923   -2.625  -7.297  1.00 16.60 ? 118 TYR A CE2   1 
ATOM   913  C  CZ    . TYR A 1 118 ? 8.404   -2.884  -8.547  1.00 19.74 ? 118 TYR A CZ    1 
ATOM   914  O  OH    . TYR A 1 118 ? 9.249   -3.159  -9.600  1.00 21.98 ? 118 TYR A OH    1 
ATOM   915  N  N     . TRP A 1 119 ? 4.790   -3.261  -2.274  1.00 9.76  ? 119 TRP A N     1 
ATOM   916  C  CA    . TRP A 1 119 ? 3.851   -3.089  -1.178  1.00 8.76  ? 119 TRP A CA    1 
ATOM   917  C  C     . TRP A 1 119 ? 3.751   -1.632  -0.773  1.00 8.11  ? 119 TRP A C     1 
ATOM   918  O  O     . TRP A 1 119 ? 4.755   -0.927  -0.716  1.00 8.06  ? 119 TRP A O     1 
ATOM   919  C  CB    . TRP A 1 119 ? 4.293   -3.873  0.049   1.00 6.75  ? 119 TRP A CB    1 
ATOM   920  C  CG    . TRP A 1 119 ? 4.278   -5.355  -0.079  1.00 9.84  ? 119 TRP A CG    1 
ATOM   921  C  CD1   . TRP A 1 119 ? 5.361   -6.174  -0.193  1.00 13.43 ? 119 TRP A CD1   1 
ATOM   922  C  CD2   . TRP A 1 119 ? 3.131   -6.196  -0.058  1.00 10.23 ? 119 TRP A CD2   1 
ATOM   923  N  NE1   . TRP A 1 119 ? 4.954   -7.484  -0.258  1.00 13.90 ? 119 TRP A NE1   1 
ATOM   924  C  CE2   . TRP A 1 119 ? 3.588   -7.525  -0.180  1.00 11.27 ? 119 TRP A CE2   1 
ATOM   925  C  CE3   . TRP A 1 119 ? 1.760   -5.959  0.039   1.00 12.00 ? 119 TRP A CE3   1 
ATOM   926  C  CZ2   . TRP A 1 119 ? 2.721   -8.608  -0.212  1.00 17.85 ? 119 TRP A CZ2   1 
ATOM   927  C  CZ3   . TRP A 1 119 ? 0.893   -7.048  0.011   1.00 13.24 ? 119 TRP A CZ3   1 
ATOM   928  C  CH2   . TRP A 1 119 ? 1.383   -8.351  -0.115  1.00 15.11 ? 119 TRP A CH2   1 
ATOM   929  N  N     . VAL A 1 120 ? 2.533   -1.198  -0.454  1.00 7.35  ? 120 VAL A N     1 
ATOM   930  C  CA    . VAL A 1 120 ? 2.295   0.083   0.215   1.00 7.51  ? 120 VAL A CA    1 
ATOM   931  C  C     . VAL A 1 120 ? 1.570   -0.251  1.505   1.00 6.21  ? 120 VAL A C     1 
ATOM   932  O  O     . VAL A 1 120 ? 0.439   -0.737  1.471   1.00 5.38  ? 120 VAL A O     1 
ATOM   933  C  CB    . VAL A 1 120 ? 1.471   1.057   -0.643  1.00 7.73  ? 120 VAL A CB    1 
ATOM   934  C  CG1   . VAL A 1 120 ? 1.303   2.386   0.105   1.00 9.56  ? 120 VAL A CG1   1 
ATOM   935  C  CG2   . VAL A 1 120 ? 2.133   1.280   -1.997  1.00 9.15  ? 120 VAL A CG2   1 
ATOM   936  N  N     . PHE A 1 121 ? 2.227   -0.027  2.648   1.00 5.76  ? 121 PHE A N     1 
ATOM   937  C  CA    . PHE A 1 121 ? 1.624   -0.297  3.946   1.00 6.62  ? 121 PHE A CA    1 
ATOM   938  C  C     . PHE A 1 121 ? 1.226   1.018   4.580   1.00 8.51  ? 121 PHE A C     1 
ATOM   939  O  O     . PHE A 1 121 ? 1.926   2.017   4.427   1.00 6.10  ? 121 PHE A O     1 
ATOM   940  C  CB    . PHE A 1 121 ? 2.605   -1.034  4.857   1.00 6.75  ? 121 PHE A CB    1 
ATOM   941  C  CG    . PHE A 1 121 ? 3.105   -2.313  4.261   1.00 5.89  ? 121 PHE A CG    1 
ATOM   942  C  CD1   . PHE A 1 121 ? 2.217   -3.334  3.986   1.00 7.08  ? 121 PHE A CD1   1 
ATOM   943  C  CD2   . PHE A 1 121 ? 4.444   -2.487  3.969   1.00 8.88  ? 121 PHE A CD2   1 
ATOM   944  C  CE1   . PHE A 1 121 ? 2.665   -4.525  3.442   1.00 9.71  ? 121 PHE A CE1   1 
ATOM   945  C  CE2   . PHE A 1 121 ? 4.895   -3.676  3.430   1.00 9.50  ? 121 PHE A CE2   1 
ATOM   946  C  CZ    . PHE A 1 121 ? 4.007   -4.692  3.176   1.00 9.12  ? 121 PHE A CZ    1 
ATOM   947  N  N     . VAL A 1 122 ? 0.104   1.015   5.296   1.00 5.25  ? 122 VAL A N     1 
ATOM   948  C  CA    . VAL A 1 122 ? -0.467  2.242   5.840   1.00 4.58  ? 122 VAL A CA    1 
ATOM   949  C  C     . VAL A 1 122 ? -0.957  1.992   7.253   1.00 5.93  ? 122 VAL A C     1 
ATOM   950  O  O     . VAL A 1 122 ? -1.630  0.991   7.508   1.00 7.25  ? 122 VAL A O     1 
ATOM   951  C  CB    . VAL A 1 122 ? -1.635  2.733   4.971   1.00 6.10  ? 122 VAL A CB    1 
ATOM   952  C  CG1   . VAL A 1 122 ? -2.220  3.995   5.560   1.00 7.24  ? 122 VAL A CG1   1 
ATOM   953  C  CG2   . VAL A 1 122 ? -1.182  2.933   3.512   1.00 9.78  ? 122 VAL A CG2   1 
ATOM   954  N  N     . LYS A 1 123 ? -0.660  2.920   8.171   1.00 6.05  ? 123 LYS A N     1 
ATOM   955  C  CA    . LYS A 1 123 ? -1.285  2.890   9.489   1.00 5.86  ? 123 LYS A CA    1 
ATOM   956  C  C     . LYS A 1 123 ? -1.599  4.312   9.939   1.00 6.35  ? 123 LYS A C     1 
ATOM   957  O  O     . LYS A 1 123 ? -1.016  5.286   9.461   1.00 6.53  ? 123 LYS A O     1 
ATOM   958  C  CB    . LYS A 1 123 ? -0.404  2.194   10.545  1.00 7.62  ? 123 LYS A CB    1 
ATOM   959  C  CG    . LYS A 1 123 ? 0.826   2.958   10.979  1.00 7.60  ? 123 LYS A CG    1 
ATOM   960  C  CD    . LYS A 1 123 ? 1.420   2.321   12.242  1.00 9.00  ? 123 LYS A CD    1 
ATOM   961  C  CE    . LYS A 1 123 ? 2.670   3.076   12.675  1.00 12.85 ? 123 LYS A CE    1 
ATOM   962  N  NZ    . LYS A 1 123 ? 3.171   2.607   14.008  1.00 13.38 ? 123 LYS A NZ    1 
ATOM   963  N  N     . ARG A 1 124 ? -2.562  4.431   10.850  1.00 6.78  ? 124 ARG A N     1 
ATOM   964  C  CA    . ARG A 1 124 ? -2.898  5.759   11.341  1.00 6.92  ? 124 ARG A CA    1 
ATOM   965  C  C     . ARG A 1 124 ? -1.793  6.303   12.241  1.00 9.01  ? 124 ARG A C     1 
ATOM   966  O  O     . ARG A 1 124 ? -1.097  5.556   12.936  1.00 10.51 ? 124 ARG A O     1 
ATOM   967  C  CB    . ARG A 1 124 ? -4.214  5.717   12.118  1.00 10.71 ? 124 ARG A CB    1 
ATOM   968  C  CG    . ARG A 1 124 ? -5.401  5.272   11.285  1.00 11.18 ? 124 ARG A CG    1 
ATOM   969  C  CD    . ARG A 1 124 ? -6.667  5.237   12.146  1.00 12.36 ? 124 ARG A CD    1 
ATOM   970  N  NE    . ARG A 1 124 ? -7.857  5.027   11.333  1.00 19.12 ? 124 ARG A NE    1 
ATOM   971  C  CZ    . ARG A 1 124 ? -8.395  3.834   11.090  1.00 23.76 ? 124 ARG A CZ    1 
ATOM   972  N  NH1   . ARG A 1 124 ? -7.847  2.726   11.591  1.00 24.43 ? 124 ARG A NH1   1 
ATOM   973  N  NH2   . ARG A 1 124 ? -9.484  3.748   10.336  1.00 28.74 ? 124 ARG A NH2   1 
ATOM   974  N  N     . VAL A 1 125 ? -1.654  7.628   12.233  1.00 8.16  ? 125 VAL A N     1 
ATOM   975  C  CA    . VAL A 1 125 ? -0.756  8.338   13.149  1.00 11.55 ? 125 VAL A CA    1 
ATOM   976  C  C     . VAL A 1 125 ? -1.455  9.502   13.838  1.00 21.83 ? 125 VAL A C     1 
ATOM   977  O  O     . VAL A 1 125 ? -2.525  9.955   13.420  1.00 21.04 ? 125 VAL A O     1 
ATOM   978  C  CB    . VAL A 1 125 ? 0.507   8.845   12.443  1.00 13.73 ? 125 VAL A CB    1 
ATOM   979  C  CG1   . VAL A 1 125 ? 1.336   7.676   11.973  1.00 13.74 ? 125 VAL A CG1   1 
ATOM   980  C  CG2   . VAL A 1 125 ? 0.168   9.757   11.289  1.00 16.07 ? 125 VAL A CG2   1 
ATOM   981  O  OXT   . VAL A 1 125 ? -0.942  10.010  14.844  1.00 19.85 ? 125 VAL A OXT   1 
HETATM 982  C  C1    . YAZ B 2 .   ? -5.580  10.705  -1.784  1.00 9.71  ? 201 YAZ A C1    1 
HETATM 983  C  "C1'" . YAZ B 2 .   ? -6.318  7.114   -1.045  1.00 9.93  ? 201 YAZ A "C1'" 1 
HETATM 984  C  C2    . YAZ B 2 .   ? -5.380  9.351   -1.284  1.00 11.59 ? 201 YAZ A C2    1 
HETATM 985  C  "C2'" . YAZ B 2 .   ? -7.248  6.231   -1.583  1.00 13.22 ? 201 YAZ A "C2'" 1 
HETATM 986  C  C3    . YAZ B 2 .   ? -6.411  8.529   -1.447  1.00 11.89 ? 201 YAZ A C3    1 
HETATM 987  C  "C3'" . YAZ B 2 .   ? -7.155  4.897   -1.254  1.00 12.90 ? 201 YAZ A "C3'" 1 
HETATM 988  C  "C4'" . YAZ B 2 .   ? -6.090  4.405   -0.380  1.00 11.71 ? 201 YAZ A "C4'" 1 
HETATM 989  C  "C5'" . YAZ B 2 .   ? -5.158  5.312   0.103   1.00 9.47  ? 201 YAZ A "C5'" 1 
HETATM 990  C  "C6'" . YAZ B 2 .   ? -5.275  6.649   -0.244  1.00 10.53 ? 201 YAZ A "C6'" 1 
HETATM 991  O  O2    . YAZ B 2 .   ? -6.046  10.790  -2.941  1.00 12.31 ? 201 YAZ A O2    1 
HETATM 992  O  "O4'" . YAZ B 2 .   ? -6.024  3.086   -0.074  1.00 11.77 ? 201 YAZ A "O4'" 1 
HETATM 993  CL CL13  . YAZ B 2 .   ? -8.342  3.728   -1.883  1.00 28.20 ? 201 YAZ A CL13  1 
HETATM 994  O  O     . HOH C 3 .   ? 0.446   10.929  16.219  1.00 27.59 ? 301 HOH A O     1 
HETATM 995  O  O     . HOH C 3 .   ? -9.513  -1.776  10.712  1.00 29.36 ? 302 HOH A O     1 
HETATM 996  O  O     . HOH C 3 .   ? -7.825  2.854   -12.888 1.00 23.72 ? 303 HOH A O     1 
HETATM 997  O  O     . HOH C 3 .   ? -11.920 15.555  -2.274  1.00 17.96 ? 304 HOH A O     1 
HETATM 998  O  O     . HOH C 3 .   ? -3.714  16.915  2.215   1.00 23.60 ? 305 HOH A O     1 
HETATM 999  O  O     . HOH C 3 .   ? -8.054  5.722   -15.676 1.00 34.31 ? 306 HOH A O     1 
HETATM 1000 O  O     . HOH C 3 .   ? 4.033   11.246  13.961  1.00 19.96 ? 307 HOH A O     1 
HETATM 1001 O  O     . HOH C 3 .   ? 12.067  -5.989  -0.852  1.00 25.51 ? 308 HOH A O     1 
HETATM 1002 O  O     . HOH C 3 .   ? -5.379  -0.212  -14.021 1.00 27.49 ? 309 HOH A O     1 
HETATM 1003 O  O     . HOH C 3 .   ? 11.692  -2.848  -9.122  1.00 31.76 ? 310 HOH A O     1 
HETATM 1004 O  O     . HOH C 3 .   ? 10.742  8.690   2.790   1.00 17.98 ? 311 HOH A O     1 
HETATM 1005 O  O     . HOH C 3 .   ? 14.944  -5.014  4.076   1.00 32.25 ? 312 HOH A O     1 
HETATM 1006 O  O     . HOH C 3 .   ? 2.927   -7.619  -11.056 1.00 34.76 ? 313 HOH A O     1 
HETATM 1007 O  O     . HOH C 3 .   ? -12.013 15.467  1.335   1.00 25.72 ? 314 HOH A O     1 
HETATM 1008 O  O     . HOH C 3 .   ? -6.618  -6.044  7.714   1.00 18.01 ? 315 HOH A O     1 
HETATM 1009 O  O     . HOH C 3 .   ? 7.820   -9.673  9.199   1.00 22.65 ? 316 HOH A O     1 
HETATM 1010 O  O     . HOH C 3 .   ? 6.550   -13.732 -3.710  1.00 32.34 ? 317 HOH A O     1 
HETATM 1011 O  O     . HOH C 3 .   ? -3.660  11.763  -10.416 1.00 13.02 ? 318 HOH A O     1 
HETATM 1012 O  O     . HOH C 3 .   ? 11.038  -3.312  6.050   1.00 17.61 ? 319 HOH A O     1 
HETATM 1013 O  O     . HOH C 3 .   ? 5.345   -11.360 -2.317  1.00 27.74 ? 320 HOH A O     1 
HETATM 1014 O  O     . HOH C 3 .   ? -8.247  10.824  -10.372 1.00 17.58 ? 321 HOH A O     1 
HETATM 1015 O  O     . HOH C 3 .   ? -4.574  9.510   11.812  1.00 19.26 ? 322 HOH A O     1 
HETATM 1016 O  O     . HOH C 3 .   ? 5.206   -1.995  7.137   1.00 13.91 ? 323 HOH A O     1 
HETATM 1017 O  O     . HOH C 3 .   ? 14.405  -7.764  4.636   1.00 26.79 ? 324 HOH A O     1 
HETATM 1018 O  O     . HOH C 3 .   ? 6.530   -9.887  -0.618  1.00 16.26 ? 325 HOH A O     1 
HETATM 1019 O  O     . HOH C 3 .   ? -2.670  15.207  0.710   1.00 16.68 ? 326 HOH A O     1 
HETATM 1020 O  O     . HOH C 3 .   ? -6.801  -8.801  1.180   1.00 20.74 ? 327 HOH A O     1 
HETATM 1021 O  O     . HOH C 3 .   ? -10.397 -11.506 1.410   1.00 36.06 ? 328 HOH A O     1 
HETATM 1022 O  O     . HOH C 3 .   ? 7.251   12.013  1.202   1.00 18.93 ? 329 HOH A O     1 
HETATM 1023 O  O     . HOH C 3 .   ? -10.277 10.093  -9.232  1.00 19.61 ? 330 HOH A O     1 
HETATM 1024 O  O     . HOH C 3 .   ? -0.524  -7.610  11.828  1.00 15.69 ? 331 HOH A O     1 
HETATM 1025 O  O     . HOH C 3 .   ? 5.559   13.095  3.136   1.00 18.49 ? 332 HOH A O     1 
HETATM 1026 O  O     . HOH C 3 .   ? 6.644   -16.583 3.729   1.00 17.55 ? 333 HOH A O     1 
HETATM 1027 O  O     . HOH C 3 .   ? -14.119 10.183  5.269   1.00 16.78 ? 334 HOH A O     1 
HETATM 1028 O  O     . HOH C 3 .   ? -5.489  17.980  -1.492  1.00 16.32 ? 335 HOH A O     1 
HETATM 1029 O  O     . HOH C 3 .   ? -2.994  16.180  8.073   1.00 20.79 ? 336 HOH A O     1 
HETATM 1030 O  O     . HOH C 3 .   ? -12.419 -2.895  4.806   1.00 27.12 ? 337 HOH A O     1 
HETATM 1031 O  O     . HOH C 3 .   ? -11.409 9.769   6.639   1.00 25.07 ? 338 HOH A O     1 
HETATM 1032 O  O     . HOH C 3 .   ? 6.117   3.657   -11.506 1.00 26.36 ? 339 HOH A O     1 
HETATM 1033 O  O     . HOH C 3 .   ? 9.763   16.055  -3.048  1.00 26.38 ? 340 HOH A O     1 
HETATM 1034 O  O     . HOH C 3 .   ? -11.056 6.964   -4.814  1.00 20.56 ? 341 HOH A O     1 
HETATM 1035 O  O     . HOH C 3 .   ? -8.946  15.853  9.382   1.00 17.20 ? 342 HOH A O     1 
HETATM 1036 O  O     . HOH C 3 .   ? 0.841   5.652   14.922  1.00 15.11 ? 343 HOH A O     1 
HETATM 1037 O  O     . HOH C 3 .   ? 9.506   3.609   -12.408 1.00 21.72 ? 344 HOH A O     1 
HETATM 1038 O  O     . HOH C 3 .   ? -6.632  -8.177  -1.876  1.00 15.56 ? 345 HOH A O     1 
HETATM 1039 O  O     . HOH C 3 .   ? -13.823 3.602   6.594   1.00 25.06 ? 346 HOH A O     1 
HETATM 1040 O  O     . HOH C 3 .   ? -10.318 10.140  9.466   1.00 28.77 ? 347 HOH A O     1 
HETATM 1041 O  O     . HOH C 3 .   ? -11.961 -5.474  -9.107  1.00 29.18 ? 348 HOH A O     1 
HETATM 1042 O  O     . HOH C 3 .   ? 10.381  12.188  -5.681  1.00 23.12 ? 349 HOH A O     1 
HETATM 1043 O  O     . HOH C 3 .   ? -13.924 7.361   3.228   1.00 23.25 ? 350 HOH A O     1 
HETATM 1044 O  O     . HOH C 3 .   ? -5.610  17.631  3.468   1.00 23.36 ? 351 HOH A O     1 
HETATM 1045 O  O     . HOH C 3 .   ? -7.159  15.480  -2.847  1.00 17.30 ? 352 HOH A O     1 
HETATM 1046 O  O     . HOH C 3 .   ? -5.563  12.643  10.833  1.00 18.68 ? 353 HOH A O     1 
HETATM 1047 O  O     . HOH C 3 .   ? 5.946   3.092   13.633  1.00 17.47 ? 354 HOH A O     1 
HETATM 1048 O  O     . HOH C 3 .   ? -4.548  -0.023  10.837  1.00 21.17 ? 355 HOH A O     1 
HETATM 1049 O  O     . HOH C 3 .   ? -11.254 -2.611  -11.485 1.00 27.10 ? 356 HOH A O     1 
HETATM 1050 O  O     . HOH C 3 .   ? 0.802   15.539  5.563   1.00 22.44 ? 357 HOH A O     1 
HETATM 1051 O  O     . HOH C 3 .   ? -1.842  15.783  -1.735  1.00 15.75 ? 358 HOH A O     1 
HETATM 1052 O  O     . HOH C 3 .   ? -14.608 -0.180  3.152   1.00 21.09 ? 359 HOH A O     1 
HETATM 1053 O  O     . HOH C 3 .   ? 13.539  -3.366  -1.062  1.00 26.49 ? 360 HOH A O     1 
HETATM 1054 O  O     . HOH C 3 .   ? 12.958  -1.755  6.387   1.00 32.20 ? 361 HOH A O     1 
HETATM 1055 O  O     . HOH C 3 .   ? 7.199   0.909   12.517  1.00 16.73 ? 362 HOH A O     1 
HETATM 1056 O  O     . HOH C 3 .   ? -3.714  1.966   11.941  1.00 16.20 ? 363 HOH A O     1 
HETATM 1057 O  O     . HOH C 3 .   ? -7.402  -0.278  9.862   1.00 20.17 ? 364 HOH A O     1 
HETATM 1058 O  O     . HOH C 3 .   ? 3.643   5.452   14.589  1.00 17.14 ? 365 HOH A O     1 
HETATM 1059 O  O     . HOH C 3 .   ? -14.344 1.717   -3.577  1.00 23.38 ? 366 HOH A O     1 
HETATM 1060 O  O     . HOH C 3 .   ? 0.559   14.818  2.675   1.00 11.15 ? 367 HOH A O     1 
HETATM 1061 O  O     . HOH C 3 .   ? -15.239 9.453   2.783   1.00 16.38 ? 368 HOH A O     1 
HETATM 1062 O  O     . HOH C 3 .   ? 11.785  2.578   5.230   1.00 22.75 ? 369 HOH A O     1 
HETATM 1063 O  O     . HOH C 3 .   ? 12.731  -8.253  -4.495  1.00 33.06 ? 370 HOH A O     1 
HETATM 1064 O  O     . HOH C 3 .   ? 2.555   15.960  -1.676  1.00 23.02 ? 371 HOH A O     1 
HETATM 1065 O  O     . HOH C 3 .   ? -9.412  -7.338  -2.016  1.00 28.27 ? 372 HOH A O     1 
HETATM 1066 O  O     . HOH C 3 .   ? 0.895   12.501  14.687  1.00 33.46 ? 373 HOH A O     1 
HETATM 1067 O  O     . HOH C 3 .   ? 9.982   11.794  -13.846 1.00 33.35 ? 374 HOH A O     1 
HETATM 1068 O  O     . HOH C 3 .   ? 12.019  12.702  2.160   1.00 26.21 ? 375 HOH A O     1 
HETATM 1069 O  O     . HOH C 3 .   ? 19.485  0.562   -9.598  1.00 35.67 ? 376 HOH A O     1 
HETATM 1070 O  O     . HOH C 3 .   ? 16.045  -2.190  1.701   1.00 31.84 ? 377 HOH A O     1 
HETATM 1071 O  O     . HOH C 3 .   ? 11.364  -6.304  12.590  1.00 26.03 ? 378 HOH A O     1 
HETATM 1072 O  O     . HOH C 3 .   ? 6.362   18.675  -0.053  1.00 30.03 ? 379 HOH A O     1 
HETATM 1073 O  O     . HOH C 3 .   ? -13.807 6.074   6.016   1.00 26.12 ? 380 HOH A O     1 
HETATM 1074 O  O     . HOH C 3 .   ? -8.041  18.814  2.626   1.00 22.68 ? 381 HOH A O     1 
HETATM 1075 O  O     . HOH C 3 .   ? 7.309   4.120   15.891  1.00 15.81 ? 382 HOH A O     1 
HETATM 1076 O  O     . HOH C 3 .   ? -16.309 11.570  -6.670  1.00 25.48 ? 383 HOH A O     1 
HETATM 1077 O  O     . HOH C 3 .   ? -3.435  18.422  6.867   1.00 24.10 ? 384 HOH A O     1 
HETATM 1078 O  O     . HOH C 3 .   ? 9.485   5.274   14.903  1.00 28.83 ? 385 HOH A O     1 
HETATM 1079 O  O     . HOH C 3 .   ? -10.766 14.429  11.295  1.00 24.56 ? 386 HOH A O     1 
HETATM 1080 O  O     . HOH C 3 .   ? -12.094 17.848  3.820   1.00 29.06 ? 387 HOH A O     1 
HETATM 1081 O  O     . HOH C 3 .   ? 2.783   15.916  1.051   1.00 25.30 ? 388 HOH A O     1 
HETATM 1082 O  O     . HOH C 3 .   ? 3.381   19.301  -5.641  1.00 24.72 ? 389 HOH A O     1 
HETATM 1083 O  O     . HOH C 3 .   ? -0.462  14.109  16.171  1.00 35.25 ? 390 HOH A O     1 
HETATM 1084 O  O     . HOH C 3 .   ? 8.852   13.170  -9.090  1.00 24.05 ? 391 HOH A O     1 
# 
